data_4X6G
#
_entry.id   4X6G
#
_cell.length_a   81.636
_cell.length_b   151.129
_cell.length_c   141.581
_cell.angle_alpha   90.00
_cell.angle_beta   97.28
_cell.angle_gamma   90.00
#
_symmetry.space_group_name_H-M   'P 1 21 1'
#
loop_
_entity.id
_entity.type
_entity.pdbx_description
1 polymer OxyR
2 non-polymer 'HYDROGEN PEROXIDE'
3 non-polymer GLYCEROL
4 water water
#
_entity_poly.entity_id   1
_entity_poly.type   'polypeptide(L)'
_entity_poly.pdbx_seq_one_letter_code
;HHHHHHMTLTELRYIVTLAQEQHFGRAAERCHVSQPTLSVGVKKLEDELGVLIFERSKSAVRLTPVGEGIVAQAQKVLEQ
AQGIRELAQAGKNQLAAPLKVGAIYTIGPYLFPHLIPQLHRVAPQMPLYIEENFTHILRDKLRTGELDAIIIALPFQEAD
VLTKPLFDEPFYVLMPADHPWTAKASIDSELLNDKSLLLLGEGHDFRDQVLEACPTVRKGDENKHTTVESSSLETIRHMV
ASGLGVSVLPFSAVDSHHYAPGVIEVRPFSAPVPFRTVAIAWRASFPRPRAIEVLADSIRLCSVARPQTQEQPQIA
;
_entity_poly.pdbx_strand_id   A,B,C,D,E,F,G,H
#
# COMPACT_ATOMS: atom_id res chain seq x y z
N HIS A 6 -54.83 -29.24 41.12
CA HIS A 6 -55.52 -28.50 40.06
C HIS A 6 -56.51 -27.52 40.69
N MET A 7 -56.00 -26.57 41.47
CA MET A 7 -56.84 -25.66 42.23
C MET A 7 -57.46 -24.53 41.39
N THR A 8 -58.54 -23.98 41.91
CA THR A 8 -59.42 -23.16 41.10
C THR A 8 -59.75 -21.86 41.80
N LEU A 9 -60.19 -20.88 41.02
CA LEU A 9 -60.62 -19.62 41.60
C LEU A 9 -61.85 -19.81 42.50
N THR A 10 -62.65 -20.82 42.18
CA THR A 10 -63.81 -21.15 43.00
C THR A 10 -63.38 -21.48 44.44
N GLU A 11 -62.54 -22.50 44.63
CA GLU A 11 -62.17 -22.86 46.01
C GLU A 11 -61.43 -21.73 46.70
N LEU A 12 -60.65 -20.96 45.95
CA LEU A 12 -60.01 -19.81 46.54
C LEU A 12 -61.06 -18.84 47.10
N ARG A 13 -62.17 -18.69 46.35
CA ARG A 13 -63.26 -17.83 46.80
C ARG A 13 -63.94 -18.45 48.05
N TYR A 14 -64.09 -19.78 48.09
CA TYR A 14 -64.55 -20.46 49.31
C TYR A 14 -63.69 -20.05 50.50
N ILE A 15 -62.38 -20.25 50.44
CA ILE A 15 -61.61 -20.02 51.66
C ILE A 15 -61.53 -18.55 52.00
N VAL A 16 -61.63 -17.67 51.01
CA VAL A 16 -61.61 -16.24 51.38
C VAL A 16 -62.93 -15.85 52.07
N THR A 17 -64.04 -16.41 51.58
CA THR A 17 -65.35 -16.03 52.15
C THR A 17 -65.52 -16.65 53.54
N LEU A 18 -65.13 -17.92 53.68
CA LEU A 18 -65.11 -18.60 54.95
C LEU A 18 -64.24 -17.82 55.93
N ALA A 19 -63.10 -17.31 55.47
CA ALA A 19 -62.25 -16.56 56.38
C ALA A 19 -62.93 -15.26 56.82
N GLN A 20 -63.70 -14.64 55.91
CA GLN A 20 -64.35 -13.36 56.23
C GLN A 20 -65.58 -13.52 57.16
N GLU A 21 -66.46 -14.44 56.82
CA GLU A 21 -67.66 -14.77 57.58
C GLU A 21 -67.38 -15.53 58.88
N GLN A 22 -66.23 -16.19 58.92
CA GLN A 22 -65.88 -17.05 60.05
C GLN A 22 -66.95 -18.08 60.39
N HIS A 23 -67.76 -18.46 59.40
CA HIS A 23 -68.90 -19.32 59.67
C HIS A 23 -69.28 -20.05 58.39
N PHE A 24 -69.29 -21.38 58.44
CA PHE A 24 -69.56 -22.18 57.23
C PHE A 24 -70.85 -21.80 56.54
N GLY A 25 -71.90 -21.59 57.34
CA GLY A 25 -73.22 -21.34 56.79
C GLY A 25 -73.33 -20.03 56.04
N ARG A 26 -72.92 -18.92 56.66
CA ARG A 26 -73.01 -17.66 55.94
C ARG A 26 -72.03 -17.61 54.76
N ALA A 27 -70.90 -18.32 54.89
CA ALA A 27 -69.93 -18.41 53.80
C ALA A 27 -70.53 -19.14 52.58
N ALA A 28 -71.04 -20.35 52.79
CA ALA A 28 -71.73 -21.09 51.74
C ALA A 28 -72.90 -20.28 51.18
N GLU A 29 -73.52 -19.47 52.03
CA GLU A 29 -74.61 -18.62 51.58
C GLU A 29 -74.13 -17.56 50.58
N ARG A 30 -73.02 -16.88 50.87
CA ARG A 30 -72.51 -15.85 49.95
C ARG A 30 -71.87 -16.45 48.68
N CYS A 31 -71.49 -17.72 48.74
CA CYS A 31 -70.93 -18.42 47.59
C CYS A 31 -71.99 -19.18 46.81
N HIS A 32 -73.25 -18.96 47.18
CA HIS A 32 -74.43 -19.58 46.57
C HIS A 32 -74.21 -21.07 46.33
N VAL A 33 -73.77 -21.78 47.37
CA VAL A 33 -73.74 -23.24 47.36
C VAL A 33 -74.14 -23.76 48.72
N SER A 34 -74.46 -25.05 48.78
CA SER A 34 -74.83 -25.69 50.03
C SER A 34 -73.64 -25.73 50.95
N GLN A 35 -73.87 -26.04 52.21
CA GLN A 35 -72.77 -26.22 53.16
C GLN A 35 -71.83 -27.37 52.81
N PRO A 36 -72.39 -28.55 52.41
CA PRO A 36 -71.51 -29.66 52.02
C PRO A 36 -70.54 -29.29 50.87
N THR A 37 -71.05 -28.75 49.76
CA THR A 37 -70.19 -28.44 48.62
C THR A 37 -69.05 -27.50 49.07
N LEU A 38 -69.38 -26.44 49.81
CA LEU A 38 -68.33 -25.56 50.34
C LEU A 38 -67.31 -26.32 51.17
N SER A 39 -67.75 -27.20 52.07
CA SER A 39 -66.82 -27.95 52.92
C SER A 39 -65.84 -28.82 52.13
N VAL A 40 -66.43 -29.65 51.27
CA VAL A 40 -65.65 -30.61 50.50
C VAL A 40 -64.66 -29.84 49.61
N GLY A 41 -65.12 -28.74 49.02
CA GLY A 41 -64.24 -27.87 48.26
C GLY A 41 -63.05 -27.40 49.11
N VAL A 42 -63.37 -26.72 50.20
CA VAL A 42 -62.36 -26.15 51.07
C VAL A 42 -61.30 -27.19 51.51
N LYS A 43 -61.62 -28.40 51.94
CA LYS A 43 -60.32 -29.04 52.17
C LYS A 43 -60.04 -30.27 51.31
N LYS A 44 -60.72 -30.35 50.17
CA LYS A 44 -60.06 -30.97 49.04
C LYS A 44 -58.88 -30.04 48.65
N LEU A 45 -59.08 -28.73 48.79
CA LEU A 45 -57.95 -27.80 48.66
C LEU A 45 -56.90 -27.99 49.77
N GLU A 46 -57.33 -27.95 51.03
CA GLU A 46 -56.36 -28.18 52.11
C GLU A 46 -55.61 -29.51 52.03
N ASP A 47 -56.24 -30.53 51.47
CA ASP A 47 -55.55 -31.80 51.25
C ASP A 47 -54.62 -31.80 50.03
N GLU A 48 -55.03 -31.05 49.00
CA GLU A 48 -54.17 -30.76 47.83
C GLU A 48 -52.86 -30.04 48.22
N LEU A 49 -52.97 -28.98 49.01
CA LEU A 49 -51.81 -28.26 49.52
C LEU A 49 -51.10 -29.01 50.66
N GLY A 50 -51.82 -29.95 51.28
CA GLY A 50 -51.29 -30.74 52.36
C GLY A 50 -50.93 -29.89 53.57
N VAL A 51 -51.75 -28.87 53.81
CA VAL A 51 -51.61 -28.06 55.01
C VAL A 51 -53.01 -27.82 55.54
N LEU A 52 -53.12 -27.36 56.77
CA LEU A 52 -54.40 -26.95 57.31
C LEU A 52 -54.55 -25.42 57.29
N ILE A 53 -55.49 -24.93 56.47
CA ILE A 53 -55.81 -23.49 56.36
C ILE A 53 -56.66 -23.05 57.56
N PHE A 54 -57.68 -23.85 57.86
CA PHE A 54 -58.58 -23.64 58.99
C PHE A 54 -58.44 -24.73 60.04
N GLU A 55 -58.38 -24.31 61.30
CA GLU A 55 -58.32 -25.24 62.45
C GLU A 55 -59.51 -26.21 62.55
N ARG A 56 -59.19 -27.40 63.04
CA ARG A 56 -60.16 -28.33 63.60
C ARG A 56 -61.08 -27.64 64.62
N SER A 57 -62.39 -27.62 64.37
CA SER A 57 -63.34 -27.07 65.36
C SER A 57 -64.82 -27.42 65.14
N LYS A 58 -65.51 -27.67 66.25
CA LYS A 58 -66.96 -27.88 66.27
C LYS A 58 -67.68 -26.58 65.86
N SER A 59 -67.25 -25.49 66.47
CA SER A 59 -67.91 -24.20 66.31
C SER A 59 -67.07 -23.24 65.49
N ALA A 60 -65.93 -22.85 66.05
CA ALA A 60 -65.16 -21.73 65.53
C ALA A 60 -64.63 -22.00 64.12
N VAL A 61 -64.70 -20.97 63.29
CA VAL A 61 -63.91 -20.96 62.10
C VAL A 61 -62.76 -20.04 62.42
N ARG A 62 -61.55 -20.57 62.52
CA ARG A 62 -60.39 -19.71 62.72
C ARG A 62 -59.17 -20.17 61.91
N LEU A 63 -58.27 -19.23 61.66
CA LEU A 63 -57.19 -19.46 60.72
C LEU A 63 -55.93 -19.94 61.42
N THR A 64 -55.47 -21.14 61.03
CA THR A 64 -54.15 -21.61 61.41
C THR A 64 -53.11 -20.58 60.96
N PRO A 65 -51.90 -20.57 61.57
CA PRO A 65 -50.89 -19.57 61.18
C PRO A 65 -50.48 -19.61 59.68
N VAL A 66 -50.30 -20.80 59.10
CA VAL A 66 -50.07 -20.93 57.66
C VAL A 66 -51.25 -20.39 56.85
N GLY A 67 -52.42 -20.74 57.37
CA GLY A 67 -53.70 -20.37 56.81
C GLY A 67 -53.81 -18.88 56.57
N GLU A 68 -53.35 -18.06 57.51
CA GLU A 68 -53.48 -16.61 57.35
C GLU A 68 -52.83 -16.12 56.07
N GLY A 69 -51.57 -16.51 55.87
CA GLY A 69 -50.86 -16.16 54.67
C GLY A 69 -51.54 -16.72 53.44
N ILE A 70 -51.95 -17.98 53.48
CA ILE A 70 -52.58 -18.56 52.30
C ILE A 70 -53.83 -17.81 51.89
N VAL A 71 -54.66 -17.45 52.86
CA VAL A 71 -55.89 -16.73 52.58
C VAL A 71 -55.61 -15.32 52.06
N ALA A 72 -54.63 -14.64 52.64
CA ALA A 72 -54.28 -13.29 52.12
C ALA A 72 -53.80 -13.35 50.65
N GLN A 73 -53.04 -14.42 50.35
CA GLN A 73 -52.55 -14.66 49.00
C GLN A 73 -53.70 -14.94 48.05
N ALA A 74 -54.64 -15.79 48.48
CA ALA A 74 -55.85 -16.06 47.71
C ALA A 74 -56.66 -14.79 47.44
N GLN A 75 -56.77 -13.89 48.41
CA GLN A 75 -57.49 -12.65 48.14
C GLN A 75 -56.77 -11.76 47.09
N LYS A 76 -55.44 -11.67 47.22
CA LYS A 76 -54.61 -11.02 46.18
C LYS A 76 -54.89 -11.63 44.78
N VAL A 77 -54.85 -12.95 44.69
CA VAL A 77 -55.13 -13.67 43.45
C VAL A 77 -56.52 -13.31 42.87
N LEU A 78 -57.54 -13.27 43.72
CA LEU A 78 -58.87 -12.98 43.21
C LEU A 78 -58.99 -11.52 42.76
N GLU A 79 -58.41 -10.60 43.52
CA GLU A 79 -58.46 -9.19 43.09
C GLU A 79 -57.76 -8.95 41.74
N GLN A 80 -56.57 -9.54 41.61
CA GLN A 80 -55.85 -9.42 40.35
C GLN A 80 -56.64 -10.10 39.21
N ALA A 81 -57.34 -11.19 39.51
CA ALA A 81 -58.12 -11.86 38.46
C ALA A 81 -59.29 -10.97 38.02
N GLN A 82 -59.77 -10.13 38.93
CA GLN A 82 -60.76 -9.12 38.53
C GLN A 82 -60.15 -8.03 37.61
N GLY A 83 -58.88 -7.73 37.87
CA GLY A 83 -58.12 -6.91 36.92
C GLY A 83 -58.33 -7.27 35.44
N ILE A 84 -58.52 -8.55 35.13
CA ILE A 84 -58.67 -9.03 33.75
C ILE A 84 -59.98 -8.52 33.13
N ARG A 85 -61.04 -8.56 33.93
CA ARG A 85 -62.31 -7.99 33.50
C ARG A 85 -62.22 -6.47 33.36
N GLU A 86 -61.52 -5.79 34.26
CA GLU A 86 -61.39 -4.31 34.06
C GLU A 86 -60.70 -4.00 32.72
N LEU A 87 -59.52 -4.59 32.53
CA LEU A 87 -58.77 -4.43 31.30
C LEU A 87 -59.66 -4.71 30.10
N ALA A 88 -60.44 -5.78 30.19
CA ALA A 88 -61.27 -6.13 29.04
C ALA A 88 -62.29 -5.01 28.75
N GLN A 89 -62.95 -4.56 29.82
CA GLN A 89 -63.92 -3.50 29.68
C GLN A 89 -63.29 -2.33 28.96
N ALA A 90 -62.14 -1.85 29.46
CA ALA A 90 -61.48 -0.68 28.89
C ALA A 90 -61.21 -0.95 27.38
N GLY A 91 -60.85 -2.19 27.09
CA GLY A 91 -60.53 -2.60 25.73
C GLY A 91 -61.69 -2.59 24.76
N LYS A 92 -62.92 -2.62 25.26
CA LYS A 92 -64.06 -2.61 24.32
C LYS A 92 -64.20 -1.35 23.41
N ASN A 93 -63.76 -0.17 23.87
CA ASN A 93 -63.84 1.00 23.01
C ASN A 93 -62.80 0.94 21.84
N GLN A 94 -63.29 0.90 20.60
CA GLN A 94 -62.36 0.78 19.47
C GLN A 94 -62.00 2.14 18.87
N LEU A 95 -62.61 3.23 19.36
CA LEU A 95 -62.24 4.55 18.86
C LEU A 95 -61.51 5.40 19.90
N ALA A 96 -60.48 4.81 20.53
CA ALA A 96 -59.76 5.47 21.61
C ALA A 96 -58.25 5.27 21.55
N ALA A 97 -57.72 5.13 20.35
CA ALA A 97 -56.28 4.92 20.15
C ALA A 97 -55.94 5.39 18.76
N PRO A 98 -54.65 5.55 18.47
CA PRO A 98 -54.33 5.99 17.11
C PRO A 98 -54.60 4.92 16.05
N LEU A 99 -54.87 5.43 14.84
CA LEU A 99 -55.00 4.60 13.66
C LEU A 99 -53.84 4.89 12.72
N LYS A 100 -53.18 3.84 12.25
CA LYS A 100 -52.04 3.97 11.34
C LYS A 100 -52.53 3.78 9.91
N VAL A 101 -52.58 4.87 9.15
CA VAL A 101 -53.16 4.84 7.79
C VAL A 101 -52.16 5.21 6.71
N GLY A 102 -52.06 4.34 5.71
CA GLY A 102 -51.27 4.65 4.54
C GLY A 102 -52.15 5.06 3.36
N ALA A 103 -51.66 5.93 2.50
CA ALA A 103 -52.35 6.28 1.24
C ALA A 103 -51.30 6.39 0.13
N ILE A 104 -51.68 5.99 -1.10
CA ILE A 104 -50.72 6.18 -2.19
C ILE A 104 -50.41 7.68 -2.48
N TYR A 105 -49.27 7.94 -3.11
CA TYR A 105 -48.80 9.28 -3.37
C TYR A 105 -49.80 10.14 -4.11
N THR A 106 -50.62 9.56 -4.99
CA THR A 106 -51.52 10.40 -5.80
C THR A 106 -52.90 10.53 -5.21
N ILE A 107 -53.05 10.06 -3.96
CA ILE A 107 -54.32 10.16 -3.24
C ILE A 107 -54.19 10.99 -1.95
N GLY A 108 -53.25 10.61 -1.09
CA GLY A 108 -53.05 11.28 0.20
C GLY A 108 -53.16 12.79 0.24
N PRO A 109 -52.33 13.47 -0.57
CA PRO A 109 -52.29 14.93 -0.50
C PRO A 109 -53.61 15.60 -0.75
N TYR A 110 -54.51 14.91 -1.44
CA TYR A 110 -55.74 15.54 -1.89
C TYR A 110 -56.93 14.98 -1.09
N LEU A 111 -56.63 14.02 -0.22
CA LEU A 111 -57.64 13.39 0.60
C LEU A 111 -57.55 13.81 2.06
N PHE A 112 -56.36 13.69 2.68
CA PHE A 112 -56.19 14.00 4.11
C PHE A 112 -56.67 15.37 4.60
N PRO A 113 -56.52 16.44 3.79
CA PRO A 113 -57.03 17.74 4.25
C PRO A 113 -58.55 17.76 4.57
N HIS A 114 -59.30 16.96 3.84
CA HIS A 114 -60.74 16.86 4.04
C HIS A 114 -61.11 15.76 5.04
N LEU A 115 -60.32 14.68 5.02
CA LEU A 115 -60.53 13.52 5.86
C LEU A 115 -60.35 13.85 7.31
N ILE A 116 -59.27 14.56 7.62
CA ILE A 116 -58.89 14.69 9.00
C ILE A 116 -60.02 15.35 9.86
N PRO A 117 -60.63 16.46 9.39
CA PRO A 117 -61.74 17.07 10.17
C PRO A 117 -63.03 16.23 10.26
N GLN A 118 -63.35 15.50 9.20
CA GLN A 118 -64.50 14.59 9.21
C GLN A 118 -64.35 13.54 10.31
N LEU A 119 -63.20 12.88 10.22
CA LEU A 119 -62.79 11.84 11.13
C LEU A 119 -62.79 12.38 12.54
N HIS A 120 -62.41 13.65 12.68
CA HIS A 120 -62.40 14.27 14.00
C HIS A 120 -63.82 14.46 14.53
N ARG A 121 -64.77 14.75 13.63
N ARG A 121 -64.75 14.80 13.65
CA ARG A 121 -66.18 14.86 14.00
CA ARG A 121 -66.15 14.85 14.04
C ARG A 121 -66.84 13.51 14.38
C ARG A 121 -66.61 13.48 14.60
N VAL A 122 -66.33 12.39 13.89
CA VAL A 122 -66.88 11.11 14.36
C VAL A 122 -65.97 10.26 15.26
N ALA A 123 -64.70 10.58 15.34
CA ALA A 123 -63.81 9.80 16.18
C ALA A 123 -62.68 10.66 16.75
N PRO A 124 -63.03 11.61 17.63
CA PRO A 124 -62.09 12.61 18.17
C PRO A 124 -60.90 11.96 18.85
N GLN A 125 -61.12 10.79 19.42
CA GLN A 125 -60.09 10.11 20.21
C GLN A 125 -59.25 9.20 19.34
N MET A 126 -59.30 9.43 18.03
CA MET A 126 -58.47 8.63 17.18
C MET A 126 -57.54 9.48 16.29
N PRO A 127 -56.34 9.81 16.79
CA PRO A 127 -55.47 10.61 15.90
C PRO A 127 -54.99 9.74 14.73
N LEU A 128 -54.45 10.33 13.69
CA LEU A 128 -53.90 9.46 12.63
C LEU A 128 -52.38 9.50 12.58
N TYR A 129 -51.79 8.33 12.53
CA TYR A 129 -50.41 8.20 12.11
C TYR A 129 -50.50 7.99 10.60
N ILE A 130 -49.85 8.82 9.80
CA ILE A 130 -50.07 8.82 8.36
C ILE A 130 -48.78 8.53 7.59
N GLU A 131 -48.86 7.65 6.58
CA GLU A 131 -47.76 7.44 5.63
C GLU A 131 -48.21 7.59 4.18
N GLU A 132 -47.44 8.27 3.34
CA GLU A 132 -47.69 8.21 1.90
C GLU A 132 -46.61 7.35 1.26
N ASN A 133 -46.99 6.52 0.29
CA ASN A 133 -46.00 5.62 -0.31
C ASN A 133 -46.57 4.92 -1.57
N PHE A 134 -45.77 4.15 -2.29
CA PHE A 134 -46.27 3.36 -3.43
C PHE A 134 -47.15 2.22 -2.98
N THR A 135 -48.01 1.76 -3.88
CA THR A 135 -48.95 0.69 -3.54
C THR A 135 -48.30 -0.58 -2.96
N HIS A 136 -47.23 -1.08 -3.56
CA HIS A 136 -46.68 -2.37 -3.12
C HIS A 136 -46.04 -2.27 -1.73
N ILE A 137 -45.58 -1.07 -1.40
CA ILE A 137 -45.00 -0.84 -0.07
C ILE A 137 -46.06 -0.72 1.01
N LEU A 138 -47.10 0.06 0.73
CA LEU A 138 -48.26 0.11 1.58
C LEU A 138 -48.76 -1.31 1.80
N ARG A 139 -48.81 -2.11 0.73
CA ARG A 139 -49.28 -3.47 0.83
C ARG A 139 -48.44 -4.26 1.83
N ASP A 140 -47.12 -4.19 1.68
CA ASP A 140 -46.25 -4.90 2.64
C ASP A 140 -46.48 -4.48 4.08
N LYS A 141 -46.45 -3.16 4.33
CA LYS A 141 -46.69 -2.63 5.67
C LYS A 141 -48.04 -3.08 6.24
N LEU A 142 -49.02 -3.20 5.37
CA LEU A 142 -50.34 -3.64 5.78
C LEU A 142 -50.23 -5.08 6.25
N ARG A 143 -49.57 -5.94 5.46
CA ARG A 143 -49.39 -7.33 5.88
C ARG A 143 -48.64 -7.49 7.18
N THR A 144 -47.59 -6.72 7.39
CA THR A 144 -46.86 -6.88 8.64
C THR A 144 -47.53 -6.24 9.85
N GLY A 145 -48.67 -5.59 9.62
CA GLY A 145 -49.34 -4.86 10.69
C GLY A 145 -48.71 -3.52 11.07
N GLU A 146 -47.73 -3.05 10.30
CA GLU A 146 -47.19 -1.71 10.54
C GLU A 146 -48.18 -0.59 10.18
N LEU A 147 -49.11 -0.90 9.27
CA LEU A 147 -50.22 -0.02 8.97
C LEU A 147 -51.50 -0.80 9.22
N ASP A 148 -52.53 -0.09 9.69
CA ASP A 148 -53.83 -0.69 9.99
C ASP A 148 -54.77 -0.71 8.80
N ALA A 149 -54.67 0.30 7.95
CA ALA A 149 -55.52 0.37 6.77
C ALA A 149 -54.77 1.12 5.69
N ILE A 150 -55.08 0.82 4.42
CA ILE A 150 -54.45 1.61 3.38
C ILE A 150 -55.45 2.06 2.34
N ILE A 151 -55.17 3.21 1.73
CA ILE A 151 -56.07 3.83 0.73
C ILE A 151 -55.39 3.75 -0.64
N ILE A 152 -55.95 2.88 -1.48
CA ILE A 152 -55.35 2.55 -2.76
C ILE A 152 -56.35 2.71 -3.89
N ALA A 153 -55.92 2.39 -5.11
CA ALA A 153 -56.83 2.38 -6.27
C ALA A 153 -56.90 0.98 -6.83
N LEU A 154 -58.08 0.57 -7.31
CA LEU A 154 -58.27 -0.74 -7.93
C LEU A 154 -57.49 -0.84 -9.23
N PRO A 155 -56.95 -2.04 -9.55
CA PRO A 155 -57.24 -3.29 -8.85
C PRO A 155 -56.28 -3.52 -7.70
N PHE A 156 -56.78 -4.21 -6.68
CA PHE A 156 -56.01 -4.54 -5.49
C PHE A 156 -56.67 -5.74 -4.86
N GLN A 157 -55.91 -6.84 -4.83
CA GLN A 157 -56.36 -8.10 -4.30
C GLN A 157 -55.15 -8.76 -3.69
N GLU A 158 -55.22 -9.06 -2.40
CA GLU A 158 -54.08 -9.59 -1.67
C GLU A 158 -54.59 -10.65 -0.74
N ALA A 159 -53.83 -11.74 -0.61
CA ALA A 159 -54.26 -12.86 0.23
C ALA A 159 -54.44 -12.37 1.68
N ASP A 160 -55.57 -12.74 2.30
CA ASP A 160 -55.84 -12.41 3.72
C ASP A 160 -56.06 -10.92 3.98
N VAL A 161 -56.32 -10.16 2.92
CA VAL A 161 -56.62 -8.73 3.00
C VAL A 161 -57.99 -8.46 2.37
N LEU A 162 -58.80 -7.61 3.00
CA LEU A 162 -60.08 -7.26 2.40
C LEU A 162 -60.00 -5.88 1.74
N THR A 163 -60.75 -5.71 0.66
CA THR A 163 -60.78 -4.47 -0.12
C THR A 163 -62.17 -4.00 -0.30
N LYS A 164 -62.42 -2.74 0.08
CA LYS A 164 -63.71 -2.12 -0.12
C LYS A 164 -63.65 -0.88 -1.05
N PRO A 165 -64.24 -0.97 -2.28
CA PRO A 165 -64.39 0.19 -3.17
C PRO A 165 -65.18 1.29 -2.51
N LEU A 166 -64.71 2.54 -2.61
CA LEU A 166 -65.35 3.67 -1.94
C LEU A 166 -65.99 4.63 -2.91
N PHE A 167 -65.22 5.04 -3.92
CA PHE A 167 -65.78 5.94 -4.95
C PHE A 167 -64.95 5.97 -6.24
N ASP A 168 -65.56 6.49 -7.30
CA ASP A 168 -64.88 6.70 -8.56
C ASP A 168 -64.48 8.18 -8.76
N GLU A 169 -63.27 8.38 -9.25
CA GLU A 169 -62.69 9.71 -9.37
C GLU A 169 -62.19 9.89 -10.81
N PRO A 170 -62.79 10.83 -11.56
CA PRO A 170 -62.37 11.00 -12.96
C PRO A 170 -61.06 11.74 -13.09
N PHE A 171 -60.43 11.65 -14.25
CA PHE A 171 -59.21 12.43 -14.52
C PHE A 171 -59.58 13.70 -15.30
N TYR A 172 -58.71 14.71 -15.19
CA TYR A 172 -58.79 15.96 -15.93
C TYR A 172 -57.46 16.29 -16.58
N VAL A 173 -57.49 17.16 -17.58
CA VAL A 173 -56.27 17.57 -18.27
C VAL A 173 -55.87 18.95 -17.78
N LEU A 174 -54.62 19.05 -17.34
CA LEU A 174 -54.01 20.22 -16.77
C LEU A 174 -53.09 20.88 -17.79
N MET A 175 -53.28 22.16 -18.02
CA MET A 175 -52.53 22.84 -19.05
C MET A 175 -52.21 24.28 -18.61
N PRO A 176 -51.16 24.91 -19.17
CA PRO A 176 -50.87 26.33 -18.89
C PRO A 176 -52.05 27.18 -19.30
N ALA A 177 -52.30 28.31 -18.64
CA ALA A 177 -53.50 29.06 -19.00
C ALA A 177 -53.47 29.67 -20.41
N ASP A 178 -52.29 29.82 -21.01
CA ASP A 178 -52.23 30.36 -22.35
C ASP A 178 -52.09 29.28 -23.44
N HIS A 179 -52.30 28.02 -23.06
CA HIS A 179 -52.20 26.91 -23.99
C HIS A 179 -53.34 26.91 -25.00
N PRO A 180 -53.06 26.53 -26.27
CA PRO A 180 -54.13 26.45 -27.27
C PRO A 180 -55.29 25.53 -26.87
N TRP A 181 -55.00 24.49 -26.10
CA TRP A 181 -56.09 23.62 -25.74
C TRP A 181 -57.08 24.29 -24.79
N THR A 182 -56.78 25.47 -24.24
CA THR A 182 -57.83 26.11 -23.41
C THR A 182 -59.04 26.47 -24.29
N ALA A 183 -58.83 26.63 -25.59
CA ALA A 183 -59.96 26.88 -26.49
C ALA A 183 -60.86 25.66 -26.63
N LYS A 184 -60.47 24.51 -26.11
CA LYS A 184 -61.34 23.35 -26.32
C LYS A 184 -62.26 23.20 -25.13
N ALA A 185 -63.43 22.59 -25.33
CA ALA A 185 -64.32 22.36 -24.19
C ALA A 185 -63.99 21.01 -23.57
N SER A 186 -63.56 20.04 -24.38
CA SER A 186 -63.07 18.80 -23.79
C SER A 186 -61.90 18.30 -24.60
N ILE A 187 -61.04 17.48 -23.97
CA ILE A 187 -59.82 16.99 -24.59
C ILE A 187 -60.02 15.51 -24.94
N ASP A 188 -59.79 15.17 -26.19
CA ASP A 188 -59.88 13.80 -26.64
C ASP A 188 -58.59 13.10 -26.21
N SER A 189 -58.72 12.03 -25.43
CA SER A 189 -57.53 11.38 -24.80
C SER A 189 -56.47 11.08 -25.84
N GLU A 190 -56.89 10.79 -27.07
CA GLU A 190 -55.97 10.50 -28.14
C GLU A 190 -55.04 11.65 -28.45
N LEU A 191 -55.39 12.86 -28.04
CA LEU A 191 -54.46 13.98 -28.24
C LEU A 191 -53.24 13.96 -27.28
N LEU A 192 -53.33 13.17 -26.22
CA LEU A 192 -52.33 13.22 -25.16
C LEU A 192 -51.01 12.57 -25.57
N ASN A 193 -51.01 11.68 -26.56
CA ASN A 193 -49.74 11.07 -26.99
C ASN A 193 -48.86 12.07 -27.73
N ASP A 194 -47.93 12.67 -27.00
CA ASP A 194 -47.11 13.78 -27.47
C ASP A 194 -46.08 14.07 -26.39
N LYS A 195 -44.94 14.61 -26.80
CA LYS A 195 -43.81 14.75 -25.87
C LYS A 195 -44.11 15.75 -24.77
N SER A 196 -45.09 16.63 -25.00
CA SER A 196 -45.41 17.62 -23.98
C SER A 196 -46.21 17.02 -22.82
N LEU A 197 -46.70 15.77 -22.96
CA LEU A 197 -47.41 15.12 -21.85
C LEU A 197 -46.41 14.78 -20.76
N LEU A 198 -46.60 15.32 -19.56
CA LEU A 198 -45.72 14.95 -18.46
C LEU A 198 -46.35 13.86 -17.55
N LEU A 199 -45.66 12.73 -17.42
CA LEU A 199 -46.12 11.60 -16.58
C LEU A 199 -45.22 11.34 -15.38
N LEU A 200 -45.84 10.76 -14.37
CA LEU A 200 -45.12 10.24 -13.23
C LEU A 200 -44.29 9.04 -13.64
N GLY A 201 -43.21 8.81 -12.89
CA GLY A 201 -42.34 7.66 -13.10
C GLY A 201 -43.00 6.30 -12.93
N GLU A 202 -42.33 5.25 -13.37
CA GLU A 202 -42.83 3.88 -13.20
C GLU A 202 -42.92 3.64 -11.70
N GLY A 203 -43.82 2.78 -11.29
CA GLY A 203 -43.93 2.64 -9.84
C GLY A 203 -45.21 3.28 -9.32
N HIS A 204 -45.65 4.39 -9.92
CA HIS A 204 -46.96 4.98 -9.58
C HIS A 204 -48.05 4.39 -10.46
N ASP A 205 -49.03 3.70 -9.88
CA ASP A 205 -50.09 3.08 -10.70
C ASP A 205 -50.87 4.15 -11.53
N PHE A 206 -50.92 5.40 -11.05
CA PHE A 206 -51.58 6.48 -11.82
C PHE A 206 -50.93 6.67 -13.22
N ARG A 207 -49.61 6.52 -13.31
CA ARG A 207 -48.90 6.53 -14.61
C ARG A 207 -49.63 5.67 -15.64
N ASP A 208 -49.86 4.41 -15.27
CA ASP A 208 -50.47 3.44 -16.17
C ASP A 208 -51.95 3.63 -16.35
N GLN A 209 -52.64 4.15 -15.33
CA GLN A 209 -54.03 4.50 -15.55
C GLN A 209 -54.14 5.60 -16.62
N VAL A 210 -53.18 6.52 -16.63
CA VAL A 210 -53.22 7.59 -17.64
C VAL A 210 -52.88 6.97 -18.99
N LEU A 211 -51.80 6.20 -19.06
CA LEU A 211 -51.44 5.58 -20.37
C LEU A 211 -52.55 4.65 -20.96
N GLU A 212 -53.23 3.87 -20.12
CA GLU A 212 -54.33 3.04 -20.59
C GLU A 212 -55.54 3.86 -20.97
N ALA A 213 -55.61 5.10 -20.49
CA ALA A 213 -56.77 5.96 -20.78
C ALA A 213 -56.68 6.54 -22.19
N CYS A 214 -55.52 6.32 -22.83
CA CYS A 214 -55.26 6.75 -24.20
C CYS A 214 -55.40 5.62 -25.23
N PRO A 215 -55.93 5.94 -26.42
CA PRO A 215 -56.05 4.85 -27.39
C PRO A 215 -54.70 4.27 -27.84
N THR A 216 -54.75 3.03 -28.35
CA THR A 216 -53.58 2.30 -28.85
C THR A 216 -52.98 3.00 -30.06
N VAL A 217 -51.71 2.70 -30.32
CA VAL A 217 -50.92 3.36 -31.33
C VAL A 217 -50.36 2.37 -32.34
N ARG A 218 -49.93 2.87 -33.51
CA ARG A 218 -49.20 2.04 -34.46
C ARG A 218 -47.82 1.75 -33.89
N LYS A 219 -47.13 0.74 -34.43
CA LYS A 219 -45.81 0.36 -33.93
C LYS A 219 -44.81 1.51 -34.03
N GLY A 220 -44.12 1.81 -32.94
CA GLY A 220 -43.02 2.76 -32.97
C GLY A 220 -43.27 4.20 -32.51
N ASP A 221 -44.53 4.64 -32.45
CA ASP A 221 -44.83 5.99 -31.95
C ASP A 221 -45.66 5.95 -30.65
N GLU A 222 -45.60 4.82 -29.95
CA GLU A 222 -46.12 4.72 -28.57
C GLU A 222 -45.24 5.54 -27.66
N ASN A 223 -45.78 5.91 -26.49
CA ASN A 223 -44.98 6.51 -25.42
C ASN A 223 -44.11 7.69 -25.88
N LYS A 224 -44.72 8.65 -26.58
CA LYS A 224 -44.02 9.88 -26.93
C LYS A 224 -43.89 10.81 -25.72
N HIS A 225 -44.70 10.56 -24.69
CA HIS A 225 -44.70 11.37 -23.46
C HIS A 225 -43.33 11.51 -22.76
N THR A 226 -43.22 12.56 -21.94
CA THR A 226 -42.07 12.83 -21.08
C THR A 226 -42.33 12.23 -19.72
N THR A 227 -41.44 11.34 -19.30
CA THR A 227 -41.49 10.77 -17.97
C THR A 227 -40.59 11.58 -17.04
N VAL A 228 -41.13 11.96 -15.90
CA VAL A 228 -40.31 12.72 -15.00
C VAL A 228 -40.14 11.94 -13.72
N GLU A 229 -38.94 11.37 -13.58
CA GLU A 229 -38.58 10.52 -12.45
C GLU A 229 -38.74 11.28 -11.14
N SER A 230 -39.21 10.60 -10.10
CA SER A 230 -39.25 11.17 -8.76
C SER A 230 -40.14 12.41 -8.72
N SER A 231 -40.98 12.53 -9.74
CA SER A 231 -41.99 13.56 -9.73
C SER A 231 -42.97 13.26 -8.61
N SER A 232 -43.66 14.31 -8.15
CA SER A 232 -45.01 14.21 -7.53
C SER A 232 -45.99 14.97 -8.41
N LEU A 233 -47.28 14.80 -8.17
CA LEU A 233 -48.23 15.46 -9.06
C LEU A 233 -48.10 16.97 -8.89
N GLU A 234 -47.65 17.41 -7.72
CA GLU A 234 -47.40 18.83 -7.47
C GLU A 234 -46.23 19.41 -8.29
N THR A 235 -45.14 18.64 -8.44
CA THR A 235 -44.02 19.19 -9.20
C THR A 235 -44.36 19.22 -10.68
N ILE A 236 -45.10 18.21 -11.16
CA ILE A 236 -45.69 18.30 -12.49
C ILE A 236 -46.59 19.54 -12.60
N ARG A 237 -47.39 19.81 -11.58
CA ARG A 237 -48.28 20.96 -11.64
C ARG A 237 -47.46 22.24 -11.83
N HIS A 238 -46.34 22.35 -11.12
CA HIS A 238 -45.47 23.52 -11.28
C HIS A 238 -44.81 23.58 -12.64
N MET A 239 -44.40 22.43 -13.18
CA MET A 239 -43.77 22.40 -14.51
C MET A 239 -44.78 22.85 -15.54
N VAL A 240 -46.02 22.40 -15.39
CA VAL A 240 -47.09 22.84 -16.29
C VAL A 240 -47.34 24.32 -16.13
N ALA A 241 -47.43 24.79 -14.89
CA ALA A 241 -47.64 26.22 -14.66
C ALA A 241 -46.55 27.06 -15.31
N SER A 242 -45.31 26.58 -15.28
CA SER A 242 -44.24 27.36 -15.89
C SER A 242 -44.21 27.25 -17.43
N GLY A 243 -45.07 26.42 -17.98
CA GLY A 243 -45.28 26.38 -19.44
C GLY A 243 -44.55 25.26 -20.13
N LEU A 244 -44.15 24.24 -19.38
CA LEU A 244 -43.30 23.19 -19.93
C LEU A 244 -44.08 22.16 -20.72
N GLY A 245 -45.34 21.97 -20.35
CA GLY A 245 -46.15 20.97 -21.03
C GLY A 245 -47.50 20.86 -20.40
N VAL A 246 -48.11 19.70 -20.56
CA VAL A 246 -49.46 19.49 -20.09
C VAL A 246 -49.41 18.22 -19.28
N SER A 247 -50.42 17.96 -18.46
CA SER A 247 -50.46 16.68 -17.74
C SER A 247 -51.91 16.27 -17.41
N VAL A 248 -52.03 15.22 -16.61
CA VAL A 248 -53.32 14.67 -16.26
C VAL A 248 -53.38 14.56 -14.73
N LEU A 249 -54.44 15.07 -14.12
CA LEU A 249 -54.67 15.05 -12.65
C LEU A 249 -55.94 14.29 -12.27
N PRO A 250 -55.95 13.67 -11.09
CA PRO A 250 -57.24 13.10 -10.64
C PRO A 250 -58.08 14.22 -10.14
N PHE A 251 -59.41 14.06 -10.13
CA PHE A 251 -60.30 15.18 -9.84
C PHE A 251 -59.99 15.85 -8.50
N SER A 252 -59.69 15.07 -7.48
CA SER A 252 -59.47 15.67 -6.16
C SER A 252 -58.21 16.57 -6.16
N ALA A 253 -57.31 16.39 -7.12
CA ALA A 253 -56.15 17.29 -7.17
C ALA A 253 -56.38 18.64 -7.93
N VAL A 254 -57.50 18.83 -8.64
CA VAL A 254 -57.52 19.92 -9.65
C VAL A 254 -57.53 21.29 -8.99
N ASP A 255 -58.17 21.43 -7.83
CA ASP A 255 -58.23 22.71 -7.13
C ASP A 255 -57.28 22.76 -5.92
N SER A 256 -56.46 21.74 -5.76
CA SER A 256 -55.56 21.63 -4.62
C SER A 256 -54.26 22.44 -4.83
N HIS A 257 -54.39 23.75 -4.94
CA HIS A 257 -53.22 24.59 -5.16
C HIS A 257 -53.51 26.04 -4.76
N HIS A 258 -52.53 26.92 -4.88
CA HIS A 258 -52.76 28.31 -4.49
C HIS A 258 -52.47 29.36 -5.57
N TYR A 259 -52.46 28.96 -6.83
CA TYR A 259 -52.26 29.91 -7.89
C TYR A 259 -53.46 30.84 -7.98
N ALA A 260 -53.20 32.07 -8.36
CA ALA A 260 -54.25 33.01 -8.73
C ALA A 260 -54.82 32.54 -10.07
N PRO A 261 -56.00 33.03 -10.44
CA PRO A 261 -56.50 32.67 -11.78
C PRO A 261 -55.55 33.11 -12.92
N GLY A 262 -55.61 32.41 -14.05
CA GLY A 262 -54.80 32.76 -15.21
C GLY A 262 -53.41 32.16 -15.20
N VAL A 263 -53.19 31.14 -14.38
CA VAL A 263 -51.90 30.48 -14.41
C VAL A 263 -52.07 29.08 -15.00
N ILE A 264 -52.96 28.27 -14.43
CA ILE A 264 -53.27 26.96 -14.97
C ILE A 264 -54.76 26.79 -15.16
N GLU A 265 -55.12 26.05 -16.20
CA GLU A 265 -56.48 25.65 -16.48
C GLU A 265 -56.59 24.14 -16.52
N VAL A 266 -57.79 23.64 -16.27
CA VAL A 266 -58.09 22.25 -16.52
C VAL A 266 -59.27 22.16 -17.45
N ARG A 267 -59.27 21.09 -18.23
CA ARG A 267 -60.34 20.73 -19.17
C ARG A 267 -60.65 19.26 -18.95
N PRO A 268 -61.92 18.90 -19.07
CA PRO A 268 -62.32 17.49 -18.98
C PRO A 268 -61.93 16.64 -20.19
N PHE A 269 -61.98 15.32 -20.03
CA PHE A 269 -61.81 14.46 -21.19
C PHE A 269 -63.14 14.38 -21.93
N SER A 270 -63.07 14.07 -23.23
CA SER A 270 -64.23 13.69 -24.01
C SER A 270 -64.65 12.33 -23.54
N ALA A 271 -65.95 12.04 -23.65
CA ALA A 271 -66.45 10.76 -23.19
C ALA A 271 -65.80 9.67 -24.03
N PRO A 272 -65.59 8.47 -23.43
CA PRO A 272 -65.83 8.19 -22.00
C PRO A 272 -64.69 8.70 -21.09
N VAL A 273 -65.06 9.48 -20.07
CA VAL A 273 -64.09 10.05 -19.15
C VAL A 273 -63.37 8.93 -18.40
N PRO A 274 -62.01 8.93 -18.43
CA PRO A 274 -61.29 7.87 -17.70
C PRO A 274 -61.37 8.13 -16.19
N PHE A 275 -61.28 7.10 -15.36
CA PHE A 275 -61.42 7.28 -13.92
C PHE A 275 -60.70 6.17 -13.19
N ARG A 276 -60.47 6.39 -11.89
CA ARG A 276 -59.95 5.38 -10.98
C ARG A 276 -60.96 5.16 -9.87
N THR A 277 -60.93 3.97 -9.27
CA THR A 277 -61.80 3.63 -8.14
C THR A 277 -60.92 3.54 -6.89
N VAL A 278 -61.04 4.55 -6.05
CA VAL A 278 -60.42 4.61 -4.75
C VAL A 278 -61.13 3.62 -3.79
N ALA A 279 -60.30 2.76 -3.18
CA ALA A 279 -60.68 1.72 -2.22
C ALA A 279 -59.90 1.82 -0.91
N ILE A 280 -60.46 1.27 0.18
CA ILE A 280 -59.70 1.03 1.40
C ILE A 280 -59.45 -0.45 1.55
N ALA A 281 -58.23 -0.83 1.97
CA ALA A 281 -57.98 -2.26 2.22
C ALA A 281 -57.44 -2.44 3.66
N TRP A 282 -57.70 -3.61 4.23
CA TRP A 282 -57.24 -3.92 5.59
C TRP A 282 -57.16 -5.46 5.74
N ARG A 283 -56.40 -5.96 6.72
CA ARG A 283 -56.32 -7.41 6.89
C ARG A 283 -57.67 -8.04 7.32
N ALA A 284 -58.03 -9.18 6.75
CA ALA A 284 -59.32 -9.81 7.13
C ALA A 284 -59.51 -10.00 8.66
N SER A 285 -58.43 -10.25 9.39
CA SER A 285 -58.52 -10.50 10.85
C SER A 285 -58.10 -9.31 11.76
N PHE A 286 -57.95 -8.12 11.19
CA PHE A 286 -57.78 -6.89 11.96
C PHE A 286 -58.88 -6.80 12.99
N PRO A 287 -58.50 -6.63 14.27
CA PRO A 287 -59.43 -6.69 15.42
C PRO A 287 -60.19 -5.39 15.77
N ARG A 288 -60.05 -4.33 14.95
CA ARG A 288 -60.73 -3.06 15.19
C ARG A 288 -61.68 -2.61 14.06
N PRO A 289 -62.69 -3.42 13.74
CA PRO A 289 -63.57 -3.12 12.59
C PRO A 289 -64.26 -1.76 12.62
N ARG A 290 -64.55 -1.31 13.81
CA ARG A 290 -65.24 -0.07 14.02
C ARG A 290 -64.44 1.11 13.48
N ALA A 291 -63.12 1.05 13.68
CA ALA A 291 -62.24 2.06 13.11
C ALA A 291 -62.23 2.00 11.57
N ILE A 292 -62.23 0.80 10.99
CA ILE A 292 -62.32 0.72 9.52
C ILE A 292 -63.65 1.39 9.03
N GLU A 293 -64.73 1.20 9.79
CA GLU A 293 -66.04 1.75 9.38
C GLU A 293 -66.03 3.26 9.41
N VAL A 294 -65.50 3.79 10.50
CA VAL A 294 -65.42 5.25 10.65
C VAL A 294 -64.51 5.87 9.56
N LEU A 295 -63.43 5.14 9.24
CA LEU A 295 -62.49 5.65 8.24
C LEU A 295 -63.12 5.69 6.87
N ALA A 296 -63.78 4.59 6.49
CA ALA A 296 -64.38 4.43 5.17
C ALA A 296 -65.51 5.45 4.99
N ASP A 297 -66.28 5.64 6.03
CA ASP A 297 -67.35 6.59 5.90
C ASP A 297 -66.84 8.03 5.83
N SER A 298 -65.79 8.34 6.58
CA SER A 298 -65.29 9.72 6.50
C SER A 298 -64.66 10.00 5.13
N ILE A 299 -63.99 8.97 4.57
CA ILE A 299 -63.41 9.11 3.24
C ILE A 299 -64.50 9.36 2.22
N ARG A 300 -65.55 8.55 2.28
CA ARG A 300 -66.67 8.72 1.37
C ARG A 300 -67.32 10.10 1.50
N LEU A 301 -67.42 10.62 2.72
CA LEU A 301 -67.98 11.97 2.89
C LEU A 301 -67.09 13.11 2.38
N CYS A 302 -65.78 12.89 2.36
CA CYS A 302 -64.85 13.81 1.66
C CYS A 302 -65.06 14.06 0.15
N SER A 303 -65.69 13.10 -0.53
CA SER A 303 -65.83 13.14 -1.98
C SER A 303 -67.22 13.53 -2.41
N HIS B 3 0.27 12.32 -25.86
CA HIS B 3 -0.66 11.20 -25.64
C HIS B 3 -0.87 10.40 -26.93
N HIS B 4 -1.09 9.08 -26.80
CA HIS B 4 -1.36 8.18 -27.94
C HIS B 4 -2.60 8.65 -28.70
N HIS B 5 -3.61 9.02 -27.92
CA HIS B 5 -4.89 9.48 -28.43
C HIS B 5 -5.24 10.83 -27.77
N HIS B 6 -5.77 11.74 -28.57
CA HIS B 6 -6.19 13.03 -28.05
C HIS B 6 -7.61 12.96 -27.51
N MET B 7 -7.76 13.27 -26.23
CA MET B 7 -9.08 13.51 -25.66
C MET B 7 -9.83 14.50 -26.55
N THR B 8 -10.97 14.10 -27.09
CA THR B 8 -11.81 15.02 -27.86
C THR B 8 -13.05 15.48 -27.11
N LEU B 9 -13.63 16.58 -27.55
CA LEU B 9 -14.80 17.14 -26.89
C LEU B 9 -16.04 16.27 -27.22
N THR B 10 -16.03 15.63 -28.38
CA THR B 10 -17.05 14.66 -28.71
C THR B 10 -17.11 13.47 -27.72
N GLU B 11 -15.95 12.95 -27.30
CA GLU B 11 -15.92 11.80 -26.37
C GLU B 11 -16.45 12.18 -25.00
N LEU B 12 -16.03 13.34 -24.52
CA LEU B 12 -16.57 13.89 -23.29
C LEU B 12 -18.07 14.08 -23.41
N ARG B 13 -18.53 14.52 -24.57
CA ARG B 13 -19.98 14.70 -24.78
C ARG B 13 -20.68 13.38 -24.60
N TYR B 14 -20.13 12.36 -25.24
CA TYR B 14 -20.67 11.01 -25.08
C TYR B 14 -20.74 10.62 -23.61
N ILE B 15 -19.67 10.81 -22.84
CA ILE B 15 -19.75 10.24 -21.51
C ILE B 15 -20.66 11.02 -20.60
N VAL B 16 -20.70 12.34 -20.76
CA VAL B 16 -21.60 13.13 -19.93
C VAL B 16 -23.07 12.85 -20.29
N THR B 17 -23.39 12.79 -21.57
CA THR B 17 -24.76 12.46 -21.97
C THR B 17 -25.17 11.07 -21.52
N LEU B 18 -24.28 10.09 -21.69
CA LEU B 18 -24.56 8.74 -21.26
C LEU B 18 -24.75 8.67 -19.75
N ALA B 19 -23.97 9.43 -18.97
CA ALA B 19 -24.18 9.43 -17.52
C ALA B 19 -25.48 10.12 -17.12
N GLN B 20 -25.88 11.16 -17.87
CA GLN B 20 -27.18 11.82 -17.58
C GLN B 20 -28.35 10.90 -17.88
N GLU B 21 -28.34 10.26 -19.06
CA GLU B 21 -29.48 9.49 -19.53
C GLU B 21 -29.55 8.08 -18.94
N GLN B 22 -28.41 7.53 -18.58
CA GLN B 22 -28.27 6.14 -18.11
C GLN B 22 -28.94 5.11 -19.03
N HIS B 23 -28.99 5.44 -20.32
CA HIS B 23 -29.60 4.57 -21.31
C HIS B 23 -28.82 4.79 -22.61
N PHE B 24 -28.17 3.74 -23.12
CA PHE B 24 -27.38 3.83 -24.34
C PHE B 24 -28.15 4.42 -25.50
N GLY B 25 -29.34 3.88 -25.77
CA GLY B 25 -30.17 4.40 -26.85
C GLY B 25 -30.39 5.90 -26.77
N ARG B 26 -31.02 6.34 -25.69
CA ARG B 26 -31.34 7.76 -25.47
C ARG B 26 -30.13 8.71 -25.53
N ALA B 27 -28.99 8.23 -25.04
CA ALA B 27 -27.76 9.00 -25.10
C ALA B 27 -27.33 9.13 -26.54
N ALA B 28 -27.31 7.99 -27.24
CA ALA B 28 -26.96 7.94 -28.66
C ALA B 28 -27.81 8.91 -29.50
N GLU B 29 -29.12 8.88 -29.29
CA GLU B 29 -29.99 9.78 -30.03
C GLU B 29 -29.81 11.26 -29.58
N ARG B 30 -29.55 11.52 -28.31
CA ARG B 30 -29.20 12.87 -27.85
C ARG B 30 -27.89 13.42 -28.44
N CYS B 31 -26.96 12.53 -28.81
CA CYS B 31 -25.71 12.94 -29.41
C CYS B 31 -25.78 12.82 -30.93
N HIS B 32 -26.96 12.44 -31.42
CA HIS B 32 -27.23 12.33 -32.86
C HIS B 32 -26.31 11.30 -33.54
N VAL B 33 -26.14 10.15 -32.91
CA VAL B 33 -25.36 9.05 -33.49
C VAL B 33 -25.98 7.69 -33.09
N SER B 34 -25.40 6.61 -33.63
CA SER B 34 -25.83 5.26 -33.31
C SER B 34 -25.18 4.69 -32.05
N GLN B 35 -25.77 3.66 -31.49
CA GLN B 35 -25.20 3.03 -30.31
C GLN B 35 -23.79 2.49 -30.54
N PRO B 36 -23.51 1.88 -31.71
CA PRO B 36 -22.13 1.45 -31.92
C PRO B 36 -21.12 2.61 -32.01
N THR B 37 -21.54 3.74 -32.58
CA THR B 37 -20.71 4.94 -32.64
C THR B 37 -20.37 5.49 -31.24
N LEU B 38 -21.41 5.72 -30.44
CA LEU B 38 -21.27 6.20 -29.09
C LEU B 38 -20.42 5.25 -28.25
N SER B 39 -20.70 3.95 -28.36
CA SER B 39 -19.98 2.94 -27.59
C SER B 39 -18.51 2.90 -28.01
N VAL B 40 -18.27 3.05 -29.30
CA VAL B 40 -16.89 3.07 -29.80
C VAL B 40 -16.15 4.26 -29.21
N GLY B 41 -16.82 5.41 -29.15
CA GLY B 41 -16.15 6.59 -28.61
C GLY B 41 -15.84 6.44 -27.13
N VAL B 42 -16.81 5.89 -26.41
CA VAL B 42 -16.64 5.71 -24.98
C VAL B 42 -15.47 4.77 -24.71
N LYS B 43 -15.46 3.65 -25.42
CA LYS B 43 -14.37 2.68 -25.22
C LYS B 43 -13.04 3.31 -25.61
N LYS B 44 -13.02 4.15 -26.64
CA LYS B 44 -11.78 4.86 -27.04
C LYS B 44 -11.24 5.77 -25.90
N LEU B 45 -12.13 6.59 -25.34
CA LEU B 45 -11.75 7.42 -24.23
C LEU B 45 -11.29 6.52 -23.04
N GLU B 46 -11.96 5.41 -22.80
CA GLU B 46 -11.60 4.60 -21.63
C GLU B 46 -10.23 3.92 -21.79
N ASP B 47 -9.98 3.40 -23.00
CA ASP B 47 -8.69 2.77 -23.31
C ASP B 47 -7.61 3.81 -23.13
N GLU B 48 -7.82 5.01 -23.69
CA GLU B 48 -6.83 6.06 -23.54
C GLU B 48 -6.56 6.44 -22.09
N LEU B 49 -7.62 6.74 -21.32
CA LEU B 49 -7.45 7.10 -19.91
C LEU B 49 -6.98 5.91 -19.03
N GLY B 50 -7.17 4.69 -19.51
CA GLY B 50 -6.78 3.53 -18.74
C GLY B 50 -7.63 3.17 -17.51
N VAL B 51 -8.83 3.71 -17.40
CA VAL B 51 -9.76 3.34 -16.30
C VAL B 51 -11.13 3.13 -16.93
N LEU B 52 -12.04 2.44 -16.25
CA LEU B 52 -13.44 2.35 -16.70
C LEU B 52 -14.25 3.54 -16.18
N ILE B 53 -14.99 4.22 -17.06
CA ILE B 53 -15.91 5.28 -16.65
C ILE B 53 -17.28 4.67 -16.36
N PHE B 54 -17.68 3.75 -17.23
CA PHE B 54 -18.88 2.94 -17.05
C PHE B 54 -18.45 1.48 -16.98
N GLU B 55 -19.17 0.72 -16.16
CA GLU B 55 -18.99 -0.73 -16.10
C GLU B 55 -19.18 -1.42 -17.47
N ARG B 56 -18.30 -2.38 -17.76
CA ARG B 56 -18.36 -3.20 -18.97
C ARG B 56 -19.49 -4.20 -18.85
N SER B 57 -20.69 -3.67 -19.01
CA SER B 57 -21.92 -4.43 -18.93
C SER B 57 -22.85 -3.84 -19.99
N LYS B 58 -23.50 -4.67 -20.80
CA LYS B 58 -24.64 -4.15 -21.53
C LYS B 58 -25.90 -4.79 -20.91
N SER B 59 -25.79 -5.13 -19.62
CA SER B 59 -26.97 -5.35 -18.79
C SER B 59 -27.61 -3.99 -18.56
N ALA B 60 -26.73 -3.00 -18.36
CA ALA B 60 -27.12 -1.62 -18.09
C ALA B 60 -25.94 -0.65 -18.13
N VAL B 61 -26.20 0.53 -17.60
CA VAL B 61 -25.27 1.63 -17.61
C VAL B 61 -24.98 2.00 -16.18
N ARG B 62 -23.81 1.63 -15.72
CA ARG B 62 -23.44 1.96 -14.35
C ARG B 62 -22.17 2.82 -14.32
N LEU B 63 -22.29 4.02 -13.76
CA LEU B 63 -21.13 4.88 -13.53
C LEU B 63 -20.26 4.29 -12.46
N THR B 64 -18.99 4.10 -12.78
CA THR B 64 -18.01 3.77 -11.74
C THR B 64 -17.77 4.97 -10.86
N PRO B 65 -17.27 4.72 -9.65
CA PRO B 65 -16.89 5.84 -8.78
C PRO B 65 -15.82 6.76 -9.40
N VAL B 66 -14.88 6.18 -10.14
CA VAL B 66 -13.82 6.99 -10.75
C VAL B 66 -14.45 7.84 -11.86
N GLY B 67 -15.35 7.16 -12.54
CA GLY B 67 -16.05 7.74 -13.66
C GLY B 67 -16.93 8.87 -13.24
N GLU B 68 -17.53 8.79 -12.06
CA GLU B 68 -18.39 9.88 -11.63
C GLU B 68 -17.57 11.17 -11.62
N GLY B 69 -16.36 11.09 -11.04
CA GLY B 69 -15.47 12.25 -10.95
C GLY B 69 -15.08 12.74 -12.33
N ILE B 70 -14.77 11.77 -13.19
CA ILE B 70 -14.40 12.13 -14.57
C ILE B 70 -15.53 12.82 -15.29
N VAL B 71 -16.78 12.40 -15.07
CA VAL B 71 -17.93 12.98 -15.76
C VAL B 71 -18.16 14.40 -15.23
N ALA B 72 -18.05 14.59 -13.92
CA ALA B 72 -18.16 15.95 -13.36
C ALA B 72 -17.19 16.91 -14.06
N GLN B 73 -15.92 16.51 -14.08
CA GLN B 73 -14.91 17.31 -14.81
C GLN B 73 -15.28 17.51 -16.26
N ALA B 74 -15.70 16.45 -16.93
CA ALA B 74 -15.91 16.55 -18.38
C ALA B 74 -17.01 17.56 -18.65
N GLN B 75 -18.08 17.54 -17.83
CA GLN B 75 -19.13 18.56 -17.93
C GLN B 75 -18.55 19.96 -17.75
N LYS B 76 -17.64 20.14 -16.78
CA LYS B 76 -16.94 21.47 -16.74
C LYS B 76 -16.27 21.85 -18.08
N VAL B 77 -15.48 20.92 -18.59
CA VAL B 77 -14.78 21.16 -19.85
C VAL B 77 -15.74 21.55 -20.99
N LEU B 78 -16.83 20.79 -21.09
CA LEU B 78 -17.79 20.98 -22.15
C LEU B 78 -18.37 22.36 -22.05
N GLU B 79 -18.61 22.81 -20.81
CA GLU B 79 -19.26 24.11 -20.66
C GLU B 79 -18.29 25.27 -20.91
N GLN B 80 -17.03 25.16 -20.49
CA GLN B 80 -16.07 26.21 -20.84
C GLN B 80 -15.93 26.33 -22.37
N ALA B 81 -15.92 25.17 -23.04
CA ALA B 81 -15.75 25.17 -24.50
C ALA B 81 -16.91 25.91 -25.17
N GLN B 82 -18.10 25.47 -24.80
CA GLN B 82 -19.30 26.19 -25.13
C GLN B 82 -19.11 27.73 -24.90
N GLY B 83 -18.51 28.11 -23.77
CA GLY B 83 -18.27 29.52 -23.48
C GLY B 83 -17.39 30.24 -24.49
N ILE B 84 -16.38 29.54 -24.99
CA ILE B 84 -15.60 30.03 -26.11
C ILE B 84 -16.52 30.33 -27.29
N ARG B 85 -17.35 29.37 -27.69
CA ARG B 85 -18.23 29.70 -28.82
C ARG B 85 -19.23 30.86 -28.53
N GLU B 86 -19.62 31.01 -27.26
CA GLU B 86 -20.46 32.13 -26.85
C GLU B 86 -19.71 33.47 -27.07
N LEU B 87 -18.52 33.63 -26.48
CA LEU B 87 -17.70 34.83 -26.70
C LEU B 87 -17.50 35.10 -28.18
N ALA B 88 -17.39 34.03 -28.97
CA ALA B 88 -17.24 34.22 -30.42
C ALA B 88 -18.50 34.83 -31.04
N GLN B 89 -19.62 34.10 -31.03
CA GLN B 89 -20.90 34.63 -31.51
C GLN B 89 -21.75 35.13 -30.35
N ALA B 90 -21.45 36.35 -29.89
CA ALA B 90 -22.02 36.92 -28.68
C ALA B 90 -23.51 37.26 -28.77
N GLY B 91 -24.12 37.43 -27.59
CA GLY B 91 -25.49 37.91 -27.46
C GLY B 91 -26.61 36.95 -27.78
N LYS B 92 -26.31 35.66 -27.94
CA LYS B 92 -27.35 34.69 -28.26
C LYS B 92 -28.29 34.58 -27.04
N ASN B 93 -29.54 34.20 -27.26
CA ASN B 93 -30.56 34.36 -26.21
C ASN B 93 -30.45 33.31 -25.10
N GLN B 94 -30.13 33.75 -23.88
CA GLN B 94 -30.00 32.82 -22.75
C GLN B 94 -31.34 32.46 -22.10
N LEU B 95 -32.39 33.15 -22.55
CA LEU B 95 -33.68 32.99 -21.93
C LEU B 95 -34.66 32.40 -22.89
N ALA B 96 -34.29 31.34 -23.58
CA ALA B 96 -35.21 30.80 -24.59
C ALA B 96 -35.12 29.30 -24.65
N ALA B 97 -34.91 28.68 -23.50
CA ALA B 97 -34.85 27.23 -23.38
C ALA B 97 -35.28 26.87 -21.95
N PRO B 98 -35.70 25.62 -21.73
CA PRO B 98 -36.07 25.27 -20.36
C PRO B 98 -34.85 25.32 -19.41
N LEU B 99 -35.07 25.63 -18.14
CA LEU B 99 -34.04 25.54 -17.11
C LEU B 99 -34.37 24.34 -16.23
N LYS B 100 -33.37 23.49 -16.01
CA LYS B 100 -33.52 22.31 -15.17
C LYS B 100 -33.13 22.64 -13.74
N VAL B 101 -34.11 22.64 -12.83
CA VAL B 101 -33.92 23.13 -11.46
C VAL B 101 -34.32 22.07 -10.41
N GLY B 102 -33.44 21.81 -9.45
CA GLY B 102 -33.81 20.96 -8.33
C GLY B 102 -33.96 21.78 -7.06
N ALA B 103 -34.85 21.36 -6.18
CA ALA B 103 -34.96 21.99 -4.89
C ALA B 103 -35.12 20.88 -3.82
N ILE B 104 -34.58 21.13 -2.64
CA ILE B 104 -34.76 20.10 -1.61
C ILE B 104 -36.25 20.01 -1.20
N TYR B 105 -36.66 18.83 -0.73
CA TYR B 105 -38.04 18.51 -0.36
C TYR B 105 -38.77 19.54 0.48
N THR B 106 -38.03 20.15 1.40
CA THR B 106 -38.63 21.06 2.36
C THR B 106 -38.61 22.49 1.85
N ILE B 107 -38.19 22.70 0.60
CA ILE B 107 -38.23 24.04 0.01
C ILE B 107 -39.14 24.08 -1.22
N GLY B 108 -38.93 23.18 -2.20
CA GLY B 108 -39.69 23.18 -3.45
C GLY B 108 -41.20 23.46 -3.43
N PRO B 109 -41.97 22.69 -2.61
CA PRO B 109 -43.42 22.83 -2.58
C PRO B 109 -43.90 24.22 -2.11
N TYR B 110 -43.04 24.89 -1.36
CA TYR B 110 -43.38 26.16 -0.73
C TYR B 110 -42.78 27.32 -1.47
N LEU B 111 -41.98 27.05 -2.49
CA LEU B 111 -41.31 28.13 -3.24
C LEU B 111 -41.78 28.22 -4.68
N PHE B 112 -41.75 27.08 -5.39
CA PHE B 112 -42.09 27.13 -6.81
C PHE B 112 -43.39 27.85 -7.18
N PRO B 113 -44.47 27.70 -6.36
CA PRO B 113 -45.71 28.34 -6.82
C PRO B 113 -45.62 29.86 -6.79
N HIS B 114 -44.84 30.41 -5.87
CA HIS B 114 -44.71 31.87 -5.77
C HIS B 114 -43.78 32.39 -6.81
N LEU B 115 -42.76 31.60 -7.05
CA LEU B 115 -41.70 31.88 -7.99
C LEU B 115 -42.21 31.99 -9.42
N ILE B 116 -43.06 31.05 -9.80
CA ILE B 116 -43.33 30.85 -11.23
C ILE B 116 -44.03 31.99 -11.99
N PRO B 117 -44.98 32.72 -11.34
CA PRO B 117 -45.55 33.83 -12.10
C PRO B 117 -44.58 35.02 -12.41
N GLN B 118 -43.73 35.39 -11.46
CA GLN B 118 -42.68 36.37 -11.74
C GLN B 118 -41.75 35.90 -12.86
N LEU B 119 -41.26 34.66 -12.75
CA LEU B 119 -40.42 34.09 -13.77
C LEU B 119 -41.09 34.22 -15.13
N HIS B 120 -42.42 34.05 -15.17
CA HIS B 120 -43.15 34.20 -16.43
C HIS B 120 -43.15 35.65 -16.93
N ARG B 121 -43.35 36.60 -16.02
CA ARG B 121 -43.27 37.99 -16.42
C ARG B 121 -41.89 38.34 -17.01
N VAL B 122 -40.80 37.80 -16.47
CA VAL B 122 -39.51 38.25 -17.00
C VAL B 122 -38.87 37.32 -18.04
N ALA B 123 -39.27 36.05 -18.06
CA ALA B 123 -38.68 35.05 -18.95
C ALA B 123 -39.69 34.01 -19.45
N PRO B 124 -40.68 34.43 -20.25
CA PRO B 124 -41.77 33.55 -20.68
C PRO B 124 -41.30 32.35 -21.53
N GLN B 125 -40.10 32.44 -22.09
CA GLN B 125 -39.55 31.39 -22.93
C GLN B 125 -38.75 30.42 -22.09
N MET B 126 -38.80 30.57 -20.78
CA MET B 126 -38.02 29.69 -19.92
C MET B 126 -38.85 28.83 -19.02
N PRO B 127 -39.36 27.70 -19.54
CA PRO B 127 -40.13 26.93 -18.58
C PRO B 127 -39.15 26.20 -17.65
N LEU B 128 -39.72 25.53 -16.63
CA LEU B 128 -38.92 24.81 -15.66
C LEU B 128 -39.11 23.31 -15.72
N TYR B 129 -38.02 22.58 -15.88
CA TYR B 129 -38.02 21.18 -15.58
C TYR B 129 -37.66 21.06 -14.09
N ILE B 130 -38.53 20.52 -13.27
CA ILE B 130 -38.33 20.55 -11.81
C ILE B 130 -38.17 19.19 -11.21
N GLU B 131 -37.19 19.10 -10.32
CA GLU B 131 -36.92 17.93 -9.57
C GLU B 131 -36.74 18.27 -8.08
N GLU B 132 -37.36 17.49 -7.20
CA GLU B 132 -37.24 17.65 -5.76
C GLU B 132 -36.57 16.45 -5.20
N ASN B 133 -35.62 16.67 -4.31
CA ASN B 133 -34.86 15.54 -3.76
C ASN B 133 -34.00 15.93 -2.56
N PHE B 134 -33.28 14.96 -1.96
CA PHE B 134 -32.35 15.25 -0.88
C PHE B 134 -31.16 16.07 -1.37
N THR B 135 -30.58 16.87 -0.48
CA THR B 135 -29.46 17.73 -0.87
C THR B 135 -28.36 16.99 -1.66
N HIS B 136 -27.97 15.79 -1.21
CA HIS B 136 -26.82 15.12 -1.81
C HIS B 136 -27.14 14.56 -3.19
N ILE B 137 -28.38 14.17 -3.42
CA ILE B 137 -28.78 13.75 -4.76
C ILE B 137 -28.80 14.94 -5.73
N LEU B 138 -29.30 16.07 -5.27
CA LEU B 138 -29.29 17.30 -6.09
C LEU B 138 -27.83 17.67 -6.44
N ARG B 139 -26.94 17.61 -5.46
CA ARG B 139 -25.51 17.83 -5.71
C ARG B 139 -24.98 16.86 -6.79
N ASP B 140 -25.32 15.58 -6.66
CA ASP B 140 -24.85 14.63 -7.69
C ASP B 140 -25.36 15.03 -9.06
N LYS B 141 -26.62 15.47 -9.12
CA LYS B 141 -27.22 15.81 -10.40
C LYS B 141 -26.63 17.10 -11.01
N LEU B 142 -26.15 18.00 -10.13
CA LEU B 142 -25.52 19.25 -10.56
C LEU B 142 -24.17 18.90 -11.16
N ARG B 143 -23.53 17.90 -10.56
CA ARG B 143 -22.23 17.46 -11.04
C ARG B 143 -22.34 16.82 -12.42
N THR B 144 -23.31 15.92 -12.65
CA THR B 144 -23.44 15.37 -14.03
C THR B 144 -23.99 16.33 -15.07
N GLY B 145 -24.61 17.42 -14.64
CA GLY B 145 -25.27 18.29 -15.61
C GLY B 145 -26.74 17.94 -15.85
N GLU B 146 -27.24 16.93 -15.14
CA GLU B 146 -28.66 16.61 -15.27
C GLU B 146 -29.49 17.80 -14.77
N LEU B 147 -28.97 18.50 -13.76
CA LEU B 147 -29.61 19.75 -13.32
C LEU B 147 -28.72 20.97 -13.64
N ASP B 148 -29.36 22.12 -13.86
CA ASP B 148 -28.66 23.39 -14.16
C ASP B 148 -28.41 24.19 -12.88
N ALA B 149 -29.33 24.08 -11.92
CA ALA B 149 -29.30 24.88 -10.68
C ALA B 149 -30.03 24.13 -9.58
N ILE B 150 -29.58 24.28 -8.35
CA ILE B 150 -30.31 23.64 -7.28
C ILE B 150 -30.52 24.65 -6.15
N ILE B 151 -31.71 24.59 -5.55
CA ILE B 151 -32.04 25.42 -4.43
C ILE B 151 -31.94 24.60 -3.15
N ILE B 152 -31.01 25.01 -2.29
CA ILE B 152 -30.63 24.29 -1.07
C ILE B 152 -30.54 25.22 0.12
N ALA B 153 -30.20 24.66 1.27
CA ALA B 153 -30.04 25.49 2.48
C ALA B 153 -28.54 25.60 2.86
N LEU B 154 -28.08 26.78 3.27
CA LEU B 154 -26.67 26.87 3.67
C LEU B 154 -26.50 26.07 4.94
N PRO B 155 -25.30 25.51 5.19
CA PRO B 155 -24.08 25.62 4.37
C PRO B 155 -24.08 24.63 3.19
N PHE B 156 -23.46 25.03 2.08
CA PHE B 156 -23.30 24.14 0.94
C PHE B 156 -22.05 24.56 0.18
N GLN B 157 -21.09 23.65 0.03
CA GLN B 157 -19.90 23.95 -0.79
C GLN B 157 -19.65 22.83 -1.79
N GLU B 158 -19.16 23.20 -2.96
CA GLU B 158 -18.80 22.23 -4.00
C GLU B 158 -17.84 22.87 -4.97
N ALA B 159 -16.87 22.07 -5.43
CA ALA B 159 -15.76 22.62 -6.18
C ALA B 159 -16.28 23.18 -7.46
N ASP B 160 -15.89 24.42 -7.78
CA ASP B 160 -16.25 25.08 -9.03
C ASP B 160 -17.75 25.30 -9.12
N VAL B 161 -18.39 25.33 -7.96
CA VAL B 161 -19.82 25.62 -7.89
C VAL B 161 -20.03 26.94 -7.13
N LEU B 162 -20.82 27.82 -7.73
CA LEU B 162 -21.19 29.09 -7.10
C LEU B 162 -22.44 28.96 -6.20
N THR B 163 -22.45 29.63 -5.06
CA THR B 163 -23.59 29.63 -4.17
C THR B 163 -24.00 31.04 -3.80
N LYS B 164 -25.23 31.43 -4.16
CA LYS B 164 -25.72 32.79 -3.84
C LYS B 164 -26.88 32.75 -2.85
N PRO B 165 -26.67 33.32 -1.65
CA PRO B 165 -27.72 33.36 -0.62
C PRO B 165 -28.89 34.18 -1.11
N LEU B 166 -30.11 33.65 -0.97
CA LEU B 166 -31.31 34.30 -1.52
C LEU B 166 -32.18 34.93 -0.44
N PHE B 167 -32.44 34.19 0.63
CA PHE B 167 -33.18 34.83 1.72
C PHE B 167 -33.05 34.04 2.99
N ASP B 168 -33.46 34.64 4.10
CA ASP B 168 -33.43 33.95 5.39
C ASP B 168 -34.84 33.59 5.78
N GLU B 169 -35.04 32.35 6.20
CA GLU B 169 -36.36 31.82 6.41
C GLU B 169 -36.50 31.34 7.83
N PRO B 170 -37.34 32.02 8.63
CA PRO B 170 -37.55 31.68 10.06
C PRO B 170 -38.42 30.42 10.30
N PHE B 171 -38.31 29.75 11.45
CA PHE B 171 -39.13 28.58 11.73
C PHE B 171 -40.29 28.96 12.63
N TYR B 172 -41.34 28.13 12.61
CA TYR B 172 -42.55 28.33 13.39
C TYR B 172 -43.01 27.01 14.05
N VAL B 173 -43.76 27.11 15.13
CA VAL B 173 -44.28 25.92 15.77
C VAL B 173 -45.71 25.69 15.28
N LEU B 174 -45.97 24.44 14.90
CA LEU B 174 -47.22 24.01 14.35
C LEU B 174 -47.91 23.16 15.42
N MET B 175 -49.20 23.40 15.64
CA MET B 175 -49.92 22.70 16.71
C MET B 175 -51.39 22.54 16.36
N PRO B 176 -52.09 21.55 16.97
CA PRO B 176 -53.55 21.47 16.87
C PRO B 176 -54.21 22.78 17.31
N ALA B 177 -55.28 23.24 16.64
CA ALA B 177 -55.94 24.52 17.01
C ALA B 177 -56.38 24.58 18.50
N ASP B 178 -56.71 23.42 19.06
CA ASP B 178 -57.16 23.30 20.45
C ASP B 178 -56.02 22.97 21.39
N HIS B 179 -54.78 23.14 20.95
CA HIS B 179 -53.64 22.83 21.81
C HIS B 179 -53.50 23.92 22.86
N PRO B 180 -53.05 23.56 24.08
CA PRO B 180 -52.72 24.52 25.13
C PRO B 180 -51.91 25.72 24.62
N TRP B 181 -50.80 25.43 23.96
CA TRP B 181 -49.89 26.47 23.51
C TRP B 181 -50.57 27.59 22.71
N THR B 182 -51.77 27.34 22.21
CA THR B 182 -52.44 28.35 21.37
C THR B 182 -52.70 29.61 22.16
N ALA B 183 -52.68 29.49 23.49
CA ALA B 183 -52.81 30.64 24.39
C ALA B 183 -51.56 31.52 24.36
N LYS B 184 -50.39 30.88 24.33
CA LYS B 184 -49.11 31.59 24.25
C LYS B 184 -49.07 32.45 22.99
N ALA B 185 -48.37 33.56 23.07
CA ALA B 185 -48.19 34.44 21.92
C ALA B 185 -46.95 34.03 21.12
N SER B 186 -45.96 33.50 21.83
CA SER B 186 -44.77 32.97 21.18
C SER B 186 -44.34 31.73 21.95
N ILE B 187 -43.89 30.70 21.24
CA ILE B 187 -43.45 29.47 21.90
C ILE B 187 -41.95 29.54 22.13
N ASP B 188 -41.51 29.15 23.32
CA ASP B 188 -40.11 29.20 23.67
C ASP B 188 -39.59 27.81 23.35
N SER B 189 -38.33 27.71 22.95
CA SER B 189 -37.80 26.49 22.33
C SER B 189 -37.58 25.28 23.24
N GLU B 190 -37.31 25.48 24.54
CA GLU B 190 -37.15 24.34 25.45
C GLU B 190 -38.38 23.45 25.45
N LEU B 191 -39.56 24.08 25.39
CA LEU B 191 -40.83 23.36 25.34
C LEU B 191 -40.83 22.29 24.24
N LEU B 192 -40.09 22.53 23.15
CA LEU B 192 -40.09 21.59 22.02
C LEU B 192 -39.40 20.27 22.32
N ASN B 193 -38.85 20.13 23.53
CA ASN B 193 -38.12 18.92 23.91
C ASN B 193 -39.05 17.75 24.27
N ASP B 194 -40.35 18.02 24.19
CA ASP B 194 -41.42 17.03 24.30
C ASP B 194 -41.19 15.85 23.34
N LYS B 195 -41.90 14.75 23.54
CA LYS B 195 -41.84 13.64 22.60
C LYS B 195 -43.07 13.64 21.67
N SER B 196 -43.91 14.66 21.83
CA SER B 196 -45.00 14.89 20.90
C SER B 196 -44.52 15.76 19.72
N LEU B 197 -43.21 16.04 19.68
CA LEU B 197 -42.59 16.68 18.54
C LEU B 197 -42.45 15.68 17.39
N LEU B 198 -43.14 15.91 16.28
CA LEU B 198 -42.98 15.10 15.07
C LEU B 198 -41.86 15.66 14.22
N LEU B 199 -40.87 14.83 13.91
CA LEU B 199 -39.73 15.22 13.06
C LEU B 199 -39.62 14.44 11.77
N LEU B 200 -39.00 15.08 10.78
CA LEU B 200 -38.68 14.42 9.51
C LEU B 200 -37.61 13.38 9.73
N GLY B 201 -37.66 12.32 8.92
CA GLY B 201 -36.68 11.24 9.02
C GLY B 201 -35.27 11.72 8.74
N GLU B 202 -34.29 10.89 9.09
CA GLU B 202 -32.90 11.14 8.72
C GLU B 202 -32.81 11.24 7.20
N GLY B 203 -32.04 12.20 6.73
CA GLY B 203 -31.94 12.42 5.30
C GLY B 203 -32.19 13.86 4.96
N HIS B 204 -33.18 14.47 5.64
CA HIS B 204 -33.54 15.86 5.41
C HIS B 204 -32.71 16.75 6.30
N ASP B 205 -32.00 17.73 5.73
CA ASP B 205 -31.16 18.57 6.58
C ASP B 205 -32.03 19.43 7.54
N PHE B 206 -33.32 19.56 7.23
CA PHE B 206 -34.23 20.38 8.04
C PHE B 206 -34.46 19.78 9.42
N ARG B 207 -34.46 18.46 9.44
CA ARG B 207 -34.55 17.70 10.67
C ARG B 207 -33.48 18.20 11.62
N ASP B 208 -32.24 18.14 11.14
CA ASP B 208 -31.10 18.51 11.96
C ASP B 208 -31.13 20.00 12.30
N GLN B 209 -31.69 20.84 11.43
CA GLN B 209 -31.83 22.27 11.78
C GLN B 209 -32.80 22.50 12.95
N VAL B 210 -33.85 21.69 12.98
CA VAL B 210 -34.83 21.73 14.05
C VAL B 210 -34.27 21.18 15.36
N LEU B 211 -33.66 19.98 15.31
CA LEU B 211 -32.98 19.39 16.47
C LEU B 211 -31.95 20.37 17.05
N GLU B 212 -31.17 20.98 16.16
CA GLU B 212 -30.19 21.99 16.55
C GLU B 212 -30.86 23.18 17.23
N ALA B 213 -32.04 23.59 16.78
CA ALA B 213 -32.73 24.69 17.46
C ALA B 213 -33.38 24.33 18.82
N CYS B 214 -33.11 23.13 19.34
CA CYS B 214 -33.70 22.64 20.60
C CYS B 214 -32.71 21.97 21.57
N PRO B 215 -32.83 22.27 22.89
CA PRO B 215 -32.00 21.65 23.95
C PRO B 215 -31.93 20.13 23.86
N HIS B 225 -38.30 12.66 21.21
CA HIS B 225 -38.93 13.07 19.96
C HIS B 225 -39.46 11.86 19.18
N THR B 226 -40.46 12.10 18.32
CA THR B 226 -40.99 11.07 17.43
C THR B 226 -40.59 11.35 15.97
N THR B 227 -39.76 10.48 15.43
CA THR B 227 -39.36 10.61 14.05
C THR B 227 -40.28 9.82 13.16
N VAL B 228 -40.97 10.54 12.29
CA VAL B 228 -41.83 9.87 11.33
C VAL B 228 -41.15 9.94 9.96
N GLU B 229 -40.60 8.81 9.52
CA GLU B 229 -39.85 8.78 8.27
C GLU B 229 -40.70 8.26 7.15
N SER B 230 -40.13 8.30 5.95
CA SER B 230 -40.92 8.19 4.73
C SER B 230 -42.06 9.19 4.81
N SER B 231 -41.85 10.28 5.56
CA SER B 231 -42.86 11.31 5.66
C SER B 231 -42.31 12.64 5.16
N SER B 232 -43.23 13.55 4.83
CA SER B 232 -42.91 14.92 4.39
C SER B 232 -43.47 15.94 5.39
N LEU B 233 -43.18 17.21 5.18
CA LEU B 233 -43.77 18.22 6.05
C LEU B 233 -45.30 18.17 5.94
N GLU B 234 -45.81 17.77 4.79
CA GLU B 234 -47.25 17.74 4.60
C GLU B 234 -47.91 16.67 5.45
N THR B 235 -47.32 15.48 5.50
CA THR B 235 -47.95 14.40 6.21
C THR B 235 -47.73 14.64 7.69
N ILE B 236 -46.68 15.37 8.03
CA ILE B 236 -46.52 15.81 9.41
C ILE B 236 -47.61 16.78 9.81
N ARG B 237 -47.93 17.70 8.91
CA ARG B 237 -48.98 18.68 9.17
C ARG B 237 -50.36 17.97 9.28
N HIS B 238 -50.60 16.94 8.45
CA HIS B 238 -51.82 16.14 8.57
C HIS B 238 -51.87 15.44 9.92
N MET B 239 -50.73 14.89 10.36
CA MET B 239 -50.69 14.22 11.64
C MET B 239 -50.95 15.20 12.79
N VAL B 240 -50.35 16.40 12.72
CA VAL B 240 -50.59 17.41 13.75
C VAL B 240 -52.08 17.79 13.74
N ALA B 241 -52.64 18.13 12.59
CA ALA B 241 -54.09 18.42 12.46
C ALA B 241 -55.00 17.35 13.06
N SER B 242 -54.64 16.07 12.94
CA SER B 242 -55.44 14.98 13.52
C SER B 242 -55.22 14.83 15.03
N GLY B 243 -54.31 15.64 15.56
CA GLY B 243 -53.97 15.59 16.98
C GLY B 243 -52.90 14.60 17.39
N LEU B 244 -51.91 14.34 16.54
CA LEU B 244 -50.93 13.34 16.91
C LEU B 244 -49.77 13.94 17.69
N GLY B 245 -49.68 15.26 17.73
CA GLY B 245 -48.52 15.94 18.31
C GLY B 245 -48.33 17.35 17.75
N VAL B 246 -47.15 17.95 17.96
CA VAL B 246 -46.81 19.28 17.41
C VAL B 246 -45.61 19.18 16.45
N SER B 247 -45.26 20.26 15.76
CA SER B 247 -44.07 20.21 14.88
C SER B 247 -43.50 21.58 14.59
N VAL B 248 -42.55 21.61 13.67
CA VAL B 248 -41.85 22.84 13.29
C VAL B 248 -41.84 22.97 11.76
N LEU B 249 -42.23 24.13 11.26
CA LEU B 249 -42.29 24.38 9.82
C LEU B 249 -41.43 25.58 9.46
N PRO B 250 -40.83 25.59 8.26
CA PRO B 250 -40.24 26.85 7.79
C PRO B 250 -41.37 27.81 7.38
N PHE B 251 -41.13 29.09 7.56
CA PHE B 251 -42.15 30.08 7.34
C PHE B 251 -42.85 29.97 5.98
N SER B 252 -42.15 29.53 4.94
CA SER B 252 -42.78 29.53 3.62
C SER B 252 -43.83 28.43 3.57
N ALA B 253 -43.89 27.59 4.60
CA ALA B 253 -44.81 26.46 4.58
C ALA B 253 -46.03 26.69 5.46
N VAL B 254 -46.06 27.79 6.22
CA VAL B 254 -47.12 27.97 7.24
C VAL B 254 -48.50 28.10 6.59
N ASP B 255 -48.65 28.89 5.52
CA ASP B 255 -49.96 29.06 4.90
C ASP B 255 -50.20 28.21 3.65
N SER B 256 -49.33 27.23 3.43
CA SER B 256 -49.40 26.37 2.24
C SER B 256 -50.23 25.13 2.52
N HIS B 257 -51.53 25.33 2.74
CA HIS B 257 -52.38 24.19 3.04
C HIS B 257 -53.84 24.47 2.76
N HIS B 258 -54.62 23.40 2.82
CA HIS B 258 -56.02 23.48 2.46
C HIS B 258 -56.98 23.16 3.60
N TYR B 259 -56.55 23.45 4.82
CA TYR B 259 -57.48 23.36 5.94
C TYR B 259 -58.26 24.65 6.07
N ALA B 260 -59.53 24.52 6.41
CA ALA B 260 -60.34 25.65 6.87
C ALA B 260 -59.72 26.10 8.18
N PRO B 261 -60.03 27.31 8.64
CA PRO B 261 -59.37 27.71 9.89
C PRO B 261 -59.92 26.93 11.07
N GLY B 262 -59.23 26.98 12.19
CA GLY B 262 -59.66 26.26 13.36
C GLY B 262 -59.25 24.80 13.40
N VAL B 263 -58.29 24.42 12.56
CA VAL B 263 -57.79 23.06 12.66
C VAL B 263 -56.34 23.00 13.16
N ILE B 264 -55.48 23.84 12.60
CA ILE B 264 -54.07 23.95 13.00
C ILE B 264 -53.70 25.42 13.22
N GLU B 265 -52.79 25.68 14.16
CA GLU B 265 -52.32 27.02 14.42
C GLU B 265 -50.78 27.06 14.35
N VAL B 266 -50.24 28.25 14.07
CA VAL B 266 -48.80 28.43 14.17
C VAL B 266 -48.49 29.53 15.18
N ARG B 267 -47.37 29.37 15.86
CA ARG B 267 -46.88 30.42 16.74
C ARG B 267 -45.38 30.55 16.52
N PRO B 268 -44.87 31.77 16.60
CA PRO B 268 -43.44 32.00 16.37
C PRO B 268 -42.57 31.55 17.54
N PHE B 269 -41.26 31.49 17.33
CA PHE B 269 -40.33 31.18 18.40
C PHE B 269 -40.09 32.39 19.30
N SER B 270 -40.01 32.14 20.61
CA SER B 270 -39.51 33.15 21.54
C SER B 270 -38.08 33.41 21.13
N ALA B 271 -37.74 34.70 20.98
CA ALA B 271 -36.38 35.10 20.59
C ALA B 271 -35.35 34.36 21.44
N PRO B 272 -34.22 33.93 20.83
CA PRO B 272 -33.77 34.13 19.45
C PRO B 272 -34.44 33.19 18.43
N VAL B 273 -35.04 33.77 17.39
CA VAL B 273 -35.80 33.01 16.38
C VAL B 273 -34.89 32.20 15.45
N PRO B 274 -35.03 30.86 15.43
CA PRO B 274 -34.18 30.04 14.54
C PRO B 274 -34.59 30.16 13.06
N PHE B 275 -33.63 29.94 12.18
CA PHE B 275 -33.86 30.15 10.77
C PHE B 275 -32.86 29.40 9.88
N ARG B 276 -33.16 29.28 8.60
CA ARG B 276 -32.23 28.71 7.64
C ARG B 276 -32.00 29.74 6.58
N THR B 277 -30.92 29.59 5.83
CA THR B 277 -30.66 30.45 4.69
C THR B 277 -30.84 29.67 3.40
N VAL B 278 -31.77 30.14 2.59
CA VAL B 278 -32.08 29.50 1.33
C VAL B 278 -31.18 30.12 0.29
N ALA B 279 -30.57 29.25 -0.52
CA ALA B 279 -29.58 29.67 -1.54
C ALA B 279 -29.70 28.86 -2.83
N ILE B 280 -29.18 29.43 -3.92
CA ILE B 280 -29.17 28.79 -5.21
C ILE B 280 -27.70 28.49 -5.55
N ALA B 281 -27.46 27.32 -6.14
CA ALA B 281 -26.13 26.86 -6.48
C ALA B 281 -26.15 26.38 -7.91
N TRP B 282 -25.03 26.61 -8.62
CA TRP B 282 -24.87 26.29 -10.04
C TRP B 282 -23.39 26.23 -10.41
N ARG B 283 -23.08 25.65 -11.58
CA ARG B 283 -21.68 25.42 -11.91
C ARG B 283 -21.07 26.74 -12.43
N ALA B 284 -19.89 27.06 -11.96
CA ALA B 284 -19.17 28.27 -12.37
C ALA B 284 -19.16 28.43 -13.88
N SER B 285 -19.07 27.31 -14.59
CA SER B 285 -18.96 27.33 -16.05
C SER B 285 -20.29 27.39 -16.81
N PHE B 286 -21.41 27.51 -16.08
CA PHE B 286 -22.71 27.46 -16.73
C PHE B 286 -22.81 28.57 -17.77
N PRO B 287 -23.07 28.20 -19.03
CA PRO B 287 -23.15 29.12 -20.17
C PRO B 287 -24.45 29.99 -20.22
N ARG B 288 -25.26 29.97 -19.16
CA ARG B 288 -26.44 30.83 -19.15
C ARG B 288 -26.59 31.59 -17.85
N PRO B 289 -25.59 32.41 -17.50
CA PRO B 289 -25.69 33.06 -16.19
C PRO B 289 -26.92 33.96 -16.02
N ARG B 290 -27.48 34.43 -17.14
CA ARG B 290 -28.64 35.33 -17.08
C ARG B 290 -29.90 34.58 -16.65
N ALA B 291 -29.98 33.27 -16.95
CA ALA B 291 -31.07 32.42 -16.46
C ALA B 291 -30.95 32.20 -14.96
N ILE B 292 -29.73 31.97 -14.50
CA ILE B 292 -29.54 31.86 -13.06
C ILE B 292 -30.02 33.16 -12.40
N GLU B 293 -29.68 34.30 -13.00
CA GLU B 293 -30.05 35.59 -12.42
C GLU B 293 -31.54 35.82 -12.40
N VAL B 294 -32.20 35.58 -13.54
CA VAL B 294 -33.66 35.68 -13.61
C VAL B 294 -34.30 34.78 -12.52
N LEU B 295 -33.78 33.56 -12.37
CA LEU B 295 -34.28 32.62 -11.35
C LEU B 295 -34.10 33.18 -9.92
N ALA B 296 -32.87 33.60 -9.60
CA ALA B 296 -32.57 34.11 -8.25
C ALA B 296 -33.47 35.32 -7.93
N ASP B 297 -33.59 36.24 -8.91
CA ASP B 297 -34.42 37.43 -8.77
C ASP B 297 -35.82 37.00 -8.41
N SER B 298 -36.35 36.07 -9.21
CA SER B 298 -37.73 35.67 -9.05
C SER B 298 -37.97 35.06 -7.66
N ILE B 299 -37.00 34.32 -7.15
CA ILE B 299 -37.10 33.79 -5.80
C ILE B 299 -37.12 34.92 -4.76
N ARG B 300 -36.16 35.82 -4.87
CA ARG B 300 -35.98 36.89 -3.88
C ARG B 300 -37.20 37.82 -3.82
N LEU B 301 -37.90 37.91 -4.94
CA LEU B 301 -38.98 38.85 -5.06
C LEU B 301 -40.32 38.26 -4.64
N CYS B 302 -40.37 36.96 -4.39
CA CYS B 302 -41.70 36.38 -4.22
C CYS B 302 -42.11 36.50 -2.75
N SER B 303 -43.40 36.29 -2.52
CA SER B 303 -44.04 36.63 -1.24
C SER B 303 -43.42 35.95 -0.02
N VAL B 304 -43.16 34.64 -0.08
CA VAL B 304 -42.58 33.93 1.07
C VAL B 304 -41.10 34.29 1.38
N ALA B 305 -40.52 35.13 0.54
CA ALA B 305 -39.09 35.45 0.61
C ALA B 305 -38.81 36.78 1.32
N ARG B 306 -39.88 37.41 1.81
N ARG B 306 -39.86 37.42 1.80
CA ARG B 306 -39.74 38.74 2.40
CA ARG B 306 -39.67 38.74 2.40
C ARG B 306 -40.11 38.70 3.89
C ARG B 306 -40.12 38.75 3.86
N PRO B 307 -39.37 39.48 4.72
CA PRO B 307 -39.48 39.50 6.19
C PRO B 307 -40.91 39.60 6.78
N HIS C 6 -15.08 21.65 -35.71
CA HIS C 6 -14.80 20.83 -34.54
C HIS C 6 -13.55 21.30 -33.79
N MET C 7 -13.77 22.03 -32.71
CA MET C 7 -12.72 22.60 -31.86
C MET C 7 -11.90 21.52 -31.12
N THR C 8 -10.57 21.58 -31.20
CA THR C 8 -9.73 20.59 -30.48
C THR C 8 -8.94 21.19 -29.31
N LEU C 9 -8.50 20.35 -28.37
CA LEU C 9 -7.74 20.84 -27.22
C LEU C 9 -6.34 21.30 -27.69
N THR C 10 -5.88 20.72 -28.79
CA THR C 10 -4.60 21.11 -29.32
C THR C 10 -4.64 22.58 -29.84
N GLU C 11 -5.69 22.94 -30.60
CA GLU C 11 -5.83 24.35 -31.05
C GLU C 11 -5.88 25.31 -29.87
N LEU C 12 -6.61 24.93 -28.82
CA LEU C 12 -6.68 25.77 -27.62
C LEU C 12 -5.30 25.93 -26.99
N ARG C 13 -4.51 24.85 -26.96
CA ARG C 13 -3.12 24.95 -26.46
C ARG C 13 -2.28 25.89 -27.33
N TYR C 14 -2.39 25.74 -28.66
CA TYR C 14 -1.73 26.67 -29.61
C TYR C 14 -2.03 28.14 -29.28
N ILE C 15 -3.32 28.51 -29.16
CA ILE C 15 -3.67 29.93 -28.92
C ILE C 15 -3.27 30.39 -27.52
N VAL C 16 -3.34 29.51 -26.54
CA VAL C 16 -2.94 29.93 -25.18
C VAL C 16 -1.43 30.20 -25.12
N THR C 17 -0.64 29.35 -25.78
CA THR C 17 0.81 29.50 -25.78
C THR C 17 1.23 30.74 -26.56
N LEU C 18 0.64 30.89 -27.75
CA LEU C 18 0.90 32.02 -28.64
C LEU C 18 0.60 33.32 -27.91
N ALA C 19 -0.53 33.34 -27.21
CA ALA C 19 -0.88 34.49 -26.39
C ALA C 19 0.16 34.75 -25.30
N GLN C 20 0.59 33.72 -24.58
CA GLN C 20 1.54 33.96 -23.49
C GLN C 20 2.88 34.47 -24.00
N GLU C 21 3.36 33.94 -25.13
CA GLU C 21 4.70 34.29 -25.63
C GLU C 21 4.71 35.50 -26.56
N GLN C 22 3.57 35.76 -27.19
CA GLN C 22 3.47 36.81 -28.18
C GLN C 22 4.57 36.70 -29.21
N HIS C 23 4.83 35.47 -29.64
CA HIS C 23 5.86 35.19 -30.61
C HIS C 23 5.68 33.78 -31.16
N PHE C 24 5.46 33.69 -32.47
CA PHE C 24 5.22 32.42 -33.12
C PHE C 24 6.34 31.40 -32.90
N GLY C 25 7.56 31.89 -32.94
CA GLY C 25 8.75 31.07 -32.80
C GLY C 25 8.78 30.40 -31.45
N ARG C 26 8.74 31.21 -30.38
CA ARG C 26 8.73 30.65 -29.03
C ARG C 26 7.47 29.80 -28.75
N ALA C 27 6.34 30.12 -29.39
CA ALA C 27 5.11 29.35 -29.13
C ALA C 27 5.22 27.97 -29.72
N ALA C 28 5.68 27.92 -30.97
CA ALA C 28 5.78 26.64 -31.65
C ALA C 28 6.85 25.80 -30.95
N GLU C 29 7.92 26.44 -30.47
CA GLU C 29 8.93 25.68 -29.76
C GLU C 29 8.32 25.09 -28.49
N ARG C 30 7.50 25.87 -27.79
CA ARG C 30 6.93 25.36 -26.54
C ARG C 30 5.96 24.22 -26.83
N CYS C 31 5.34 24.24 -28.01
CA CYS C 31 4.33 23.24 -28.37
C CYS C 31 4.88 22.06 -29.15
N HIS C 32 6.21 22.04 -29.38
CA HIS C 32 6.88 20.91 -30.01
C HIS C 32 6.40 20.66 -31.43
N VAL C 33 6.08 21.74 -32.14
CA VAL C 33 5.66 21.64 -33.52
C VAL C 33 6.33 22.75 -34.30
N SER C 34 6.31 22.62 -35.63
CA SER C 34 6.82 23.69 -36.51
C SER C 34 5.90 24.91 -36.51
N GLN C 35 6.40 26.02 -37.00
CA GLN C 35 5.59 27.22 -36.98
C GLN C 35 4.44 27.18 -37.95
N PRO C 36 4.65 26.61 -39.16
CA PRO C 36 3.46 26.44 -39.99
C PRO C 36 2.39 25.55 -39.35
N THR C 37 2.78 24.51 -38.61
CA THR C 37 1.77 23.66 -37.98
C THR C 37 0.95 24.51 -37.00
N LEU C 38 1.66 25.26 -36.17
CA LEU C 38 1.01 26.14 -35.19
C LEU C 38 0.05 27.10 -35.90
N SER C 39 0.59 27.87 -36.84
CA SER C 39 -0.22 28.87 -37.51
C SER C 39 -1.42 28.27 -38.25
N VAL C 40 -1.25 27.09 -38.84
CA VAL C 40 -2.35 26.41 -39.52
C VAL C 40 -3.47 26.07 -38.53
N GLY C 41 -3.09 25.60 -37.32
CA GLY C 41 -4.06 25.26 -36.31
C GLY C 41 -4.80 26.48 -35.78
N VAL C 42 -4.05 27.55 -35.46
CA VAL C 42 -4.64 28.80 -34.98
C VAL C 42 -5.62 29.35 -36.00
N LYS C 43 -5.22 29.30 -37.27
CA LYS C 43 -6.08 29.79 -38.35
C LYS C 43 -7.34 28.95 -38.44
N LYS C 44 -7.22 27.62 -38.36
CA LYS C 44 -8.38 26.74 -38.49
C LYS C 44 -9.38 26.99 -37.36
N LEU C 45 -8.88 27.29 -36.16
CA LEU C 45 -9.77 27.67 -35.07
C LEU C 45 -10.41 29.03 -35.40
N GLU C 46 -9.66 29.93 -36.01
CA GLU C 46 -10.21 31.23 -36.30
C GLU C 46 -11.33 31.14 -37.33
N ASP C 47 -11.14 30.29 -38.33
CA ASP C 47 -12.12 30.09 -39.38
C ASP C 47 -13.36 29.50 -38.75
N GLU C 48 -13.15 28.47 -37.93
CA GLU C 48 -14.26 27.76 -37.31
C GLU C 48 -15.11 28.63 -36.35
N LEU C 49 -14.46 29.48 -35.56
CA LEU C 49 -15.19 30.37 -34.66
C LEU C 49 -15.69 31.62 -35.39
N GLY C 50 -15.37 31.74 -36.68
CA GLY C 50 -15.68 32.94 -37.45
C GLY C 50 -15.30 34.26 -36.80
N VAL C 51 -14.25 34.28 -35.99
CA VAL C 51 -13.76 35.51 -35.39
C VAL C 51 -12.22 35.47 -35.38
N LEU C 52 -11.57 36.63 -35.34
CA LEU C 52 -10.11 36.70 -35.30
C LEU C 52 -9.66 36.82 -33.87
N ILE C 53 -8.86 35.86 -33.42
CA ILE C 53 -8.39 35.86 -32.05
C ILE C 53 -7.18 36.74 -31.94
N PHE C 54 -6.36 36.64 -32.99
CA PHE C 54 -5.12 37.39 -33.04
C PHE C 54 -5.16 38.40 -34.17
N GLU C 55 -4.58 39.56 -33.88
CA GLU C 55 -4.11 40.50 -34.90
C GLU C 55 -3.65 39.78 -36.18
N ARG C 56 -4.30 40.05 -37.31
CA ARG C 56 -3.76 39.59 -38.59
C ARG C 56 -2.63 40.55 -39.04
N SER C 57 -1.61 40.64 -38.20
CA SER C 57 -0.56 41.63 -38.34
C SER C 57 0.78 40.98 -38.72
N LYS C 58 1.41 41.56 -39.74
CA LYS C 58 2.73 41.17 -40.24
C LYS C 58 3.81 41.32 -39.15
N SER C 59 3.83 42.48 -38.51
CA SER C 59 4.87 42.88 -37.56
C SER C 59 4.82 42.14 -36.21
N ALA C 60 3.67 42.19 -35.54
CA ALA C 60 3.55 41.69 -34.17
C ALA C 60 2.41 40.69 -33.98
N VAL C 61 2.48 39.89 -32.93
CA VAL C 61 1.37 39.03 -32.56
C VAL C 61 0.71 39.53 -31.29
N ARG C 62 -0.59 39.80 -31.39
CA ARG C 62 -1.34 40.26 -30.23
C ARG C 62 -2.86 40.03 -30.35
N LEU C 63 -3.50 40.10 -29.20
CA LEU C 63 -4.88 39.73 -29.06
C LEU C 63 -5.85 40.85 -29.42
N THR C 64 -6.78 40.54 -30.32
CA THR C 64 -7.98 41.36 -30.53
C THR C 64 -8.77 41.48 -29.21
N PRO C 65 -9.87 42.27 -29.19
CA PRO C 65 -10.66 42.38 -27.94
C PRO C 65 -11.34 41.07 -27.51
N VAL C 66 -12.01 40.42 -28.46
CA VAL C 66 -12.68 39.16 -28.18
C VAL C 66 -11.67 38.04 -27.92
N GLY C 67 -10.54 38.12 -28.63
CA GLY C 67 -9.46 37.16 -28.52
C GLY C 67 -9.01 36.96 -27.09
N GLU C 68 -9.04 38.02 -26.29
CA GLU C 68 -8.53 37.97 -24.90
C GLU C 68 -9.42 37.12 -24.01
N GLY C 69 -10.73 37.20 -24.25
CA GLY C 69 -11.68 36.41 -23.49
C GLY C 69 -11.66 34.97 -23.98
N ILE C 70 -11.47 34.82 -25.29
CA ILE C 70 -11.34 33.50 -25.89
C ILE C 70 -10.10 32.75 -25.29
N VAL C 71 -8.95 33.41 -25.26
CA VAL C 71 -7.74 32.84 -24.64
C VAL C 71 -7.99 32.54 -23.16
N ALA C 72 -8.63 33.49 -22.45
CA ALA C 72 -8.98 33.29 -21.02
C ALA C 72 -9.86 32.07 -20.74
N GLN C 73 -10.78 31.80 -21.65
CA GLN C 73 -11.65 30.64 -21.54
C GLN C 73 -10.87 29.35 -21.86
N ALA C 74 -10.13 29.42 -22.96
CA ALA C 74 -9.30 28.31 -23.41
C ALA C 74 -8.38 27.84 -22.29
N GLN C 75 -7.80 28.76 -21.54
CA GLN C 75 -6.93 28.28 -20.48
C GLN C 75 -7.71 27.41 -19.46
N LYS C 76 -8.85 27.90 -18.97
CA LYS C 76 -9.74 27.10 -18.10
C LYS C 76 -10.08 25.73 -18.69
N VAL C 77 -10.33 25.68 -19.99
CA VAL C 77 -10.58 24.39 -20.63
C VAL C 77 -9.40 23.43 -20.49
N LEU C 78 -8.19 23.95 -20.75
CA LEU C 78 -7.00 23.13 -20.68
C LEU C 78 -6.76 22.66 -19.24
N GLU C 79 -6.98 23.55 -18.28
CA GLU C 79 -6.77 23.22 -16.87
C GLU C 79 -7.69 22.08 -16.44
N GLN C 80 -8.99 22.25 -16.70
CA GLN C 80 -9.95 21.26 -16.22
C GLN C 80 -9.84 19.94 -16.98
N ALA C 81 -9.59 20.03 -18.29
CA ALA C 81 -9.29 18.80 -19.02
C ALA C 81 -8.07 18.12 -18.37
N GLN C 82 -7.09 18.88 -17.87
CA GLN C 82 -5.96 18.18 -17.23
C GLN C 82 -6.41 17.47 -15.95
N GLY C 83 -7.36 18.07 -15.24
CA GLY C 83 -8.00 17.37 -14.13
C GLY C 83 -8.59 16.01 -14.53
N ILE C 84 -9.09 15.88 -15.75
CA ILE C 84 -9.58 14.56 -16.14
C ILE C 84 -8.47 13.50 -16.04
N ARG C 85 -7.31 13.82 -16.59
CA ARG C 85 -6.17 12.90 -16.64
C ARG C 85 -5.67 12.57 -15.23
N GLU C 86 -5.70 13.58 -14.35
CA GLU C 86 -5.21 13.39 -13.00
C GLU C 86 -6.14 12.45 -12.26
N LEU C 87 -7.45 12.65 -12.43
CA LEU C 87 -8.45 11.78 -11.79
C LEU C 87 -8.26 10.36 -12.29
N ALA C 88 -8.05 10.22 -13.59
CA ALA C 88 -7.88 8.87 -14.15
C ALA C 88 -6.65 8.17 -13.58
N GLN C 89 -5.53 8.91 -13.44
CA GLN C 89 -4.32 8.27 -12.91
C GLN C 89 -4.52 7.89 -11.47
N ALA C 90 -5.17 8.75 -10.70
CA ALA C 90 -5.45 8.42 -9.31
C ALA C 90 -6.42 7.20 -9.20
N GLY C 91 -7.21 6.94 -10.23
CA GLY C 91 -8.16 5.83 -10.20
C GLY C 91 -7.62 4.45 -10.59
N LYS C 92 -6.40 4.39 -11.11
CA LYS C 92 -5.85 3.10 -11.56
C LYS C 92 -5.54 2.15 -10.38
N ASN C 93 -5.19 2.72 -9.23
CA ASN C 93 -4.86 1.94 -8.06
C ASN C 93 -6.14 1.46 -7.36
N GLN C 94 -6.40 0.15 -7.42
CA GLN C 94 -7.65 -0.40 -6.92
C GLN C 94 -7.52 -0.84 -5.46
N LEU C 95 -6.32 -0.67 -4.90
CA LEU C 95 -6.07 -1.05 -3.52
C LEU C 95 -5.87 0.16 -2.64
N ALA C 96 -6.78 1.11 -2.75
CA ALA C 96 -6.59 2.38 -2.04
C ALA C 96 -7.90 3.03 -1.67
N ALA C 97 -8.90 2.22 -1.38
CA ALA C 97 -10.17 2.72 -0.84
C ALA C 97 -10.87 1.63 -0.05
N PRO C 98 -11.79 1.99 0.87
CA PRO C 98 -12.48 0.94 1.64
C PRO C 98 -13.23 -0.06 0.74
N LEU C 99 -13.40 -1.30 1.18
CA LEU C 99 -14.20 -2.29 0.43
C LEU C 99 -15.43 -2.67 1.25
N LYS C 100 -16.62 -2.81 0.63
CA LYS C 100 -17.82 -3.14 1.40
C LYS C 100 -18.15 -4.63 1.29
N VAL C 101 -18.00 -5.37 2.38
CA VAL C 101 -18.10 -6.83 2.38
C VAL C 101 -19.21 -7.33 3.31
N GLY C 102 -20.08 -8.19 2.79
CA GLY C 102 -21.13 -8.80 3.57
C GLY C 102 -20.68 -10.23 3.92
N ALA C 103 -21.06 -10.77 5.08
CA ALA C 103 -20.81 -12.20 5.35
C ALA C 103 -22.02 -12.72 6.08
N ILE C 104 -22.36 -13.97 5.81
CA ILE C 104 -23.56 -14.44 6.51
C ILE C 104 -23.25 -14.67 8.00
N TYR C 105 -24.34 -14.71 8.75
CA TYR C 105 -24.31 -14.83 10.19
C TYR C 105 -23.44 -15.97 10.72
N THR C 106 -23.47 -17.11 10.06
CA THR C 106 -22.77 -18.29 10.53
C THR C 106 -21.36 -18.38 9.92
N ILE C 107 -20.92 -17.32 9.21
CA ILE C 107 -19.56 -17.30 8.69
C ILE C 107 -18.73 -16.16 9.26
N GLY C 108 -19.25 -14.94 9.11
CA GLY C 108 -18.59 -13.71 9.56
C GLY C 108 -17.73 -13.80 10.82
N PRO C 109 -18.35 -14.18 11.95
CA PRO C 109 -17.60 -14.17 13.22
C PRO C 109 -16.42 -15.15 13.18
N TYR C 110 -16.48 -16.15 12.31
CA TYR C 110 -15.44 -17.16 12.33
C TYR C 110 -14.39 -16.90 11.26
N LEU C 111 -14.71 -16.00 10.34
CA LEU C 111 -13.80 -15.68 9.24
C LEU C 111 -13.00 -14.37 9.44
N PHE C 112 -13.68 -13.28 9.79
CA PHE C 112 -12.95 -12.00 9.82
C PHE C 112 -11.70 -11.92 10.73
N PRO C 113 -11.71 -12.57 11.91
CA PRO C 113 -10.48 -12.43 12.70
C PRO C 113 -9.21 -12.99 12.04
N HIS C 114 -9.35 -13.99 11.17
CA HIS C 114 -8.17 -14.53 10.49
C HIS C 114 -7.87 -13.71 9.23
N LEU C 115 -8.94 -13.33 8.53
CA LEU C 115 -8.88 -12.56 7.27
C LEU C 115 -8.26 -11.17 7.41
N ILE C 116 -8.70 -10.42 8.40
CA ILE C 116 -8.34 -9.02 8.44
C ILE C 116 -6.84 -8.73 8.61
N PRO C 117 -6.13 -9.46 9.50
CA PRO C 117 -4.70 -9.09 9.61
C PRO C 117 -3.88 -9.41 8.33
N GLN C 118 -4.25 -10.51 7.68
CA GLN C 118 -3.67 -10.91 6.41
C GLN C 118 -3.91 -9.87 5.29
N LEU C 119 -5.18 -9.55 5.07
CA LEU C 119 -5.57 -8.47 4.20
C LEU C 119 -4.73 -7.23 4.51
N HIS C 120 -4.54 -6.91 5.79
CA HIS C 120 -3.78 -5.69 6.13
C HIS C 120 -2.32 -5.77 5.66
N ARG C 121 -1.69 -6.94 5.81
CA ARG C 121 -0.36 -7.14 5.22
C ARG C 121 -0.30 -6.86 3.71
N VAL C 122 -1.26 -7.37 2.93
CA VAL C 122 -1.10 -7.12 1.51
C VAL C 122 -1.76 -5.79 1.06
N ALA C 123 -2.82 -5.37 1.75
CA ALA C 123 -3.57 -4.18 1.33
C ALA C 123 -3.95 -3.24 2.49
N PRO C 124 -2.95 -2.57 3.09
CA PRO C 124 -3.21 -1.73 4.25
C PRO C 124 -4.11 -0.56 3.96
N GLN C 125 -4.22 -0.17 2.70
CA GLN C 125 -5.08 0.97 2.38
C GLN C 125 -6.48 0.51 1.98
N MET C 126 -6.80 -0.72 2.34
CA MET C 126 -8.09 -1.29 2.06
C MET C 126 -8.83 -1.68 3.35
N PRO C 127 -9.43 -0.69 4.03
CA PRO C 127 -10.15 -1.06 5.25
C PRO C 127 -11.47 -1.66 4.82
N LEU C 128 -12.14 -2.41 5.69
CA LEU C 128 -13.40 -3.08 5.35
C LEU C 128 -14.59 -2.42 6.01
N TYR C 129 -15.61 -2.12 5.23
CA TYR C 129 -16.91 -1.89 5.79
C TYR C 129 -17.60 -3.25 5.85
N ILE C 130 -18.12 -3.65 7.01
CA ILE C 130 -18.57 -5.03 7.17
C ILE C 130 -20.03 -5.10 7.55
N GLU C 131 -20.74 -6.02 6.93
CA GLU C 131 -22.15 -6.26 7.28
C GLU C 131 -22.45 -7.77 7.42
N GLU C 132 -23.01 -8.22 8.53
CA GLU C 132 -23.46 -9.61 8.62
C GLU C 132 -24.97 -9.68 8.43
N ASN C 133 -25.43 -10.69 7.70
CA ASN C 133 -26.90 -10.78 7.46
C ASN C 133 -27.25 -12.09 6.80
N PHE C 134 -28.56 -12.30 6.60
CA PHE C 134 -29.07 -13.48 5.91
C PHE C 134 -28.62 -13.47 4.46
N THR C 135 -28.41 -14.67 3.91
CA THR C 135 -28.02 -14.85 2.53
C THR C 135 -28.77 -13.98 1.51
N HIS C 136 -30.10 -14.02 1.55
CA HIS C 136 -30.85 -13.29 0.54
C HIS C 136 -30.71 -11.77 0.70
N ILE C 137 -30.57 -11.27 1.93
CA ILE C 137 -30.38 -9.82 2.09
C ILE C 137 -29.03 -9.44 1.47
N LEU C 138 -28.00 -10.24 1.75
CA LEU C 138 -26.68 -9.94 1.23
C LEU C 138 -26.71 -10.01 -0.30
N ARG C 139 -27.44 -10.99 -0.82
CA ARG C 139 -27.64 -11.14 -2.26
C ARG C 139 -28.19 -9.83 -2.86
N ASP C 140 -29.30 -9.36 -2.28
CA ASP C 140 -29.88 -8.10 -2.70
C ASP C 140 -28.88 -6.94 -2.66
N LYS C 141 -28.11 -6.83 -1.58
CA LYS C 141 -27.19 -5.71 -1.45
C LYS C 141 -26.05 -5.80 -2.45
N LEU C 142 -25.57 -7.00 -2.74
CA LEU C 142 -24.60 -7.20 -3.79
C LEU C 142 -25.16 -6.73 -5.14
N ARG C 143 -26.43 -7.04 -5.38
CA ARG C 143 -27.09 -6.76 -6.65
C ARG C 143 -27.23 -5.26 -6.91
N THR C 144 -27.80 -4.55 -5.94
CA THR C 144 -27.92 -3.10 -5.98
C THR C 144 -26.62 -2.36 -5.92
N GLY C 145 -25.50 -3.06 -5.70
CA GLY C 145 -24.21 -2.40 -5.53
C GLY C 145 -23.90 -1.90 -4.12
N GLU C 146 -24.85 -2.05 -3.19
CA GLU C 146 -24.59 -1.61 -1.81
C GLU C 146 -23.46 -2.41 -1.14
N LEU C 147 -23.11 -3.59 -1.66
CA LEU C 147 -21.94 -4.32 -1.14
C LEU C 147 -21.09 -4.70 -2.31
N ASP C 148 -19.78 -4.74 -2.13
CA ASP C 148 -18.92 -5.11 -3.24
C ASP C 148 -18.69 -6.60 -3.35
N ALA C 149 -18.71 -7.31 -2.22
CA ALA C 149 -18.48 -8.75 -2.18
C ALA C 149 -19.22 -9.33 -1.00
N ILE C 150 -19.71 -10.56 -1.15
CA ILE C 150 -20.33 -11.23 -0.02
C ILE C 150 -19.72 -12.62 0.16
N ILE C 151 -19.59 -13.05 1.42
CA ILE C 151 -19.11 -14.37 1.73
C ILE C 151 -20.32 -15.20 2.16
N ILE C 152 -20.67 -16.18 1.30
CA ILE C 152 -21.88 -17.01 1.44
C ILE C 152 -21.47 -18.49 1.41
N ALA C 153 -22.44 -19.39 1.54
CA ALA C 153 -22.13 -20.80 1.42
C ALA C 153 -22.86 -21.35 0.20
N LEU C 154 -22.25 -22.33 -0.48
CA LEU C 154 -22.88 -22.88 -1.67
C LEU C 154 -24.04 -23.79 -1.25
N PRO C 155 -25.04 -23.96 -2.12
CA PRO C 155 -25.11 -23.46 -3.51
C PRO C 155 -25.50 -21.98 -3.59
N PHE C 156 -24.84 -21.25 -4.49
CA PHE C 156 -25.17 -19.86 -4.78
C PHE C 156 -24.97 -19.61 -6.26
N GLN C 157 -26.04 -19.21 -6.96
CA GLN C 157 -25.87 -18.80 -8.36
C GLN C 157 -26.79 -17.63 -8.62
N GLU C 158 -26.25 -16.63 -9.28
CA GLU C 158 -26.98 -15.39 -9.53
C GLU C 158 -26.57 -14.81 -10.85
N ALA C 159 -27.51 -14.07 -11.44
CA ALA C 159 -27.36 -13.41 -12.74
C ALA C 159 -26.31 -12.31 -12.65
N ASP C 160 -25.25 -12.48 -13.44
CA ASP C 160 -24.15 -11.53 -13.66
C ASP C 160 -23.16 -11.56 -12.51
N VAL C 161 -23.33 -12.56 -11.65
CA VAL C 161 -22.55 -12.68 -10.44
C VAL C 161 -21.62 -13.85 -10.55
N LEU C 162 -20.37 -13.65 -10.12
CA LEU C 162 -19.34 -14.67 -10.11
C LEU C 162 -19.12 -15.22 -8.71
N THR C 163 -18.83 -16.52 -8.64
CA THR C 163 -18.69 -17.24 -7.38
C THR C 163 -17.39 -18.03 -7.36
N LYS C 164 -16.56 -17.83 -6.36
CA LYS C 164 -15.34 -18.62 -6.26
C LYS C 164 -15.34 -19.40 -4.92
N PRO C 165 -15.32 -20.74 -4.98
CA PRO C 165 -15.21 -21.52 -3.75
C PRO C 165 -13.93 -21.17 -3.01
N LEU C 166 -14.02 -20.98 -1.69
CA LEU C 166 -12.86 -20.68 -0.85
C LEU C 166 -12.39 -21.89 -0.04
N PHE C 167 -13.32 -22.56 0.66
CA PHE C 167 -12.93 -23.77 1.39
C PHE C 167 -14.12 -24.62 1.79
N ASP C 168 -13.86 -25.90 2.05
CA ASP C 168 -14.87 -26.81 2.59
C ASP C 168 -14.73 -26.91 4.10
N GLU C 169 -15.87 -27.01 4.76
CA GLU C 169 -15.94 -26.96 6.22
C GLU C 169 -16.83 -28.10 6.76
N PRO C 170 -16.23 -29.08 7.40
CA PRO C 170 -17.04 -30.12 8.06
C PRO C 170 -17.85 -29.58 9.26
N PHE C 171 -18.96 -30.24 9.60
CA PHE C 171 -19.79 -29.90 10.75
C PHE C 171 -19.40 -30.77 11.94
N TYR C 172 -19.58 -30.24 13.15
CA TYR C 172 -19.31 -31.00 14.38
C TYR C 172 -20.51 -30.91 15.32
N VAL C 173 -20.64 -31.90 16.20
CA VAL C 173 -21.69 -31.87 17.21
C VAL C 173 -21.14 -31.28 18.50
N LEU C 174 -21.86 -30.29 19.01
CA LEU C 174 -21.53 -29.56 20.22
C LEU C 174 -22.40 -30.03 21.35
N MET C 175 -21.79 -30.31 22.50
CA MET C 175 -22.51 -30.82 23.66
C MET C 175 -21.87 -30.26 24.91
N PRO C 176 -22.58 -30.23 26.05
CA PRO C 176 -21.98 -29.86 27.33
C PRO C 176 -20.96 -30.93 27.74
N ALA C 177 -19.91 -30.58 28.46
CA ALA C 177 -18.82 -31.52 28.67
C ALA C 177 -19.23 -32.70 29.53
N ASP C 178 -20.29 -32.56 30.30
CA ASP C 178 -20.72 -33.67 31.16
C ASP C 178 -21.84 -34.51 30.52
N HIS C 179 -22.00 -34.39 29.20
CA HIS C 179 -23.08 -35.05 28.47
C HIS C 179 -22.73 -36.49 28.16
N PRO C 180 -23.72 -37.41 28.20
CA PRO C 180 -23.48 -38.84 27.91
C PRO C 180 -22.81 -39.06 26.55
N TRP C 181 -23.17 -38.25 25.53
CA TRP C 181 -22.56 -38.39 24.20
C TRP C 181 -21.08 -38.17 24.25
N THR C 182 -20.54 -37.58 25.32
CA THR C 182 -19.08 -37.39 25.33
C THR C 182 -18.38 -38.76 25.36
N ALA C 183 -19.07 -39.78 25.86
CA ALA C 183 -18.49 -41.14 25.81
C ALA C 183 -18.29 -41.67 24.37
N LYS C 184 -19.08 -41.18 23.41
CA LYS C 184 -19.03 -41.67 22.03
C LYS C 184 -17.81 -41.17 21.25
N ALA C 185 -17.41 -41.91 20.21
CA ALA C 185 -16.33 -41.42 19.34
C ALA C 185 -16.86 -40.56 18.19
N SER C 186 -18.04 -40.88 17.68
CA SER C 186 -18.67 -40.07 16.68
C SER C 186 -20.16 -40.11 16.88
N ILE C 187 -20.86 -39.16 16.31
CA ILE C 187 -22.31 -39.10 16.50
C ILE C 187 -22.97 -39.43 15.17
N ASP C 188 -23.80 -40.46 15.18
CA ASP C 188 -24.66 -40.78 14.05
C ASP C 188 -25.68 -39.68 13.94
N SER C 189 -25.81 -39.06 12.76
CA SER C 189 -26.68 -37.89 12.59
C SER C 189 -28.11 -38.23 12.87
N GLU C 190 -28.45 -39.51 12.82
CA GLU C 190 -29.85 -39.87 13.09
C GLU C 190 -30.19 -39.70 14.57
N LEU C 191 -29.17 -39.58 15.40
CA LEU C 191 -29.38 -39.27 16.82
C LEU C 191 -29.91 -37.85 17.03
N LEU C 192 -29.73 -36.96 16.03
CA LEU C 192 -30.04 -35.54 16.24
C LEU C 192 -31.54 -35.22 16.25
N ASN C 193 -32.42 -36.12 15.80
CA ASN C 193 -33.86 -35.78 15.80
C ASN C 193 -34.45 -35.89 17.20
N ASP C 194 -34.30 -34.83 17.99
CA ASP C 194 -34.68 -34.88 19.40
C ASP C 194 -34.89 -33.46 19.87
N LYS C 195 -35.81 -33.26 20.82
CA LYS C 195 -36.08 -31.92 21.31
C LYS C 195 -34.81 -31.24 21.91
N SER C 196 -33.81 -32.00 22.37
CA SER C 196 -32.58 -31.36 22.88
C SER C 196 -31.64 -30.78 21.79
N LEU C 197 -31.96 -30.99 20.51
CA LEU C 197 -31.20 -30.32 19.44
C LEU C 197 -31.64 -28.89 19.30
N LEU C 198 -30.72 -27.95 19.49
CA LEU C 198 -31.08 -26.55 19.29
C LEU C 198 -30.60 -26.12 17.92
N LEU C 199 -31.49 -25.52 17.14
CA LEU C 199 -31.20 -25.06 15.79
C LEU C 199 -31.53 -23.60 15.56
N LEU C 200 -30.84 -22.98 14.61
CA LEU C 200 -31.20 -21.65 14.17
C LEU C 200 -32.56 -21.62 13.44
N GLY C 201 -33.22 -20.47 13.44
CA GLY C 201 -34.53 -20.32 12.82
C GLY C 201 -34.45 -20.35 11.30
N GLU C 202 -35.59 -20.22 10.65
CA GLU C 202 -35.57 -20.26 9.18
C GLU C 202 -34.97 -18.96 8.66
N GLY C 203 -34.33 -19.01 7.50
CA GLY C 203 -33.62 -17.84 7.05
C GLY C 203 -32.13 -18.12 7.03
N HIS C 204 -31.66 -18.88 8.04
CA HIS C 204 -30.25 -19.30 8.09
C HIS C 204 -30.07 -20.57 7.26
N ASP C 205 -29.26 -20.52 6.20
CA ASP C 205 -29.15 -21.71 5.39
C ASP C 205 -28.41 -22.84 6.13
N PHE C 206 -27.74 -22.50 7.23
CA PHE C 206 -27.06 -23.50 8.05
C PHE C 206 -28.07 -24.48 8.63
N ARG C 207 -29.22 -23.98 9.09
CA ARG C 207 -30.33 -24.82 9.59
C ARG C 207 -30.68 -25.98 8.64
N ASP C 208 -30.84 -25.65 7.35
CA ASP C 208 -31.17 -26.68 6.37
C ASP C 208 -30.01 -27.56 6.06
N GLN C 209 -28.81 -27.00 6.08
CA GLN C 209 -27.66 -27.85 5.92
C GLN C 209 -27.63 -28.91 7.03
N VAL C 210 -27.89 -28.50 8.28
CA VAL C 210 -27.89 -29.47 9.37
C VAL C 210 -29.04 -30.48 9.19
N LEU C 211 -30.24 -29.99 8.91
CA LEU C 211 -31.40 -30.88 8.83
C LEU C 211 -31.29 -31.87 7.68
N GLU C 212 -30.74 -31.44 6.58
CA GLU C 212 -30.63 -32.33 5.46
C GLU C 212 -29.39 -33.22 5.65
N ALA C 213 -28.56 -32.92 6.65
CA ALA C 213 -27.51 -33.89 6.99
C ALA C 213 -28.03 -35.07 7.81
N CYS C 214 -29.32 -35.06 8.17
CA CYS C 214 -29.98 -36.11 8.98
C CYS C 214 -30.92 -36.99 8.14
N PRO C 215 -31.05 -38.28 8.51
CA PRO C 215 -31.88 -39.15 7.65
C PRO C 215 -33.34 -38.85 7.85
N THR C 216 -34.10 -38.75 6.76
CA THR C 216 -35.53 -38.47 6.87
C THR C 216 -36.26 -39.59 7.62
N VAL C 217 -37.26 -39.25 8.43
CA VAL C 217 -37.86 -40.24 9.33
C VAL C 217 -39.34 -40.46 9.04
N ARG C 218 -39.95 -41.39 9.79
CA ARG C 218 -41.36 -41.74 9.59
C ARG C 218 -42.29 -40.54 9.83
N LYS C 219 -43.55 -40.70 9.44
CA LYS C 219 -44.54 -39.62 9.57
C LYS C 219 -44.89 -39.40 11.03
N GLY C 220 -44.89 -38.14 11.45
CA GLY C 220 -45.23 -37.78 12.82
C GLY C 220 -44.04 -37.30 13.64
N ASP C 221 -42.83 -37.67 13.22
CA ASP C 221 -41.63 -37.38 14.00
C ASP C 221 -40.59 -36.54 13.25
N GLU C 222 -41.01 -35.72 12.29
CA GLU C 222 -40.08 -35.12 11.34
C GLU C 222 -39.12 -34.07 11.92
N ASN C 223 -39.66 -33.18 12.75
CA ASN C 223 -38.87 -32.08 13.27
C ASN C 223 -38.97 -31.98 14.77
N LYS C 224 -38.29 -32.88 15.48
CA LYS C 224 -38.41 -32.85 16.93
C LYS C 224 -37.50 -31.80 17.60
N HIS C 225 -36.54 -31.27 16.85
CA HIS C 225 -35.58 -30.32 17.39
C HIS C 225 -36.22 -29.04 17.96
N THR C 226 -35.51 -28.35 18.85
CA THR C 226 -35.95 -27.03 19.33
C THR C 226 -35.40 -25.89 18.45
N THR C 227 -36.26 -25.01 17.93
CA THR C 227 -35.76 -23.88 17.13
C THR C 227 -35.65 -22.62 17.98
N VAL C 228 -34.58 -21.85 17.79
CA VAL C 228 -34.36 -20.60 18.54
C VAL C 228 -34.33 -19.37 17.61
N GLU C 229 -34.67 -18.20 18.16
CA GLU C 229 -34.77 -16.94 17.42
C GLU C 229 -33.43 -16.27 17.19
N SER C 230 -32.39 -16.83 17.80
CA SER C 230 -31.03 -16.29 17.72
C SER C 230 -30.46 -16.25 16.30
N SER C 231 -29.91 -15.12 15.88
CA SER C 231 -29.15 -15.05 14.63
C SER C 231 -27.68 -15.51 14.83
N SER C 232 -27.42 -16.08 16.01
CA SER C 232 -26.06 -16.36 16.42
C SER C 232 -25.88 -17.78 16.94
N LEU C 233 -24.81 -18.41 16.47
CA LEU C 233 -24.46 -19.71 16.95
C LEU C 233 -23.90 -19.55 18.36
N GLU C 234 -23.51 -18.33 18.75
CA GLU C 234 -22.77 -18.14 19.98
C GLU C 234 -23.78 -18.19 21.12
N THR C 235 -24.97 -17.68 20.88
CA THR C 235 -26.05 -17.78 21.81
C THR C 235 -26.46 -19.24 22.10
N ILE C 236 -26.54 -20.05 21.06
CA ILE C 236 -26.77 -21.47 21.21
C ILE C 236 -25.63 -22.13 21.94
N ARG C 237 -24.41 -21.72 21.66
CA ARG C 237 -23.29 -22.30 22.36
C ARG C 237 -23.45 -22.00 23.86
N HIS C 238 -24.00 -20.85 24.22
CA HIS C 238 -24.13 -20.56 25.65
C HIS C 238 -25.17 -21.45 26.24
N MET C 239 -26.28 -21.63 25.53
CA MET C 239 -27.31 -22.54 26.05
C MET C 239 -26.76 -23.96 26.23
N VAL C 240 -25.96 -24.41 25.29
CA VAL C 240 -25.43 -25.78 25.39
C VAL C 240 -24.47 -25.84 26.58
N ALA C 241 -23.67 -24.81 26.72
CA ALA C 241 -22.73 -24.77 27.84
C ALA C 241 -23.45 -24.88 29.21
N SER C 242 -24.68 -24.43 29.29
CA SER C 242 -25.38 -24.36 30.54
C SER C 242 -26.15 -25.66 30.75
N GLY C 243 -26.07 -26.55 29.75
CA GLY C 243 -26.59 -27.91 29.87
C GLY C 243 -27.99 -28.07 29.28
N LEU C 244 -28.37 -27.15 28.40
CA LEU C 244 -29.73 -27.13 27.91
C LEU C 244 -29.99 -28.14 26.80
N GLY C 245 -28.97 -28.47 26.02
CA GLY C 245 -29.19 -29.40 24.92
C GLY C 245 -27.89 -29.51 24.14
N VAL C 246 -27.97 -29.98 22.89
CA VAL C 246 -26.78 -30.16 22.02
C VAL C 246 -27.00 -29.31 20.76
N SER C 247 -25.98 -29.18 19.91
CA SER C 247 -26.20 -28.45 18.69
C SER C 247 -25.12 -28.76 17.68
N VAL C 248 -25.14 -28.06 16.55
CA VAL C 248 -24.20 -28.39 15.46
C VAL C 248 -23.47 -27.11 15.09
N LEU C 249 -22.15 -27.19 14.99
CA LEU C 249 -21.32 -26.05 14.53
C LEU C 249 -20.53 -26.33 13.26
N PRO C 250 -20.28 -25.29 12.46
CA PRO C 250 -19.29 -25.47 11.38
C PRO C 250 -17.94 -25.51 12.03
N PHE C 251 -17.00 -26.19 11.40
CA PHE C 251 -15.66 -26.38 11.97
C PHE C 251 -14.97 -25.08 12.36
N SER C 252 -15.14 -24.01 11.57
CA SER C 252 -14.37 -22.81 11.90
C SER C 252 -14.94 -22.14 13.17
N ALA C 253 -16.09 -22.60 13.68
CA ALA C 253 -16.62 -22.02 14.91
C ALA C 253 -16.25 -22.83 16.21
N VAL C 254 -15.69 -24.03 16.08
CA VAL C 254 -15.62 -24.91 17.24
C VAL C 254 -14.71 -24.34 18.30
N ASP C 255 -13.60 -23.71 17.93
CA ASP C 255 -12.72 -23.22 18.96
C ASP C 255 -12.84 -21.71 19.20
N SER C 256 -13.81 -21.09 18.52
CA SER C 256 -14.07 -19.66 18.62
C SER C 256 -14.94 -19.32 19.83
N HIS C 257 -14.39 -19.43 21.03
CA HIS C 257 -15.14 -19.11 22.26
C HIS C 257 -14.14 -18.94 23.37
N HIS C 258 -14.61 -18.46 24.53
CA HIS C 258 -13.71 -18.16 25.64
C HIS C 258 -13.98 -19.02 26.88
N TYR C 259 -14.44 -20.27 26.70
CA TYR C 259 -14.63 -21.13 27.85
C TYR C 259 -13.38 -21.90 28.17
N ALA C 260 -13.19 -22.22 29.44
CA ALA C 260 -12.08 -23.07 29.86
C ALA C 260 -12.37 -24.49 29.42
N PRO C 261 -11.36 -25.37 29.48
CA PRO C 261 -11.64 -26.80 29.26
C PRO C 261 -12.65 -27.31 30.29
N GLY C 262 -13.38 -28.36 29.95
CA GLY C 262 -14.34 -28.91 30.89
C GLY C 262 -15.72 -28.29 30.83
N VAL C 263 -15.93 -27.34 29.92
CA VAL C 263 -17.27 -26.76 29.79
C VAL C 263 -18.10 -27.27 28.60
N ILE C 264 -17.53 -27.26 27.39
CA ILE C 264 -18.19 -27.76 26.20
C ILE C 264 -17.28 -28.71 25.48
N GLU C 265 -17.87 -29.65 24.76
CA GLU C 265 -17.10 -30.59 23.96
C GLU C 265 -17.70 -30.67 22.58
N VAL C 266 -16.91 -31.24 21.69
CA VAL C 266 -17.36 -31.39 20.34
C VAL C 266 -17.02 -32.84 19.95
N ARG C 267 -17.88 -33.48 19.15
CA ARG C 267 -17.57 -34.80 18.57
C ARG C 267 -17.92 -34.75 17.09
N PRO C 268 -17.14 -35.43 16.23
CA PRO C 268 -17.42 -35.42 14.79
C PRO C 268 -18.65 -36.24 14.44
N PHE C 269 -19.22 -36.02 13.27
CA PHE C 269 -20.30 -36.88 12.79
C PHE C 269 -19.71 -38.24 12.42
N SER C 270 -20.51 -39.30 12.37
CA SER C 270 -20.04 -40.56 11.77
C SER C 270 -20.02 -40.35 10.27
N ALA C 271 -19.14 -41.04 9.56
CA ALA C 271 -19.05 -40.88 8.11
C ALA C 271 -20.32 -41.35 7.36
N PRO C 272 -20.63 -40.71 6.20
CA PRO C 272 -19.95 -39.55 5.60
C PRO C 272 -20.30 -38.25 6.31
N VAL C 273 -19.27 -37.46 6.60
CA VAL C 273 -19.40 -36.21 7.35
C VAL C 273 -20.05 -35.08 6.53
N PRO C 274 -21.10 -34.45 7.06
CA PRO C 274 -21.73 -33.33 6.34
C PRO C 274 -20.80 -32.12 6.29
N PHE C 275 -20.91 -31.25 5.29
CA PHE C 275 -20.03 -30.09 5.23
C PHE C 275 -20.64 -28.98 4.41
N ARG C 276 -20.03 -27.80 4.47
CA ARG C 276 -20.49 -26.76 3.54
C ARG C 276 -19.28 -26.22 2.78
N THR C 277 -19.53 -25.55 1.66
CA THR C 277 -18.47 -24.88 0.92
C THR C 277 -18.70 -23.40 1.05
N VAL C 278 -17.73 -22.72 1.69
CA VAL C 278 -17.71 -21.27 1.80
C VAL C 278 -17.11 -20.72 0.50
N ALA C 279 -17.79 -19.71 -0.03
CA ALA C 279 -17.41 -19.07 -1.29
C ALA C 279 -17.59 -17.53 -1.24
N ILE C 280 -16.87 -16.83 -2.12
CA ILE C 280 -17.02 -15.39 -2.28
C ILE C 280 -17.81 -15.06 -3.55
N ALA C 281 -18.79 -14.17 -3.45
CA ALA C 281 -19.57 -13.74 -4.59
C ALA C 281 -19.39 -12.24 -4.84
N TRP C 282 -19.33 -11.87 -6.13
CA TRP C 282 -19.24 -10.46 -6.53
C TRP C 282 -19.75 -10.26 -7.95
N ARG C 283 -20.21 -9.05 -8.27
CA ARG C 283 -20.74 -8.73 -9.59
C ARG C 283 -19.63 -8.82 -10.65
N ALA C 284 -19.90 -9.46 -11.79
CA ALA C 284 -18.83 -9.68 -12.80
C ALA C 284 -18.27 -8.36 -13.33
N SER C 285 -19.12 -7.35 -13.49
CA SER C 285 -18.62 -6.06 -13.96
C SER C 285 -18.23 -5.10 -12.83
N PHE C 286 -17.90 -5.63 -11.65
CA PHE C 286 -17.38 -4.78 -10.57
C PHE C 286 -16.00 -4.27 -10.97
N PRO C 287 -15.82 -2.95 -10.94
CA PRO C 287 -14.68 -2.24 -11.51
C PRO C 287 -13.40 -2.28 -10.66
N ARG C 288 -13.36 -3.08 -9.57
CA ARG C 288 -12.12 -3.29 -8.77
C ARG C 288 -11.76 -4.75 -8.58
N PRO C 289 -11.58 -5.48 -9.68
CA PRO C 289 -11.30 -6.92 -9.62
C PRO C 289 -10.07 -7.25 -8.81
N ARG C 290 -9.13 -6.33 -8.70
CA ARG C 290 -7.93 -6.63 -7.94
C ARG C 290 -8.17 -6.61 -6.40
N ALA C 291 -9.09 -5.77 -5.94
CA ALA C 291 -9.40 -5.73 -4.51
C ALA C 291 -10.08 -7.03 -4.12
N ILE C 292 -11.02 -7.47 -4.97
CA ILE C 292 -11.70 -8.75 -4.84
C ILE C 292 -10.70 -9.90 -4.73
N GLU C 293 -9.78 -9.91 -5.67
CA GLU C 293 -8.75 -10.92 -5.74
C GLU C 293 -7.95 -10.98 -4.45
N VAL C 294 -7.60 -9.82 -3.91
CA VAL C 294 -6.84 -9.80 -2.65
C VAL C 294 -7.67 -10.22 -1.41
N LEU C 295 -8.95 -9.88 -1.41
CA LEU C 295 -9.85 -10.35 -0.38
C LEU C 295 -9.84 -11.87 -0.38
N ALA C 296 -10.10 -12.43 -1.55
CA ALA C 296 -10.29 -13.89 -1.63
C ALA C 296 -8.98 -14.60 -1.27
N ASP C 297 -7.85 -14.12 -1.79
CA ASP C 297 -6.57 -14.70 -1.40
C ASP C 297 -6.30 -14.61 0.09
N SER C 298 -6.83 -13.57 0.76
CA SER C 298 -6.56 -13.38 2.19
C SER C 298 -7.39 -14.35 3.05
N ILE C 299 -8.52 -14.77 2.51
CA ILE C 299 -9.33 -15.77 3.20
C ILE C 299 -8.60 -17.13 3.29
N ARG C 300 -7.86 -17.46 2.23
CA ARG C 300 -7.07 -18.69 2.22
C ARG C 300 -5.63 -18.45 2.72
N HIS D 4 -73.54 -15.52 33.97
CA HIS D 4 -72.56 -15.51 32.89
C HIS D 4 -71.53 -16.65 33.06
N HIS D 5 -70.49 -16.65 32.22
CA HIS D 5 -69.38 -17.64 32.29
C HIS D 5 -68.26 -17.21 33.26
N HIS D 6 -67.92 -18.06 34.22
CA HIS D 6 -66.94 -17.69 35.23
C HIS D 6 -65.55 -18.09 34.73
N MET D 7 -64.60 -17.16 34.91
CA MET D 7 -63.21 -17.28 34.49
C MET D 7 -62.49 -18.37 35.25
N THR D 8 -61.70 -19.18 34.56
CA THR D 8 -60.97 -20.24 35.22
C THR D 8 -59.45 -20.11 35.03
N LEU D 9 -58.69 -20.55 36.03
CA LEU D 9 -57.23 -20.57 35.93
C LEU D 9 -56.77 -21.35 34.69
N THR D 10 -57.50 -22.40 34.34
CA THR D 10 -57.24 -23.17 33.10
C THR D 10 -57.27 -22.30 31.84
N GLU D 11 -58.24 -21.42 31.72
CA GLU D 11 -58.35 -20.59 30.52
C GLU D 11 -57.20 -19.58 30.48
N LEU D 12 -56.90 -19.01 31.64
CA LEU D 12 -55.75 -18.13 31.80
C LEU D 12 -54.46 -18.82 31.33
N ARG D 13 -54.31 -20.08 31.71
CA ARG D 13 -53.16 -20.84 31.27
C ARG D 13 -53.18 -21.04 29.72
N TYR D 14 -54.35 -21.30 29.14
CA TYR D 14 -54.49 -21.43 27.67
C TYR D 14 -54.00 -20.18 26.95
N ILE D 15 -54.48 -19.01 27.37
CA ILE D 15 -54.09 -17.81 26.65
C ILE D 15 -52.63 -17.47 26.90
N VAL D 16 -52.15 -17.64 28.13
CA VAL D 16 -50.78 -17.26 28.41
C VAL D 16 -49.82 -18.16 27.61
N THR D 17 -50.14 -19.45 27.57
CA THR D 17 -49.28 -20.40 26.87
C THR D 17 -49.36 -20.13 25.38
N LEU D 18 -50.57 -19.85 24.86
CA LEU D 18 -50.70 -19.48 23.45
C LEU D 18 -49.88 -18.24 23.08
N ALA D 19 -50.01 -17.17 23.86
CA ALA D 19 -49.24 -15.96 23.62
C ALA D 19 -47.72 -16.23 23.60
N GLN D 20 -47.30 -17.11 24.49
CA GLN D 20 -45.87 -17.46 24.58
C GLN D 20 -45.40 -18.26 23.36
N GLU D 21 -46.10 -19.32 22.99
CA GLU D 21 -45.61 -20.17 21.90
C GLU D 21 -45.88 -19.60 20.53
N GLN D 22 -46.96 -18.81 20.43
CA GLN D 22 -47.43 -18.27 19.16
C GLN D 22 -47.67 -19.36 18.14
N HIS D 23 -48.32 -20.43 18.61
CA HIS D 23 -48.45 -21.63 17.81
C HIS D 23 -49.35 -22.62 18.54
N PHE D 24 -50.48 -22.95 17.95
CA PHE D 24 -51.48 -23.76 18.65
C PHE D 24 -50.99 -25.12 19.02
N GLY D 25 -50.16 -25.70 18.15
CA GLY D 25 -49.59 -27.01 18.39
C GLY D 25 -48.76 -27.07 19.65
N ARG D 26 -47.74 -26.21 19.73
CA ARG D 26 -46.85 -26.21 20.89
C ARG D 26 -47.53 -25.71 22.17
N ALA D 27 -48.54 -24.85 22.00
CA ALA D 27 -49.35 -24.36 23.12
C ALA D 27 -50.18 -25.47 23.74
N ALA D 28 -50.98 -26.13 22.88
CA ALA D 28 -51.81 -27.26 23.25
C ALA D 28 -50.97 -28.33 23.89
N GLU D 29 -49.92 -28.73 23.19
CA GLU D 29 -48.98 -29.69 23.72
C GLU D 29 -48.53 -29.28 25.14
N ARG D 30 -48.11 -28.02 25.29
CA ARG D 30 -47.63 -27.54 26.59
C ARG D 30 -48.72 -27.59 27.67
N CYS D 31 -49.98 -27.58 27.26
CA CYS D 31 -51.08 -27.62 28.23
C CYS D 31 -51.67 -29.02 28.43
N HIS D 32 -51.01 -30.04 27.87
CA HIS D 32 -51.50 -31.42 27.99
C HIS D 32 -52.96 -31.52 27.59
N VAL D 33 -53.26 -31.05 26.39
CA VAL D 33 -54.63 -30.85 25.93
C VAL D 33 -54.59 -30.83 24.38
N SER D 34 -55.64 -31.28 23.70
CA SER D 34 -55.65 -31.22 22.23
C SER D 34 -55.81 -29.79 21.72
N GLN D 35 -55.48 -29.56 20.45
CA GLN D 35 -55.66 -28.24 19.87
C GLN D 35 -57.11 -27.76 19.91
N PRO D 36 -58.08 -28.59 19.50
CA PRO D 36 -59.44 -28.07 19.51
C PRO D 36 -59.95 -27.73 20.91
N THR D 37 -59.54 -28.52 21.91
CA THR D 37 -59.87 -28.24 23.29
C THR D 37 -59.39 -26.84 23.70
N LEU D 38 -58.10 -26.60 23.43
CA LEU D 38 -57.46 -25.33 23.76
C LEU D 38 -58.15 -24.16 23.09
N SER D 39 -58.55 -24.37 21.82
CA SER D 39 -59.22 -23.32 21.07
C SER D 39 -60.60 -23.02 21.64
N VAL D 40 -61.32 -24.06 22.06
CA VAL D 40 -62.64 -23.87 22.68
C VAL D 40 -62.52 -23.08 23.96
N GLY D 41 -61.51 -23.42 24.76
CA GLY D 41 -61.30 -22.71 26.01
C GLY D 41 -61.06 -21.23 25.76
N VAL D 42 -60.07 -20.96 24.90
CA VAL D 42 -59.73 -19.59 24.63
C VAL D 42 -60.96 -18.85 24.10
N LYS D 43 -61.70 -19.48 23.18
CA LYS D 43 -62.85 -18.79 22.60
C LYS D 43 -63.93 -18.52 23.67
N LYS D 44 -64.08 -19.43 24.63
CA LYS D 44 -65.06 -19.22 25.67
C LYS D 44 -64.68 -18.03 26.55
N LEU D 45 -63.39 -17.90 26.83
CA LEU D 45 -62.96 -16.76 27.62
C LEU D 45 -63.13 -15.45 26.82
N GLU D 46 -62.86 -15.49 25.50
CA GLU D 46 -62.98 -14.29 24.67
C GLU D 46 -64.45 -13.89 24.60
N ASP D 47 -65.32 -14.88 24.45
CA ASP D 47 -66.75 -14.63 24.46
C ASP D 47 -67.13 -13.98 25.77
N GLU D 48 -66.71 -14.57 26.89
CA GLU D 48 -67.07 -13.98 28.19
C GLU D 48 -66.55 -12.55 28.43
N LEU D 49 -65.26 -12.29 28.16
CA LEU D 49 -64.72 -10.92 28.35
C LEU D 49 -65.34 -9.97 27.31
N GLY D 50 -65.78 -10.52 26.19
CA GLY D 50 -66.34 -9.75 25.11
C GLY D 50 -65.30 -8.97 24.32
N VAL D 51 -64.05 -9.43 24.34
CA VAL D 51 -63.08 -8.88 23.41
C VAL D 51 -62.22 -10.00 22.89
N LEU D 52 -61.50 -9.70 21.81
CA LEU D 52 -60.57 -10.65 21.25
C LEU D 52 -59.24 -10.47 21.97
N ILE D 53 -58.63 -11.58 22.31
CA ILE D 53 -57.31 -11.54 22.93
C ILE D 53 -56.30 -11.87 21.86
N PHE D 54 -56.74 -12.78 20.99
CA PHE D 54 -56.02 -13.19 19.81
C PHE D 54 -56.87 -12.87 18.59
N GLU D 55 -56.24 -12.47 17.51
CA GLU D 55 -56.94 -12.31 16.23
C GLU D 55 -57.59 -13.60 15.78
N ARG D 56 -58.78 -13.49 15.20
CA ARG D 56 -59.46 -14.66 14.67
C ARG D 56 -58.88 -15.02 13.31
N SER D 57 -57.87 -15.88 13.35
CA SER D 57 -57.15 -16.27 12.14
C SER D 57 -56.72 -17.73 12.21
N LYS D 58 -57.04 -18.47 11.15
CA LYS D 58 -56.61 -19.84 11.00
C LYS D 58 -55.09 -19.90 10.87
N SER D 59 -54.55 -18.96 10.09
CA SER D 59 -53.15 -18.97 9.64
C SER D 59 -52.11 -18.66 10.73
N ALA D 60 -52.44 -17.79 11.68
CA ALA D 60 -51.43 -17.26 12.60
C ALA D 60 -51.95 -17.03 14.02
N VAL D 61 -51.01 -16.93 14.96
CA VAL D 61 -51.32 -16.54 16.32
C VAL D 61 -50.83 -15.11 16.57
N ARG D 62 -51.78 -14.19 16.69
CA ARG D 62 -51.47 -12.76 16.85
C ARG D 62 -52.29 -12.18 17.97
N LEU D 63 -51.59 -11.65 18.99
CA LEU D 63 -52.20 -10.91 20.09
C LEU D 63 -52.77 -9.58 19.63
N THR D 64 -53.95 -9.24 20.11
CA THR D 64 -54.56 -7.95 19.88
C THR D 64 -53.97 -6.96 20.88
N PRO D 65 -54.15 -5.64 20.67
CA PRO D 65 -53.66 -4.68 21.68
C PRO D 65 -54.22 -4.93 23.10
N VAL D 66 -55.53 -5.15 23.23
CA VAL D 66 -56.10 -5.36 24.56
C VAL D 66 -55.61 -6.70 25.10
N GLY D 67 -55.47 -7.66 24.20
CA GLY D 67 -54.99 -8.98 24.57
C GLY D 67 -53.59 -9.03 25.18
N GLU D 68 -52.74 -8.08 24.80
CA GLU D 68 -51.43 -8.02 25.42
C GLU D 68 -51.56 -7.72 26.91
N GLY D 69 -52.28 -6.65 27.26
CA GLY D 69 -52.51 -6.28 28.66
C GLY D 69 -53.19 -7.40 29.43
N ILE D 70 -54.09 -8.11 28.75
CA ILE D 70 -54.83 -9.16 29.42
C ILE D 70 -53.92 -10.37 29.69
N VAL D 71 -53.02 -10.67 28.77
CA VAL D 71 -52.11 -11.77 28.96
C VAL D 71 -51.07 -11.46 30.05
N ALA D 72 -50.53 -10.25 30.04
CA ALA D 72 -49.67 -9.83 31.14
C ALA D 72 -50.37 -10.02 32.52
N GLN D 73 -51.62 -9.56 32.61
CA GLN D 73 -52.36 -9.69 33.87
C GLN D 73 -52.65 -11.15 34.23
N ALA D 74 -52.96 -11.95 33.22
CA ALA D 74 -53.16 -13.38 33.44
C ALA D 74 -51.91 -14.09 33.94
N GLN D 75 -50.74 -13.75 33.38
CA GLN D 75 -49.48 -14.35 33.81
C GLN D 75 -49.28 -13.98 35.27
N LYS D 76 -49.55 -12.72 35.61
CA LYS D 76 -49.49 -12.35 37.01
C LYS D 76 -50.43 -13.21 37.91
N VAL D 77 -51.70 -13.37 37.51
CA VAL D 77 -52.68 -14.16 38.27
C VAL D 77 -52.20 -15.58 38.49
N LEU D 78 -51.75 -16.21 37.42
CA LEU D 78 -51.22 -17.57 37.51
C LEU D 78 -50.01 -17.68 38.43
N GLU D 79 -49.14 -16.68 38.44
CA GLU D 79 -47.96 -16.81 39.28
C GLU D 79 -48.33 -16.59 40.76
N GLN D 80 -49.30 -15.72 41.00
CA GLN D 80 -49.78 -15.52 42.37
C GLN D 80 -50.49 -16.77 42.91
N ALA D 81 -51.31 -17.39 42.08
CA ALA D 81 -51.90 -18.69 42.42
C ALA D 81 -50.80 -19.71 42.73
N GLN D 82 -49.78 -19.82 41.87
CA GLN D 82 -48.67 -20.75 42.13
C GLN D 82 -48.01 -20.42 43.50
N GLY D 83 -47.95 -19.13 43.81
CA GLY D 83 -47.42 -18.64 45.08
C GLY D 83 -48.15 -19.20 46.29
N ILE D 84 -49.45 -19.47 46.14
CA ILE D 84 -50.17 -20.21 47.20
C ILE D 84 -49.54 -21.57 47.52
N ARG D 85 -49.30 -22.40 46.50
CA ARG D 85 -48.57 -23.67 46.68
C ARG D 85 -47.22 -23.49 47.33
N GLU D 86 -46.50 -22.45 46.90
CA GLU D 86 -45.21 -22.13 47.53
C GLU D 86 -45.33 -21.84 49.03
N LEU D 87 -46.38 -21.11 49.42
CA LEU D 87 -46.59 -20.78 50.83
C LEU D 87 -46.94 -22.03 51.61
N ALA D 88 -47.88 -22.81 51.06
CA ALA D 88 -48.38 -24.03 51.68
C ALA D 88 -47.22 -24.92 52.13
N GLN D 89 -46.60 -25.63 51.18
CA GLN D 89 -45.42 -26.41 51.51
C GLN D 89 -44.19 -25.81 50.79
N ALA D 90 -43.48 -24.93 51.50
CA ALA D 90 -42.26 -24.28 51.02
C ALA D 90 -41.13 -25.29 50.84
N GLY D 91 -39.95 -24.80 50.44
CA GLY D 91 -38.80 -25.69 50.29
C GLY D 91 -38.85 -26.58 49.06
N LYS D 92 -39.75 -26.29 48.11
CA LYS D 92 -39.78 -27.05 46.86
C LYS D 92 -38.51 -26.72 46.11
N ASN D 93 -38.07 -27.63 45.27
CA ASN D 93 -36.87 -27.39 44.53
C ASN D 93 -37.10 -26.35 43.44
N GLN D 94 -36.62 -25.13 43.66
CA GLN D 94 -36.69 -24.11 42.62
C GLN D 94 -35.50 -24.15 41.67
N LEU D 95 -34.59 -25.09 41.87
CA LEU D 95 -33.39 -25.11 41.07
C LEU D 95 -33.28 -26.39 40.26
N ALA D 96 -34.40 -26.81 39.67
CA ALA D 96 -34.40 -28.04 38.93
C ALA D 96 -35.20 -27.92 37.66
N ALA D 97 -35.19 -26.73 37.05
CA ALA D 97 -35.82 -26.52 35.75
C ALA D 97 -35.13 -25.38 35.00
N PRO D 98 -35.32 -25.28 33.67
CA PRO D 98 -34.57 -24.21 33.02
C PRO D 98 -35.10 -22.84 33.42
N LEU D 99 -34.24 -21.84 33.27
CA LEU D 99 -34.64 -20.45 33.46
C LEU D 99 -34.52 -19.77 32.11
N LYS D 100 -35.59 -19.11 31.70
CA LYS D 100 -35.60 -18.37 30.44
C LYS D 100 -35.09 -16.93 30.62
N VAL D 101 -33.91 -16.63 30.07
CA VAL D 101 -33.20 -15.36 30.31
C VAL D 101 -32.91 -14.54 29.05
N GLY D 102 -33.29 -13.27 29.05
CA GLY D 102 -32.92 -12.37 27.95
C GLY D 102 -31.76 -11.45 28.32
N ALA D 103 -30.96 -11.01 27.34
CA ALA D 103 -29.94 -9.98 27.63
C ALA D 103 -29.84 -9.12 26.39
N ILE D 104 -29.59 -7.84 26.57
CA ILE D 104 -29.57 -6.95 25.41
C ILE D 104 -28.31 -7.29 24.61
N TYR D 105 -28.29 -6.89 23.34
CA TYR D 105 -27.25 -7.29 22.39
C TYR D 105 -25.84 -6.91 22.81
N THR D 106 -25.73 -5.83 23.56
CA THR D 106 -24.39 -5.37 24.00
C THR D 106 -23.97 -5.92 25.38
N ILE D 107 -24.76 -6.86 25.93
CA ILE D 107 -24.39 -7.49 27.20
C ILE D 107 -24.20 -8.99 27.05
N GLY D 108 -25.23 -9.69 26.56
CA GLY D 108 -25.22 -11.14 26.39
C GLY D 108 -23.91 -11.80 26.00
N PRO D 109 -23.36 -11.44 24.82
CA PRO D 109 -22.19 -12.11 24.26
C PRO D 109 -20.99 -12.03 25.19
N TYR D 110 -20.93 -10.98 26.01
CA TYR D 110 -19.77 -10.76 26.88
C TYR D 110 -20.04 -11.22 28.32
N LEU D 111 -21.29 -11.47 28.68
CA LEU D 111 -21.55 -11.83 30.07
C LEU D 111 -21.81 -13.32 30.24
N PHE D 112 -22.62 -13.88 29.37
CA PHE D 112 -22.93 -15.33 29.50
C PHE D 112 -21.72 -16.29 29.61
N PRO D 113 -20.65 -16.06 28.84
CA PRO D 113 -19.54 -17.00 29.06
C PRO D 113 -18.94 -16.95 30.46
N HIS D 114 -19.02 -15.81 31.13
CA HIS D 114 -18.53 -15.69 32.51
C HIS D 114 -19.51 -16.24 33.54
N LEU D 115 -20.78 -16.02 33.30
CA LEU D 115 -21.90 -16.38 34.16
C LEU D 115 -22.14 -17.88 34.23
N ILE D 116 -22.20 -18.51 33.07
CA ILE D 116 -22.66 -19.89 32.98
C ILE D 116 -21.84 -20.88 33.84
N PRO D 117 -20.50 -20.74 33.88
CA PRO D 117 -19.76 -21.58 34.84
C PRO D 117 -20.05 -21.30 36.36
N GLN D 118 -20.25 -20.05 36.77
CA GLN D 118 -20.63 -19.79 38.18
C GLN D 118 -21.97 -20.45 38.45
N LEU D 119 -22.87 -20.36 37.47
CA LEU D 119 -24.21 -20.87 37.63
C LEU D 119 -24.17 -22.38 37.74
N HIS D 120 -23.36 -23.04 36.92
CA HIS D 120 -23.36 -24.51 36.96
C HIS D 120 -22.79 -24.96 38.30
N ARG D 121 -21.79 -24.23 38.78
CA ARG D 121 -21.25 -24.44 40.13
C ARG D 121 -22.32 -24.41 41.24
N VAL D 122 -23.22 -23.43 41.22
CA VAL D 122 -24.16 -23.35 42.35
C VAL D 122 -25.55 -23.92 42.07
N ALA D 123 -25.90 -24.13 40.81
CA ALA D 123 -27.22 -24.61 40.44
C ALA D 123 -27.21 -25.43 39.15
N PRO D 124 -26.49 -26.56 39.14
CA PRO D 124 -26.23 -27.34 37.92
C PRO D 124 -27.47 -27.85 37.20
N GLN D 125 -28.63 -27.84 37.86
CA GLN D 125 -29.84 -28.37 37.23
C GLN D 125 -30.68 -27.22 36.70
N MET D 126 -30.04 -26.09 36.52
CA MET D 126 -30.77 -24.99 35.92
C MET D 126 -30.09 -24.51 34.64
N PRO D 127 -30.43 -25.17 33.51
CA PRO D 127 -29.88 -24.73 32.21
C PRO D 127 -30.49 -23.38 31.84
N LEU D 128 -29.86 -22.62 30.95
CA LEU D 128 -30.46 -21.37 30.55
C LEU D 128 -31.04 -21.49 29.16
N TYR D 129 -32.28 -21.07 28.99
CA TYR D 129 -32.75 -20.82 27.62
C TYR D 129 -32.50 -19.34 27.42
N ILE D 130 -31.90 -18.94 26.31
CA ILE D 130 -31.36 -17.58 26.21
C ILE D 130 -31.88 -16.85 25.01
N GLU D 131 -32.25 -15.59 25.16
CA GLU D 131 -32.58 -14.79 24.02
C GLU D 131 -31.84 -13.43 24.09
N GLU D 132 -31.38 -12.92 22.96
CA GLU D 132 -30.78 -11.59 22.95
C GLU D 132 -31.65 -10.73 22.06
N ASN D 133 -31.97 -9.53 22.52
CA ASN D 133 -32.80 -8.63 21.76
C ASN D 133 -32.73 -7.23 22.31
N PHE D 134 -33.44 -6.28 21.68
CA PHE D 134 -33.49 -4.90 22.21
C PHE D 134 -34.23 -4.79 23.53
N THR D 135 -33.93 -3.73 24.30
CA THR D 135 -34.50 -3.61 25.64
C THR D 135 -36.02 -3.72 25.63
N HIS D 136 -36.68 -2.97 24.75
CA HIS D 136 -38.14 -2.95 24.76
C HIS D 136 -38.77 -4.30 24.44
N ILE D 137 -38.08 -5.12 23.65
CA ILE D 137 -38.62 -6.43 23.28
C ILE D 137 -38.41 -7.44 24.39
N LEU D 138 -37.30 -7.26 25.10
CA LEU D 138 -37.04 -8.11 26.24
C LEU D 138 -38.14 -7.84 27.27
N ARG D 139 -38.44 -6.57 27.47
CA ARG D 139 -39.52 -6.13 28.34
C ARG D 139 -40.85 -6.75 27.96
N ASP D 140 -41.25 -6.67 26.69
CA ASP D 140 -42.50 -7.32 26.28
C ASP D 140 -42.52 -8.82 26.65
N LYS D 141 -41.37 -9.47 26.47
CA LYS D 141 -41.33 -10.90 26.71
C LYS D 141 -41.33 -11.21 28.24
N LEU D 142 -40.82 -10.30 29.04
CA LEU D 142 -40.90 -10.50 30.46
C LEU D 142 -42.37 -10.38 30.89
N ARG D 143 -43.09 -9.41 30.32
CA ARG D 143 -44.52 -9.25 30.66
C ARG D 143 -45.36 -10.49 30.37
N THR D 144 -45.18 -11.10 29.20
CA THR D 144 -46.02 -12.27 28.86
C THR D 144 -45.57 -13.58 29.49
N GLY D 145 -44.35 -13.61 30.02
CA GLY D 145 -43.82 -14.89 30.49
C GLY D 145 -42.90 -15.66 29.55
N GLU D 146 -42.70 -15.21 28.31
CA GLU D 146 -41.70 -15.87 27.42
C GLU D 146 -40.32 -15.86 28.06
N LEU D 147 -40.01 -14.80 28.78
CA LEU D 147 -38.77 -14.79 29.57
C LEU D 147 -39.08 -14.63 31.07
N ASP D 148 -38.20 -15.17 31.91
CA ASP D 148 -38.28 -15.12 33.38
C ASP D 148 -37.44 -14.02 33.96
N ALA D 149 -36.38 -13.65 33.26
CA ALA D 149 -35.51 -12.64 33.80
C ALA D 149 -34.80 -12.00 32.62
N ILE D 150 -34.61 -10.68 32.66
CA ILE D 150 -33.91 -10.03 31.56
C ILE D 150 -32.76 -9.22 32.16
N ILE D 151 -31.66 -9.11 31.42
CA ILE D 151 -30.44 -8.44 31.85
C ILE D 151 -30.25 -7.18 30.99
N ILE D 152 -30.41 -6.02 31.62
CA ILE D 152 -30.53 -4.74 30.92
C ILE D 152 -29.59 -3.73 31.52
N ALA D 153 -29.61 -2.50 31.02
CA ALA D 153 -28.84 -1.41 31.63
C ALA D 153 -29.78 -0.34 32.19
N LEU D 154 -29.45 0.20 33.35
CA LEU D 154 -30.29 1.23 33.94
C LEU D 154 -30.31 2.47 33.02
N PRO D 155 -31.36 3.28 33.09
CA PRO D 155 -32.57 3.14 33.91
C PRO D 155 -33.53 2.11 33.35
N PHE D 156 -34.19 1.40 34.27
CA PHE D 156 -35.24 0.47 33.89
C PHE D 156 -36.23 0.38 35.04
N GLN D 157 -37.48 0.63 34.73
CA GLN D 157 -38.52 0.69 35.75
C GLN D 157 -39.83 0.27 35.12
N GLU D 158 -40.46 -0.76 35.67
CA GLU D 158 -41.70 -1.29 35.10
C GLU D 158 -42.69 -1.78 36.14
N ALA D 159 -43.98 -1.59 35.88
CA ALA D 159 -45.03 -2.00 36.80
C ALA D 159 -44.96 -3.51 37.02
N ASP D 160 -45.02 -3.91 38.29
CA ASP D 160 -45.01 -5.30 38.72
C ASP D 160 -43.69 -5.99 38.39
N VAL D 161 -42.69 -5.22 37.97
CA VAL D 161 -41.37 -5.78 37.68
C VAL D 161 -40.38 -5.24 38.73
N LEU D 162 -39.52 -6.10 39.27
CA LEU D 162 -38.46 -5.68 40.17
C LEU D 162 -37.16 -5.55 39.39
N THR D 163 -36.32 -4.61 39.77
CA THR D 163 -35.07 -4.32 39.07
C THR D 163 -33.96 -4.28 40.10
N LYS D 164 -32.90 -5.03 39.88
CA LYS D 164 -31.78 -5.02 40.83
C LYS D 164 -30.47 -4.68 40.13
N PRO D 165 -29.85 -3.53 40.46
CA PRO D 165 -28.55 -3.20 39.87
C PRO D 165 -27.51 -4.24 40.26
N LEU D 166 -26.62 -4.56 39.32
CA LEU D 166 -25.70 -5.64 39.57
C LEU D 166 -24.27 -5.17 39.55
N PHE D 167 -23.89 -4.38 38.54
CA PHE D 167 -22.54 -3.84 38.54
C PHE D 167 -22.39 -2.69 37.58
N ASP D 168 -21.46 -1.80 37.90
CA ASP D 168 -21.09 -0.70 37.01
C ASP D 168 -20.01 -1.23 36.09
N GLU D 169 -20.10 -0.85 34.82
CA GLU D 169 -19.23 -1.34 33.81
C GLU D 169 -18.75 -0.11 33.03
N PRO D 170 -17.45 0.17 33.07
CA PRO D 170 -16.97 1.37 32.35
C PRO D 170 -16.78 1.17 30.84
N PHE D 171 -16.78 2.25 30.07
CA PHE D 171 -16.50 2.20 28.65
C PHE D 171 -15.00 2.41 28.36
N TYR D 172 -14.57 1.94 27.20
CA TYR D 172 -13.18 2.01 26.76
C TYR D 172 -13.15 2.37 25.31
N VAL D 173 -12.02 2.90 24.86
CA VAL D 173 -11.89 3.28 23.45
C VAL D 173 -11.09 2.25 22.68
N LEU D 174 -11.63 1.85 21.53
CA LEU D 174 -11.08 0.82 20.69
C LEU D 174 -10.47 1.46 19.46
N MET D 175 -9.19 1.12 19.19
CA MET D 175 -8.46 1.65 18.02
C MET D 175 -7.58 0.59 17.31
N PRO D 176 -7.29 0.75 16.00
CA PRO D 176 -6.27 -0.15 15.44
C PRO D 176 -4.97 -0.07 16.22
N ALA D 177 -4.14 -1.12 16.20
CA ALA D 177 -2.92 -1.09 16.99
C ALA D 177 -1.87 -0.09 16.49
N ASP D 178 -2.03 0.42 15.27
CA ASP D 178 -1.06 1.36 14.70
C ASP D 178 -1.59 2.77 14.69
N HIS D 179 -2.69 3.01 15.41
CA HIS D 179 -3.30 4.33 15.57
C HIS D 179 -2.50 5.27 16.47
N PRO D 180 -2.39 6.56 16.08
CA PRO D 180 -1.75 7.64 16.86
C PRO D 180 -2.08 7.58 18.36
N TRP D 181 -3.37 7.47 18.69
CA TRP D 181 -3.79 7.44 20.10
C TRP D 181 -3.18 6.30 20.92
N THR D 182 -2.60 5.29 20.27
CA THR D 182 -1.95 4.23 21.04
C THR D 182 -0.83 4.82 21.90
N ALA D 183 -0.35 6.01 21.52
CA ALA D 183 0.63 6.76 22.34
C ALA D 183 0.07 7.27 23.69
N LYS D 184 -1.21 7.66 23.73
CA LYS D 184 -1.81 8.14 24.99
C LYS D 184 -2.05 7.02 26.00
N ALA D 185 -2.00 7.35 27.29
CA ALA D 185 -2.39 6.40 28.34
C ALA D 185 -3.90 6.47 28.59
N SER D 186 -4.50 7.59 28.22
CA SER D 186 -5.94 7.81 28.33
C SER D 186 -6.44 8.64 27.19
N ILE D 187 -7.76 8.62 26.99
CA ILE D 187 -8.33 9.35 25.87
C ILE D 187 -9.39 10.30 26.38
N ASP D 188 -9.22 11.55 26.00
CA ASP D 188 -10.14 12.62 26.35
C ASP D 188 -11.39 12.53 25.52
N SER D 189 -12.54 12.40 26.19
CA SER D 189 -13.81 12.20 25.50
C SER D 189 -14.06 13.20 24.34
N GLU D 190 -13.57 14.42 24.46
CA GLU D 190 -13.76 15.42 23.40
C GLU D 190 -13.18 14.93 22.06
N LEU D 191 -12.07 14.19 22.12
CA LEU D 191 -11.39 13.71 20.92
C LEU D 191 -12.24 12.76 20.10
N LEU D 192 -13.28 12.19 20.71
CA LEU D 192 -14.08 11.21 19.99
C LEU D 192 -15.11 11.88 19.07
N ASN D 193 -15.07 13.20 18.99
CA ASN D 193 -16.00 13.88 18.12
C ASN D 193 -15.48 14.04 16.70
N ASP D 194 -15.36 12.93 15.97
CA ASP D 194 -15.05 13.03 14.55
C ASP D 194 -15.73 11.93 13.75
N LYS D 195 -15.56 11.97 12.44
CA LYS D 195 -16.25 11.05 11.56
C LYS D 195 -15.62 9.65 11.56
N SER D 196 -14.54 9.45 12.29
CA SER D 196 -13.94 8.12 12.35
C SER D 196 -14.49 7.26 13.52
N LEU D 197 -15.47 7.79 14.26
CA LEU D 197 -16.13 7.05 15.35
C LEU D 197 -17.25 6.18 14.82
N LEU D 198 -17.13 4.87 14.99
CA LEU D 198 -18.17 3.98 14.48
C LEU D 198 -19.17 3.70 15.64
N LEU D 199 -20.45 3.96 15.39
CA LEU D 199 -21.51 3.73 16.38
C LEU D 199 -22.54 2.68 15.96
N LEU D 200 -23.14 1.99 16.95
CA LEU D 200 -24.32 1.17 16.74
C LEU D 200 -25.45 2.01 16.22
N GLY D 201 -26.39 1.41 15.50
CA GLY D 201 -27.62 2.10 15.12
C GLY D 201 -28.56 2.39 16.29
N GLU D 202 -29.68 3.05 15.98
CA GLU D 202 -30.49 3.72 17.04
C GLU D 202 -31.22 2.80 18.05
N GLY D 203 -31.55 1.56 17.67
CA GLY D 203 -32.18 0.62 18.59
C GLY D 203 -31.41 0.31 19.87
N HIS D 204 -30.10 0.46 19.84
CA HIS D 204 -29.31 0.07 21.01
C HIS D 204 -29.18 1.21 22.03
N ASP D 205 -29.46 0.96 23.31
CA ASP D 205 -29.22 2.05 24.26
C ASP D 205 -27.72 2.37 24.39
N PHE D 206 -26.86 1.42 24.02
CA PHE D 206 -25.41 1.68 24.14
C PHE D 206 -25.02 2.82 23.21
N ARG D 207 -25.75 2.97 22.10
CA ARG D 207 -25.50 4.10 21.22
C ARG D 207 -25.64 5.44 21.97
N ASP D 208 -26.80 5.61 22.63
CA ASP D 208 -27.12 6.85 23.32
C ASP D 208 -26.15 7.06 24.46
N GLN D 209 -25.83 5.99 25.18
CA GLN D 209 -24.86 6.13 26.25
C GLN D 209 -23.47 6.56 25.75
N VAL D 210 -23.07 6.12 24.56
CA VAL D 210 -21.77 6.54 24.02
C VAL D 210 -21.88 8.00 23.57
N LEU D 211 -23.04 8.37 23.01
CA LEU D 211 -23.21 9.76 22.56
C LEU D 211 -23.17 10.71 23.75
N GLU D 212 -23.76 10.30 24.87
CA GLU D 212 -23.75 11.09 26.07
C GLU D 212 -22.33 11.27 26.58
N ALA D 213 -21.49 10.25 26.42
CA ALA D 213 -20.12 10.30 26.92
C ALA D 213 -19.26 11.25 26.10
N CYS D 214 -19.78 11.68 24.95
CA CYS D 214 -19.02 12.48 24.00
C CYS D 214 -19.68 13.84 23.77
N PRO D 215 -18.97 14.93 24.12
CA PRO D 215 -19.37 16.31 23.83
C PRO D 215 -20.05 16.47 22.45
N THR D 216 -21.07 17.31 22.35
CA THR D 216 -21.73 17.51 21.05
C THR D 216 -21.07 18.61 20.21
N HIS D 225 -19.34 11.32 13.39
CA HIS D 225 -19.92 10.07 13.89
C HIS D 225 -20.50 9.24 12.73
N THR D 226 -19.83 8.13 12.39
CA THR D 226 -20.32 7.19 11.37
C THR D 226 -21.13 6.01 12.00
N THR D 227 -22.40 5.98 11.64
CA THR D 227 -23.32 4.98 12.11
C THR D 227 -23.38 3.88 11.07
N VAL D 228 -22.93 2.69 11.43
CA VAL D 228 -23.22 1.58 10.56
C VAL D 228 -24.45 0.88 11.11
N GLU D 229 -25.60 1.10 10.47
CA GLU D 229 -26.85 0.48 10.92
C GLU D 229 -26.75 -1.04 10.75
N SER D 230 -27.58 -1.76 11.51
CA SER D 230 -27.54 -3.22 11.61
C SER D 230 -26.16 -3.77 12.06
N SER D 231 -25.23 -2.90 12.43
CA SER D 231 -23.97 -3.42 12.94
C SER D 231 -24.19 -3.97 14.35
N SER D 232 -23.19 -4.70 14.83
CA SER D 232 -23.12 -5.13 16.23
C SER D 232 -21.78 -4.62 16.71
N LEU D 233 -21.48 -4.81 18.00
CA LEU D 233 -20.17 -4.40 18.48
C LEU D 233 -19.10 -5.26 17.83
N GLU D 234 -19.39 -6.53 17.60
CA GLU D 234 -18.39 -7.42 16.99
C GLU D 234 -18.01 -6.96 15.57
N THR D 235 -19.02 -6.60 14.83
CA THR D 235 -18.88 -6.17 13.45
C THR D 235 -18.07 -4.89 13.41
N ILE D 236 -18.35 -4.01 14.39
CA ILE D 236 -17.65 -2.75 14.53
C ILE D 236 -16.19 -3.07 14.85
N ARG D 237 -15.95 -3.96 15.81
CA ARG D 237 -14.59 -4.39 16.12
C ARG D 237 -13.80 -4.84 14.89
N HIS D 238 -14.41 -5.65 14.02
CA HIS D 238 -13.71 -6.07 12.79
C HIS D 238 -13.34 -4.86 11.92
N MET D 239 -14.32 -3.99 11.76
CA MET D 239 -14.14 -2.79 10.97
C MET D 239 -13.01 -1.96 11.55
N VAL D 240 -12.92 -1.91 12.87
CA VAL D 240 -11.88 -1.13 13.50
C VAL D 240 -10.53 -1.82 13.25
N ALA D 241 -10.54 -3.13 13.40
CA ALA D 241 -9.35 -3.93 13.20
C ALA D 241 -8.76 -3.75 11.79
N SER D 242 -9.59 -3.37 10.83
CA SER D 242 -9.12 -3.20 9.45
C SER D 242 -8.72 -1.74 9.17
N GLY D 243 -8.93 -0.86 10.14
CA GLY D 243 -8.54 0.53 10.00
C GLY D 243 -9.65 1.46 9.54
N LEU D 244 -10.91 1.01 9.58
CA LEU D 244 -11.98 1.86 9.13
C LEU D 244 -12.18 3.02 10.09
N GLY D 245 -11.81 2.89 11.35
CA GLY D 245 -12.04 3.99 12.26
C GLY D 245 -11.80 3.58 13.70
N VAL D 246 -12.45 4.27 14.66
CA VAL D 246 -12.34 3.94 16.08
C VAL D 246 -13.74 3.74 16.68
N SER D 247 -13.81 3.11 17.85
CA SER D 247 -15.14 2.99 18.50
C SER D 247 -15.03 2.90 20.01
N VAL D 248 -16.17 2.64 20.66
CA VAL D 248 -16.25 2.58 22.13
C VAL D 248 -16.91 1.25 22.53
N LEU D 249 -16.33 0.56 23.50
CA LEU D 249 -16.80 -0.78 23.91
C LEU D 249 -17.08 -0.79 25.39
N PRO D 250 -18.09 -1.56 25.84
CA PRO D 250 -18.13 -1.76 27.30
C PRO D 250 -17.00 -2.65 27.76
N PHE D 251 -16.55 -2.45 28.99
CA PHE D 251 -15.40 -3.19 29.53
C PHE D 251 -15.45 -4.71 29.31
N SER D 252 -16.63 -5.32 29.46
CA SER D 252 -16.70 -6.77 29.38
C SER D 252 -16.42 -7.27 27.98
N ALA D 253 -16.54 -6.39 26.99
CA ALA D 253 -16.22 -6.71 25.61
C ALA D 253 -14.72 -6.65 25.25
N VAL D 254 -13.89 -6.00 26.06
CA VAL D 254 -12.60 -5.58 25.51
C VAL D 254 -11.69 -6.79 25.24
N ASP D 255 -11.74 -7.83 26.06
CA ASP D 255 -10.91 -9.02 25.79
C ASP D 255 -11.65 -10.18 25.15
N SER D 256 -12.82 -9.89 24.58
CA SER D 256 -13.74 -10.93 24.13
C SER D 256 -13.68 -11.04 22.61
N HIS D 257 -12.53 -11.45 22.10
CA HIS D 257 -12.34 -11.52 20.65
C HIS D 257 -11.27 -12.54 20.36
N HIS D 258 -11.06 -12.84 19.07
CA HIS D 258 -10.05 -13.84 18.70
C HIS D 258 -8.95 -13.28 17.80
N TYR D 259 -8.54 -12.07 18.11
CA TYR D 259 -7.49 -11.46 17.35
C TYR D 259 -6.16 -11.81 17.98
N ALA D 260 -5.17 -12.10 17.14
CA ALA D 260 -3.77 -12.13 17.56
C ALA D 260 -3.45 -10.79 18.21
N PRO D 261 -2.43 -10.74 19.09
CA PRO D 261 -2.03 -9.46 19.66
C PRO D 261 -1.44 -8.52 18.62
N GLY D 262 -1.54 -7.21 18.80
CA GLY D 262 -0.95 -6.32 17.82
C GLY D 262 -1.86 -5.98 16.65
N VAL D 263 -3.15 -6.25 16.78
CA VAL D 263 -4.09 -5.88 15.74
C VAL D 263 -5.01 -4.78 16.21
N ILE D 264 -5.54 -4.92 17.41
CA ILE D 264 -6.37 -3.86 18.03
C ILE D 264 -5.91 -3.53 19.46
N GLU D 265 -6.14 -2.29 19.85
CA GLU D 265 -5.74 -1.79 21.15
C GLU D 265 -6.92 -1.12 21.83
N VAL D 266 -6.92 -1.17 23.15
CA VAL D 266 -7.91 -0.45 23.93
C VAL D 266 -7.21 0.56 24.85
N ARG D 267 -7.83 1.72 25.02
CA ARG D 267 -7.33 2.73 25.94
C ARG D 267 -8.50 3.24 26.79
N PRO D 268 -8.28 3.49 28.09
CA PRO D 268 -9.34 4.01 28.95
C PRO D 268 -9.71 5.43 28.60
N PHE D 269 -10.91 5.89 28.96
CA PHE D 269 -11.19 7.33 28.92
C PHE D 269 -10.40 8.05 30.00
N SER D 270 -10.02 9.29 29.74
CA SER D 270 -9.55 10.16 30.82
C SER D 270 -10.72 10.47 31.77
N ALA D 271 -10.44 10.58 33.07
CA ALA D 271 -11.50 10.88 34.05
C ALA D 271 -12.28 12.14 33.63
N PRO D 272 -13.58 12.17 33.92
CA PRO D 272 -14.38 11.16 34.63
C PRO D 272 -14.78 9.99 33.67
N VAL D 273 -14.45 8.74 34.02
CA VAL D 273 -14.75 7.63 33.11
C VAL D 273 -16.27 7.36 32.98
N PRO D 274 -16.79 7.28 31.75
CA PRO D 274 -18.22 6.99 31.60
C PRO D 274 -18.50 5.49 31.80
N PHE D 275 -19.70 5.15 32.24
CA PHE D 275 -20.00 3.76 32.54
C PHE D 275 -21.51 3.54 32.41
N ARG D 276 -21.93 2.27 32.39
CA ARG D 276 -23.36 1.96 32.41
C ARG D 276 -23.54 1.04 33.61
N THR D 277 -24.75 0.97 34.16
CA THR D 277 -25.01 0.00 35.23
C THR D 277 -25.88 -1.13 34.72
N VAL D 278 -25.29 -2.31 34.73
CA VAL D 278 -25.95 -3.54 34.39
C VAL D 278 -26.82 -4.02 35.56
N ALA D 279 -28.08 -4.32 35.24
CA ALA D 279 -29.12 -4.71 36.18
C ALA D 279 -29.94 -5.92 35.65
N ILE D 280 -30.61 -6.64 36.54
CA ILE D 280 -31.51 -7.71 36.14
C ILE D 280 -32.93 -7.34 36.58
N ALA D 281 -33.93 -7.66 35.74
CA ALA D 281 -35.32 -7.36 36.00
C ALA D 281 -36.12 -8.64 35.94
N TRP D 282 -37.12 -8.79 36.81
CA TRP D 282 -37.96 -9.96 36.75
C TRP D 282 -39.33 -9.65 37.34
N ARG D 283 -40.30 -10.56 37.20
CA ARG D 283 -41.66 -10.25 37.63
C ARG D 283 -41.77 -10.38 39.15
N ALA D 284 -42.40 -9.40 39.78
CA ALA D 284 -42.56 -9.43 41.23
C ALA D 284 -43.17 -10.74 41.68
N SER D 285 -44.05 -11.29 40.84
CA SER D 285 -44.82 -12.48 41.20
C SER D 285 -44.12 -13.80 40.89
N PHE D 286 -42.94 -13.74 40.27
CA PHE D 286 -42.22 -14.95 39.88
C PHE D 286 -42.09 -15.91 41.06
N PRO D 287 -42.53 -17.17 40.87
CA PRO D 287 -42.57 -18.07 42.04
C PRO D 287 -41.29 -18.90 42.20
N ARG D 288 -40.21 -18.51 41.52
CA ARG D 288 -38.89 -19.10 41.77
C ARG D 288 -37.89 -18.03 42.18
N PRO D 289 -38.13 -17.32 43.31
CA PRO D 289 -37.17 -16.26 43.67
C PRO D 289 -35.76 -16.77 43.94
N ARG D 290 -35.61 -18.03 44.34
CA ARG D 290 -34.28 -18.59 44.57
C ARG D 290 -33.47 -18.63 43.25
N ALA D 291 -34.15 -18.92 42.14
CA ALA D 291 -33.52 -18.98 40.82
C ALA D 291 -33.03 -17.61 40.38
N ILE D 292 -33.86 -16.58 40.57
CA ILE D 292 -33.41 -15.23 40.32
C ILE D 292 -32.21 -14.90 41.20
N GLU D 293 -32.28 -15.35 42.44
CA GLU D 293 -31.20 -15.05 43.34
C GLU D 293 -29.86 -15.67 42.90
N VAL D 294 -29.88 -16.94 42.56
CA VAL D 294 -28.68 -17.63 42.10
C VAL D 294 -28.18 -16.99 40.77
N LEU D 295 -29.11 -16.50 39.96
CA LEU D 295 -28.68 -15.88 38.71
C LEU D 295 -27.94 -14.57 39.02
N ALA D 296 -28.52 -13.74 39.89
CA ALA D 296 -27.94 -12.45 40.23
C ALA D 296 -26.58 -12.66 40.89
N ASP D 297 -26.52 -13.60 41.83
CA ASP D 297 -25.25 -13.91 42.51
C ASP D 297 -24.18 -14.34 41.52
N SER D 298 -24.56 -15.21 40.58
CA SER D 298 -23.60 -15.69 39.59
C SER D 298 -23.07 -14.55 38.75
N ILE D 299 -23.94 -13.65 38.34
CA ILE D 299 -23.45 -12.48 37.59
C ILE D 299 -22.48 -11.69 38.48
N ARG D 300 -22.87 -11.45 39.74
CA ARG D 300 -22.03 -10.59 40.59
C ARG D 300 -20.66 -11.19 40.93
N LEU D 301 -20.53 -12.51 40.83
CA LEU D 301 -19.26 -13.22 41.06
C LEU D 301 -18.41 -13.32 39.79
N CYS D 302 -18.89 -12.77 38.68
CA CYS D 302 -18.12 -12.70 37.41
C CYS D 302 -16.99 -11.74 37.51
N SER D 303 -15.89 -12.08 36.84
CA SER D 303 -14.72 -11.19 36.77
C SER D 303 -15.08 -9.79 36.26
N VAL D 304 -15.96 -9.73 35.26
CA VAL D 304 -16.25 -8.45 34.62
C VAL D 304 -17.11 -7.58 35.52
N ALA D 305 -17.55 -8.16 36.63
CA ALA D 305 -18.48 -7.51 37.54
C ALA D 305 -17.87 -7.16 38.89
N ARG D 306 -16.55 -7.34 39.03
CA ARG D 306 -15.93 -7.19 40.36
C ARG D 306 -16.12 -5.81 41.06
N PRO D 307 -16.30 -4.67 40.31
CA PRO D 307 -16.52 -3.41 41.06
C PRO D 307 -17.88 -3.31 41.80
N GLN D 308 -18.83 -4.16 41.42
CA GLN D 308 -20.22 -4.09 41.89
C GLN D 308 -20.83 -2.73 41.53
N THR D 309 -21.84 -2.32 42.30
CA THR D 309 -22.47 -1.02 42.06
C THR D 309 -23.10 -0.50 43.34
N GLN D 310 -23.16 0.83 43.48
CA GLN D 310 -23.91 1.49 44.55
C GLN D 310 -25.30 1.97 44.10
N GLU D 311 -25.68 1.65 42.87
CA GLU D 311 -26.99 2.05 42.32
C GLU D 311 -28.11 1.36 43.06
N GLN D 312 -29.23 2.05 43.20
CA GLN D 312 -30.44 1.51 43.85
C GLN D 312 -31.64 1.70 42.93
N PRO D 313 -32.72 0.93 43.14
CA PRO D 313 -33.95 1.13 42.35
C PRO D 313 -34.64 2.48 42.60
N HIS E 5 49.33 19.34 -53.48
CA HIS E 5 50.64 19.12 -52.85
C HIS E 5 50.65 19.51 -51.36
N HIS E 6 51.02 18.54 -50.51
CA HIS E 6 51.16 18.78 -49.08
C HIS E 6 52.66 18.75 -48.69
N MET E 7 53.01 19.53 -47.66
CA MET E 7 54.35 19.55 -47.07
C MET E 7 54.90 18.18 -46.70
N THR E 8 56.19 17.96 -46.93
CA THR E 8 56.86 16.75 -46.48
C THR E 8 58.08 17.06 -45.63
N LEU E 9 58.48 16.12 -44.77
CA LEU E 9 59.69 16.28 -43.96
C LEU E 9 60.92 16.50 -44.84
N THR E 10 60.84 16.00 -46.07
CA THR E 10 61.95 16.06 -47.02
C THR E 10 62.22 17.49 -47.46
N GLU E 11 61.19 18.21 -47.84
CA GLU E 11 61.33 19.62 -48.15
C GLU E 11 61.76 20.45 -46.97
N LEU E 12 61.29 20.11 -45.78
CA LEU E 12 61.71 20.88 -44.62
C LEU E 12 63.19 20.65 -44.42
N ARG E 13 63.64 19.42 -44.70
N ARG E 13 63.64 19.42 -44.68
CA ARG E 13 65.06 19.10 -44.59
CA ARG E 13 65.07 19.13 -44.59
C ARG E 13 65.87 19.86 -45.67
C ARG E 13 65.87 19.88 -45.67
N TYR E 14 65.28 20.03 -46.85
CA TYR E 14 65.89 20.81 -47.93
C TYR E 14 66.13 22.23 -47.42
N ILE E 15 65.06 22.93 -47.02
CA ILE E 15 65.19 24.35 -46.67
C ILE E 15 65.98 24.57 -45.39
N VAL E 16 66.00 23.59 -44.49
CA VAL E 16 66.85 23.72 -43.32
C VAL E 16 68.32 23.61 -43.75
N THR E 17 68.65 22.56 -44.51
CA THR E 17 70.04 22.33 -44.95
C THR E 17 70.54 23.51 -45.81
N LEU E 18 69.68 24.02 -46.68
CA LEU E 18 69.97 25.17 -47.53
C LEU E 18 70.22 26.41 -46.68
N ALA E 19 69.33 26.68 -45.72
CA ALA E 19 69.55 27.78 -44.77
C ALA E 19 70.90 27.64 -44.08
N GLN E 20 71.32 26.41 -43.81
CA GLN E 20 72.59 26.18 -43.09
C GLN E 20 73.86 26.38 -43.94
N GLU E 21 73.88 25.75 -45.12
CA GLU E 21 75.06 25.72 -46.01
C GLU E 21 75.15 26.97 -46.87
N GLN E 22 74.06 27.71 -46.94
CA GLN E 22 73.95 28.86 -47.84
C GLN E 22 74.48 28.59 -49.24
N HIS E 23 74.26 27.38 -49.74
CA HIS E 23 74.53 27.04 -51.17
C HIS E 23 73.77 25.80 -51.64
N PHE E 24 73.23 25.89 -52.86
CA PHE E 24 72.54 24.76 -53.49
C PHE E 24 73.40 23.51 -53.70
N GLY E 25 74.60 23.67 -54.20
CA GLY E 25 75.48 22.54 -54.39
C GLY E 25 75.70 21.76 -53.10
N ARG E 26 76.24 22.44 -52.09
CA ARG E 26 76.51 21.80 -50.80
C ARG E 26 75.26 21.32 -50.03
N ALA E 27 74.16 22.05 -50.16
CA ALA E 27 72.89 21.61 -49.58
C ALA E 27 72.44 20.30 -50.21
N ALA E 28 72.21 20.33 -51.53
CA ALA E 28 71.82 19.13 -52.26
C ALA E 28 72.79 17.96 -52.04
N GLU E 29 74.06 18.25 -51.78
CA GLU E 29 75.06 17.21 -51.54
C GLU E 29 74.94 16.62 -50.11
N ARG E 30 74.49 17.42 -49.15
CA ARG E 30 74.23 16.86 -47.83
C ARG E 30 72.86 16.17 -47.80
N CYS E 31 71.96 16.59 -48.68
CA CYS E 31 70.66 15.94 -48.87
C CYS E 31 70.64 14.78 -49.88
N HIS E 32 71.83 14.28 -50.23
CA HIS E 32 72.03 13.21 -51.24
C HIS E 32 71.06 13.28 -52.43
N VAL E 33 70.99 14.46 -53.04
CA VAL E 33 70.17 14.68 -54.23
C VAL E 33 70.87 15.63 -55.22
N SER E 34 70.38 15.64 -56.45
CA SER E 34 70.81 16.62 -57.44
C SER E 34 70.59 18.04 -56.93
N GLN E 35 71.27 18.99 -57.54
CA GLN E 35 70.94 20.39 -57.34
C GLN E 35 69.56 20.73 -57.92
N PRO E 36 69.25 20.26 -59.15
CA PRO E 36 67.90 20.55 -59.62
C PRO E 36 66.78 19.94 -58.78
N THR E 37 66.96 18.71 -58.27
CA THR E 37 65.91 18.09 -57.46
C THR E 37 65.66 18.89 -56.14
N LEU E 38 66.76 19.31 -55.51
CA LEU E 38 66.69 20.15 -54.31
C LEU E 38 66.03 21.50 -54.59
N SER E 39 66.39 22.08 -55.72
CA SER E 39 65.89 23.41 -56.11
C SER E 39 64.39 23.36 -56.43
N VAL E 40 63.96 22.35 -57.19
CA VAL E 40 62.55 22.23 -57.51
C VAL E 40 61.76 21.91 -56.24
N GLY E 41 62.36 21.14 -55.33
CA GLY E 41 61.77 20.97 -54.00
C GLY E 41 61.52 22.30 -53.29
N VAL E 42 62.61 23.04 -53.06
CA VAL E 42 62.53 24.28 -52.29
C VAL E 42 61.53 25.23 -52.92
N LYS E 43 61.60 25.39 -54.25
CA LYS E 43 60.72 26.32 -54.98
C LYS E 43 59.26 25.84 -54.84
N LYS E 44 59.02 24.53 -54.97
CA LYS E 44 57.67 23.99 -54.81
C LYS E 44 57.03 24.32 -53.45
N LEU E 45 57.79 24.01 -52.38
CA LEU E 45 57.34 24.38 -51.02
C LEU E 45 57.08 25.88 -50.94
N GLU E 46 58.00 26.66 -51.51
CA GLU E 46 57.89 28.12 -51.51
C GLU E 46 56.63 28.57 -52.23
N ASP E 47 56.17 27.76 -53.17
CA ASP E 47 55.05 28.20 -53.97
C ASP E 47 53.71 27.76 -53.39
N GLU E 48 53.63 26.63 -52.69
CA GLU E 48 52.32 26.36 -52.04
C GLU E 48 52.18 27.08 -50.68
N LEU E 49 53.27 27.65 -50.18
CA LEU E 49 53.19 28.55 -49.04
C LEU E 49 52.99 29.98 -49.52
N GLY E 50 53.06 30.16 -50.84
CA GLY E 50 52.93 31.47 -51.46
C GLY E 50 53.81 32.56 -50.88
N VAL E 51 54.94 32.17 -50.28
CA VAL E 51 55.86 33.14 -49.70
C VAL E 51 57.29 32.75 -50.11
N LEU E 52 58.18 33.73 -50.22
CA LEU E 52 59.55 33.43 -50.56
C LEU E 52 60.36 33.25 -49.28
N ILE E 53 61.07 32.13 -49.17
CA ILE E 53 61.86 31.83 -47.98
C ILE E 53 63.32 32.27 -48.15
N PHE E 54 63.79 32.28 -49.40
CA PHE E 54 65.18 32.63 -49.69
C PHE E 54 65.32 33.87 -50.60
N GLU E 55 66.39 34.64 -50.38
CA GLU E 55 66.67 35.83 -51.19
C GLU E 55 67.56 35.47 -52.37
N VAL E 61 72.60 32.87 -51.57
CA VAL E 61 71.60 32.19 -50.75
C VAL E 61 71.43 32.83 -49.35
N ARG E 62 70.35 33.60 -49.17
CA ARG E 62 70.07 34.17 -47.85
C ARG E 62 68.56 34.19 -47.53
N LEU E 63 68.24 34.38 -46.25
CA LEU E 63 66.86 34.25 -45.77
C LEU E 63 66.03 35.54 -45.74
N THR E 64 64.85 35.47 -46.36
CA THR E 64 63.75 36.41 -46.13
C THR E 64 63.48 36.53 -44.62
N PRO E 65 63.06 37.71 -44.14
CA PRO E 65 62.60 37.89 -42.76
C PRO E 65 61.48 36.91 -42.31
N VAL E 66 60.49 36.62 -43.16
CA VAL E 66 59.49 35.57 -42.88
C VAL E 66 60.16 34.16 -42.99
N GLY E 67 61.03 34.02 -43.98
CA GLY E 67 61.79 32.80 -44.20
C GLY E 67 62.59 32.30 -43.03
N GLU E 68 63.07 33.20 -42.17
CA GLU E 68 63.84 32.81 -40.97
C GLU E 68 62.96 32.15 -39.92
N GLY E 69 61.71 32.62 -39.88
CA GLY E 69 60.67 32.06 -39.03
C GLY E 69 60.27 30.69 -39.56
N ILE E 70 59.93 30.63 -40.86
CA ILE E 70 59.60 29.34 -41.48
C ILE E 70 60.72 28.30 -41.24
N VAL E 71 61.95 28.63 -41.61
CA VAL E 71 63.07 27.72 -41.38
C VAL E 71 63.24 27.38 -39.87
N ALA E 72 63.06 28.34 -38.97
CA ALA E 72 63.15 27.98 -37.55
C ALA E 72 62.08 26.93 -37.13
N GLN E 73 60.87 27.12 -37.63
CA GLN E 73 59.78 26.20 -37.33
C GLN E 73 60.06 24.83 -37.96
N ALA E 74 60.49 24.82 -39.23
CA ALA E 74 60.88 23.60 -39.94
C ALA E 74 61.88 22.84 -39.09
N GLN E 75 62.81 23.59 -38.53
CA GLN E 75 63.75 22.95 -37.65
C GLN E 75 63.03 22.34 -36.44
N LYS E 76 62.15 23.10 -35.78
CA LYS E 76 61.43 22.57 -34.62
C LYS E 76 60.74 21.21 -34.96
N VAL E 77 60.07 21.20 -36.11
CA VAL E 77 59.39 20.00 -36.60
C VAL E 77 60.34 18.84 -36.78
N LEU E 78 61.50 19.06 -37.39
CA LEU E 78 62.47 17.97 -37.58
C LEU E 78 63.02 17.43 -36.24
N GLU E 79 63.35 18.32 -35.30
CA GLU E 79 63.77 17.83 -33.98
C GLU E 79 62.69 16.95 -33.31
N GLN E 80 61.46 17.45 -33.31
CA GLN E 80 60.38 16.70 -32.67
C GLN E 80 60.14 15.37 -33.39
N ALA E 81 60.24 15.39 -34.70
CA ALA E 81 60.11 14.17 -35.46
C ALA E 81 61.16 13.16 -34.98
N GLN E 82 62.38 13.62 -34.70
CA GLN E 82 63.38 12.73 -34.09
C GLN E 82 62.97 12.19 -32.67
N GLY E 83 62.21 12.99 -31.93
CA GLY E 83 61.70 12.54 -30.63
C GLY E 83 60.96 11.18 -30.66
N ILE E 84 60.39 10.90 -31.83
CA ILE E 84 59.66 9.67 -32.07
C ILE E 84 60.59 8.46 -32.03
N ARG E 85 61.69 8.52 -32.81
CA ARG E 85 62.70 7.44 -32.85
C ARG E 85 63.31 7.27 -31.48
N GLU E 86 63.43 8.39 -30.75
CA GLU E 86 63.95 8.26 -29.38
C GLU E 86 62.96 7.46 -28.50
N LEU E 87 61.66 7.75 -28.67
CA LEU E 87 60.63 7.04 -27.91
C LEU E 87 60.60 5.56 -28.27
N ALA E 88 60.62 5.25 -29.56
CA ALA E 88 60.54 3.85 -29.97
C ALA E 88 61.76 3.11 -29.46
N GLN E 89 62.92 3.78 -29.53
CA GLN E 89 64.16 3.16 -29.08
C GLN E 89 64.04 2.83 -27.59
N ALA E 90 63.51 3.78 -26.82
CA ALA E 90 63.39 3.59 -25.40
C ALA E 90 62.28 2.63 -25.06
N GLY E 91 61.46 2.27 -26.04
CA GLY E 91 60.34 1.39 -25.74
C GLY E 91 60.59 -0.06 -26.12
N LYS E 92 61.83 -0.37 -26.48
CA LYS E 92 62.10 -1.73 -26.94
C LYS E 92 62.42 -2.65 -25.77
N ASN E 93 62.71 -2.12 -24.61
CA ASN E 93 62.91 -2.97 -23.43
C ASN E 93 61.54 -3.46 -22.91
N GLN E 94 61.23 -4.74 -23.07
CA GLN E 94 59.90 -5.21 -22.65
C GLN E 94 59.90 -5.57 -21.18
N LEU E 95 61.04 -5.44 -20.54
CA LEU E 95 61.18 -5.85 -19.15
C LEU E 95 61.49 -4.67 -18.26
N ALA E 96 60.80 -3.55 -18.45
CA ALA E 96 61.12 -2.38 -17.63
C ALA E 96 59.90 -1.74 -16.97
N ALA E 97 58.76 -2.42 -16.96
CA ALA E 97 57.53 -1.89 -16.35
C ALA E 97 56.83 -3.01 -15.61
N PRO E 98 55.97 -2.69 -14.62
CA PRO E 98 55.26 -3.72 -13.86
C PRO E 98 54.42 -4.63 -14.74
N LEU E 99 54.17 -5.83 -14.26
CA LEU E 99 53.23 -6.70 -14.94
C LEU E 99 52.02 -6.90 -14.01
N LYS E 100 50.82 -6.87 -14.57
CA LYS E 100 49.61 -7.10 -13.75
C LYS E 100 49.19 -8.57 -13.89
N VAL E 101 49.28 -9.31 -12.79
CA VAL E 101 49.16 -10.78 -12.80
C VAL E 101 48.09 -11.28 -11.85
N GLY E 102 47.10 -12.00 -12.38
CA GLY E 102 46.11 -12.67 -11.51
C GLY E 102 46.50 -14.12 -11.26
N ALA E 103 46.17 -14.68 -10.09
CA ALA E 103 46.32 -16.13 -9.85
C ALA E 103 45.11 -16.60 -9.03
N ILE E 104 44.63 -17.81 -9.34
CA ILE E 104 43.42 -18.27 -8.62
C ILE E 104 43.73 -18.49 -7.14
N TYR E 105 42.70 -18.50 -6.30
CA TYR E 105 42.93 -18.52 -4.86
C TYR E 105 43.77 -19.68 -4.35
N THR E 106 43.69 -20.81 -5.03
CA THR E 106 44.42 -21.97 -4.55
C THR E 106 45.76 -22.10 -5.22
N ILE E 107 46.20 -21.05 -5.92
CA ILE E 107 47.56 -21.06 -6.47
C ILE E 107 48.43 -19.95 -5.89
N GLY E 108 48.00 -18.69 -5.99
CA GLY E 108 48.85 -17.56 -5.59
C GLY E 108 49.59 -17.61 -4.25
N PRO E 109 48.87 -17.94 -3.17
CA PRO E 109 49.61 -17.92 -1.90
C PRO E 109 50.78 -18.90 -1.84
N TYR E 110 50.74 -19.95 -2.63
CA TYR E 110 51.78 -20.96 -2.50
C TYR E 110 52.78 -20.79 -3.62
N LEU E 111 52.45 -19.94 -4.59
CA LEU E 111 53.36 -19.74 -5.73
C LEU E 111 54.21 -18.50 -5.59
N PHE E 112 53.57 -17.36 -5.27
CA PHE E 112 54.31 -16.09 -5.25
C PHE E 112 55.58 -16.05 -4.35
N PRO E 113 55.56 -16.65 -3.13
CA PRO E 113 56.80 -16.70 -2.33
C PRO E 113 58.02 -17.27 -3.03
N HIS E 114 57.79 -18.11 -4.03
CA HIS E 114 58.89 -18.69 -4.79
C HIS E 114 59.13 -17.92 -6.09
N LEU E 115 58.05 -17.40 -6.69
CA LEU E 115 58.10 -16.69 -7.96
C LEU E 115 58.73 -15.33 -7.87
N ILE E 116 58.37 -14.56 -6.85
CA ILE E 116 58.89 -13.19 -6.72
C ILE E 116 60.46 -13.20 -6.68
N PRO E 117 61.09 -14.11 -5.88
CA PRO E 117 62.56 -14.08 -5.94
C PRO E 117 63.16 -14.43 -7.30
N GLN E 118 62.71 -15.53 -7.92
CA GLN E 118 63.12 -15.87 -9.29
C GLN E 118 62.96 -14.72 -10.30
N LEU E 119 61.75 -14.16 -10.34
CA LEU E 119 61.44 -13.06 -11.25
C LEU E 119 62.38 -11.90 -10.98
N HIS E 120 62.62 -11.60 -9.71
CA HIS E 120 63.62 -10.60 -9.35
C HIS E 120 65.02 -10.90 -9.92
N ARG E 121 65.37 -12.17 -9.95
CA ARG E 121 66.65 -12.54 -10.54
C ARG E 121 66.72 -12.24 -12.05
N VAL E 122 65.70 -12.69 -12.77
CA VAL E 122 65.69 -12.58 -14.23
C VAL E 122 65.23 -11.22 -14.77
N ALA E 123 64.44 -10.49 -13.97
CA ALA E 123 63.83 -9.24 -14.41
C ALA E 123 63.58 -8.29 -13.23
N PRO E 124 64.66 -7.71 -12.67
CA PRO E 124 64.71 -6.79 -11.53
C PRO E 124 63.80 -5.60 -11.68
N GLN E 125 63.50 -5.22 -12.92
CA GLN E 125 62.79 -3.98 -13.11
C GLN E 125 61.37 -4.26 -13.52
N MET E 126 60.88 -5.39 -13.02
CA MET E 126 59.54 -5.81 -13.35
C MET E 126 58.78 -6.27 -12.11
N PRO E 127 58.27 -5.29 -11.37
CA PRO E 127 57.53 -5.63 -10.16
C PRO E 127 56.16 -6.17 -10.56
N LEU E 128 55.46 -6.85 -9.64
CA LEU E 128 54.18 -7.43 -9.95
C LEU E 128 53.09 -6.71 -9.22
N TYR E 129 52.06 -6.33 -9.96
CA TYR E 129 50.81 -5.95 -9.37
C TYR E 129 50.04 -7.27 -9.34
N ILE E 130 49.58 -7.68 -8.17
CA ILE E 130 49.03 -9.01 -7.95
C ILE E 130 47.55 -9.00 -7.62
N GLU E 131 46.81 -9.90 -8.24
CA GLU E 131 45.43 -10.09 -7.86
C GLU E 131 45.13 -11.57 -7.69
N GLU E 132 44.54 -11.94 -6.56
CA GLU E 132 44.09 -13.31 -6.42
C GLU E 132 42.56 -13.35 -6.54
N ASN E 133 42.03 -14.27 -7.33
CA ASN E 133 40.57 -14.35 -7.44
C ASN E 133 40.04 -15.66 -8.03
N PHE E 134 38.74 -15.80 -8.19
CA PHE E 134 38.17 -16.96 -8.89
C PHE E 134 38.52 -16.97 -10.36
N THR E 135 38.64 -18.15 -10.95
CA THR E 135 38.92 -18.28 -12.37
C THR E 135 38.05 -17.41 -13.33
N HIS E 136 36.74 -17.30 -13.12
CA HIS E 136 35.86 -16.62 -14.10
C HIS E 136 36.07 -15.09 -14.04
N ILE E 137 36.43 -14.59 -12.85
CA ILE E 137 36.70 -13.15 -12.66
C ILE E 137 38.06 -12.79 -13.28
N LEU E 138 39.09 -13.59 -13.02
CA LEU E 138 40.38 -13.44 -13.68
C LEU E 138 40.24 -13.52 -15.20
N ARG E 139 39.37 -14.41 -15.67
CA ARG E 139 39.13 -14.54 -17.12
C ARG E 139 38.60 -13.19 -17.66
N ASP E 140 37.60 -12.62 -16.97
CA ASP E 140 37.07 -11.35 -17.40
C ASP E 140 38.13 -10.25 -17.39
N LYS E 141 38.97 -10.27 -16.37
CA LYS E 141 39.95 -9.20 -16.26
C LYS E 141 41.03 -9.34 -17.33
N LEU E 142 41.33 -10.59 -17.69
CA LEU E 142 42.30 -10.84 -18.73
C LEU E 142 41.76 -10.33 -20.05
N ARG E 143 40.46 -10.58 -20.29
CA ARG E 143 39.87 -10.21 -21.59
C ARG E 143 39.78 -8.69 -21.72
N THR E 144 39.50 -7.99 -20.62
CA THR E 144 39.40 -6.54 -20.76
C THR E 144 40.73 -5.79 -20.67
N GLY E 145 41.83 -6.53 -20.46
CA GLY E 145 43.12 -5.90 -20.32
C GLY E 145 43.37 -5.33 -18.93
N GLU E 146 42.47 -5.56 -17.97
CA GLU E 146 42.82 -5.13 -16.62
C GLU E 146 44.03 -5.93 -16.07
N LEU E 147 44.18 -7.17 -16.52
CA LEU E 147 45.30 -8.02 -16.10
C LEU E 147 46.10 -8.46 -17.32
N ASP E 148 47.41 -8.57 -17.18
CA ASP E 148 48.26 -8.91 -18.31
C ASP E 148 48.39 -10.42 -18.53
N ALA E 149 48.34 -11.17 -17.43
CA ALA E 149 48.49 -12.65 -17.47
C ALA E 149 47.77 -13.21 -16.26
N ILE E 150 47.26 -14.43 -16.39
CA ILE E 150 46.60 -15.09 -15.27
C ILE E 150 47.11 -16.51 -15.16
N ILE E 151 47.23 -16.96 -13.91
CA ILE E 151 47.74 -18.27 -13.57
C ILE E 151 46.58 -19.10 -13.03
N ILE E 152 46.20 -20.10 -13.85
CA ILE E 152 44.98 -20.88 -13.62
C ILE E 152 45.26 -22.38 -13.68
N ALA E 153 44.20 -23.18 -13.59
CA ALA E 153 44.32 -24.62 -13.77
C ALA E 153 43.58 -25.06 -15.03
N LEU E 154 44.09 -26.08 -15.73
CA LEU E 154 43.36 -26.55 -16.90
C LEU E 154 42.16 -27.38 -16.40
N PRO E 155 41.10 -27.50 -17.23
CA PRO E 155 40.93 -26.97 -18.59
C PRO E 155 40.73 -25.48 -18.62
N PHE E 156 41.45 -24.79 -19.49
CA PHE E 156 41.18 -23.36 -19.72
C PHE E 156 41.26 -23.03 -21.21
N GLN E 157 40.19 -22.45 -21.74
CA GLN E 157 40.30 -21.95 -23.10
C GLN E 157 39.45 -20.72 -23.31
N GLU E 158 40.04 -19.77 -24.03
CA GLU E 158 39.39 -18.50 -24.30
C GLU E 158 39.73 -17.98 -25.71
N ALA E 159 38.71 -17.42 -26.38
CA ALA E 159 38.87 -16.72 -27.66
C ALA E 159 39.91 -15.63 -27.52
N ASP E 160 40.95 -15.68 -28.37
CA ASP E 160 42.00 -14.65 -28.48
C ASP E 160 43.01 -14.72 -27.36
N VAL E 161 42.93 -15.79 -26.59
CA VAL E 161 43.80 -16.01 -25.45
C VAL E 161 44.65 -17.25 -25.67
N LEU E 162 45.95 -17.11 -25.42
CA LEU E 162 46.82 -18.26 -25.46
C LEU E 162 46.96 -18.86 -24.06
N THR E 163 47.02 -20.18 -23.99
CA THR E 163 47.22 -20.92 -22.73
C THR E 163 48.40 -21.85 -22.80
N LYS E 164 49.36 -21.69 -21.92
CA LYS E 164 50.54 -22.55 -21.94
C LYS E 164 50.58 -23.39 -20.65
N PRO E 165 50.51 -24.74 -20.75
CA PRO E 165 50.66 -25.58 -19.55
C PRO E 165 52.06 -25.37 -18.98
N LEU E 166 52.15 -25.12 -17.68
CA LEU E 166 53.46 -24.95 -17.06
C LEU E 166 53.91 -26.14 -16.25
N PHE E 167 53.01 -26.76 -15.45
CA PHE E 167 53.42 -27.99 -14.73
C PHE E 167 52.26 -28.73 -14.08
N ASP E 168 52.52 -29.97 -13.67
CA ASP E 168 51.57 -30.82 -12.97
C ASP E 168 51.82 -30.77 -11.47
N GLU E 169 50.74 -30.64 -10.71
CA GLU E 169 50.87 -30.47 -9.27
C GLU E 169 50.00 -31.50 -8.59
N PRO E 170 50.63 -32.48 -7.90
CA PRO E 170 49.87 -33.53 -7.20
C PRO E 170 49.17 -33.00 -5.94
N PHE E 171 48.12 -33.69 -5.53
CA PHE E 171 47.38 -33.39 -4.31
C PHE E 171 47.85 -34.28 -3.18
N TYR E 172 47.70 -33.80 -1.94
CA TYR E 172 48.04 -34.56 -0.75
C TYR E 172 46.86 -34.52 0.23
N VAL E 173 46.84 -35.45 1.17
CA VAL E 173 45.80 -35.47 2.19
C VAL E 173 46.37 -34.82 3.44
N LEU E 174 45.64 -33.85 3.98
CA LEU E 174 46.00 -33.13 5.19
C LEU E 174 45.24 -33.64 6.42
N MET E 175 45.94 -33.87 7.53
CA MET E 175 45.27 -34.42 8.74
C MET E 175 45.93 -33.94 10.05
N PRO E 176 45.21 -33.92 11.18
CA PRO E 176 45.86 -33.67 12.45
C PRO E 176 46.96 -34.68 12.69
N ALA E 177 47.98 -34.29 13.44
CA ALA E 177 49.11 -35.17 13.66
C ALA E 177 48.70 -36.42 14.47
N ASP E 178 47.69 -36.30 15.33
CA ASP E 178 47.25 -37.46 16.14
C ASP E 178 46.10 -38.27 15.50
N HIS E 179 45.90 -38.11 14.19
CA HIS E 179 44.80 -38.79 13.48
C HIS E 179 45.20 -40.23 13.15
N PRO E 180 44.26 -41.20 13.29
CA PRO E 180 44.51 -42.61 12.94
C PRO E 180 45.26 -42.76 11.60
N TRP E 181 44.85 -41.97 10.59
CA TRP E 181 45.44 -42.08 9.24
C TRP E 181 46.92 -41.81 9.16
N THR E 182 47.48 -41.09 10.13
CA THR E 182 48.93 -40.89 10.15
C THR E 182 49.68 -42.21 10.20
N ALA E 183 49.00 -43.29 10.57
CA ALA E 183 49.60 -44.63 10.57
C ALA E 183 49.80 -45.20 9.16
N LYS E 184 49.03 -44.69 8.21
CA LYS E 184 49.00 -45.17 6.84
C LYS E 184 50.17 -44.68 5.99
N ALA E 185 50.64 -45.49 5.04
CA ALA E 185 51.65 -44.96 4.14
C ALA E 185 51.03 -44.08 3.04
N SER E 186 49.80 -44.37 2.62
CA SER E 186 49.18 -43.59 1.57
C SER E 186 47.64 -43.75 1.68
N ILE E 187 46.91 -42.79 1.13
CA ILE E 187 45.47 -42.70 1.39
C ILE E 187 44.69 -43.01 0.12
N ASP E 188 43.80 -44.00 0.21
CA ASP E 188 42.97 -44.34 -0.94
C ASP E 188 41.88 -43.29 -1.00
N SER E 189 41.73 -42.64 -2.16
CA SER E 189 40.82 -41.51 -2.31
C SER E 189 39.42 -41.90 -1.91
N GLU E 190 39.12 -43.19 -2.00
CA GLU E 190 37.78 -43.68 -1.64
C GLU E 190 37.48 -43.55 -0.15
N LEU E 191 38.49 -43.30 0.66
CA LEU E 191 38.26 -43.07 2.09
C LEU E 191 37.80 -41.64 2.33
N LEU E 192 37.92 -40.76 1.33
CA LEU E 192 37.67 -39.35 1.66
C LEU E 192 36.19 -39.06 1.83
N ASN E 193 35.33 -39.90 1.25
CA ASN E 193 33.88 -39.67 1.34
C ASN E 193 33.34 -39.84 2.78
N ASP E 194 33.45 -38.78 3.57
CA ASP E 194 33.14 -38.81 4.99
C ASP E 194 32.86 -37.37 5.43
N LYS E 195 32.03 -37.19 6.46
CA LYS E 195 31.69 -35.84 6.92
C LYS E 195 32.92 -35.11 7.41
N SER E 196 33.95 -35.85 7.80
CA SER E 196 35.17 -35.23 8.30
C SER E 196 35.98 -34.52 7.19
N LEU E 197 35.66 -34.80 5.92
CA LEU E 197 36.33 -34.13 4.81
C LEU E 197 35.88 -32.69 4.66
N LEU E 198 36.82 -31.77 4.85
CA LEU E 198 36.55 -30.36 4.70
C LEU E 198 36.92 -29.84 3.32
N LEU E 199 35.92 -29.37 2.57
CA LEU E 199 36.15 -28.82 1.23
C LEU E 199 35.83 -27.33 1.07
N LEU E 200 36.49 -26.73 0.09
CA LEU E 200 36.22 -25.41 -0.36
C LEU E 200 34.83 -25.30 -0.93
N GLY E 201 34.28 -24.09 -0.92
CA GLY E 201 32.96 -23.84 -1.48
C GLY E 201 32.94 -23.97 -3.00
N GLU E 202 31.74 -23.95 -3.57
CA GLU E 202 31.65 -23.93 -5.02
C GLU E 202 32.20 -22.58 -5.45
N GLY E 203 32.64 -22.49 -6.69
CA GLY E 203 33.33 -21.28 -7.10
C GLY E 203 34.79 -21.57 -7.30
N HIS E 204 35.39 -22.31 -6.38
CA HIS E 204 36.79 -22.79 -6.50
C HIS E 204 36.92 -24.07 -7.32
N ASP E 205 37.63 -24.02 -8.46
CA ASP E 205 37.77 -25.20 -9.31
C ASP E 205 38.43 -26.38 -8.58
N PHE E 206 39.30 -26.07 -7.61
CA PHE E 206 39.97 -27.10 -6.81
C PHE E 206 38.96 -28.07 -6.12
N ARG E 207 37.83 -27.53 -5.71
CA ARG E 207 36.75 -28.33 -5.10
C ARG E 207 36.37 -29.47 -6.04
N ASP E 208 36.01 -29.12 -7.26
CA ASP E 208 35.62 -30.18 -8.19
C ASP E 208 36.78 -31.08 -8.54
N GLN E 209 38.01 -30.55 -8.55
CA GLN E 209 39.14 -31.48 -8.77
C GLN E 209 39.26 -32.55 -7.64
N VAL E 210 39.09 -32.11 -6.40
CA VAL E 210 39.20 -33.05 -5.27
C VAL E 210 38.05 -34.09 -5.38
N LEU E 211 36.84 -33.58 -5.64
CA LEU E 211 35.68 -34.48 -5.74
C LEU E 211 35.86 -35.46 -6.91
N GLU E 212 36.49 -35.03 -8.01
CA GLU E 212 36.66 -35.90 -9.18
C GLU E 212 37.76 -36.94 -8.98
N ALA E 213 38.70 -36.66 -8.07
CA ALA E 213 39.67 -37.68 -7.64
C ALA E 213 39.09 -38.87 -6.84
N CYS E 214 37.81 -38.82 -6.46
CA CYS E 214 37.19 -39.88 -5.64
C CYS E 214 36.22 -40.76 -6.43
N PRO E 215 36.30 -42.10 -6.25
CA PRO E 215 35.39 -43.00 -6.98
C PRO E 215 33.90 -42.65 -6.78
N THR E 216 33.06 -43.06 -7.74
CA THR E 216 31.62 -42.94 -7.60
C THR E 216 31.12 -43.80 -6.45
N VAL E 217 30.24 -43.28 -5.61
CA VAL E 217 29.68 -44.14 -4.55
C VAL E 217 28.20 -44.41 -4.86
N ARG E 218 27.64 -45.44 -4.22
CA ARG E 218 26.24 -45.82 -4.47
C ARG E 218 25.29 -44.66 -4.12
N LYS E 219 24.17 -44.58 -4.84
CA LYS E 219 23.19 -43.50 -4.67
C LYS E 219 22.74 -43.33 -3.20
N GLY E 220 22.89 -42.10 -2.68
CA GLY E 220 22.47 -41.80 -1.33
C GLY E 220 23.63 -41.73 -0.34
N ASP E 221 24.78 -42.23 -0.75
CA ASP E 221 26.01 -42.11 0.05
C ASP E 221 26.81 -40.92 -0.44
N GLU E 222 26.34 -40.30 -1.52
CA GLU E 222 27.04 -39.19 -2.17
C GLU E 222 27.31 -38.04 -1.19
N ASN E 223 28.41 -37.33 -1.44
CA ASN E 223 28.73 -36.02 -0.86
C ASN E 223 28.52 -35.92 0.66
N LYS E 224 29.27 -36.73 1.41
CA LYS E 224 29.19 -36.68 2.86
C LYS E 224 30.11 -35.58 3.42
N HIS E 225 31.03 -35.07 2.59
CA HIS E 225 31.98 -34.02 2.98
C HIS E 225 31.34 -32.73 3.57
N THR E 226 32.10 -32.00 4.39
CA THR E 226 31.68 -30.70 4.91
C THR E 226 32.19 -29.56 4.04
N THR E 227 31.25 -28.84 3.42
CA THR E 227 31.57 -27.69 2.59
C THR E 227 31.62 -26.43 3.42
N VAL E 228 32.80 -25.86 3.56
CA VAL E 228 32.88 -24.70 4.41
C VAL E 228 32.93 -23.51 3.46
N GLU E 229 31.78 -22.84 3.35
CA GLU E 229 31.65 -21.76 2.39
C GLU E 229 32.45 -20.57 2.89
N SER E 230 32.90 -19.75 1.94
CA SER E 230 33.64 -18.53 2.25
C SER E 230 34.94 -18.85 3.01
N SER E 231 35.52 -20.02 2.76
CA SER E 231 36.79 -20.35 3.37
C SER E 231 37.86 -20.30 2.29
N SER E 232 39.14 -20.31 2.70
CA SER E 232 40.31 -20.52 1.81
C SER E 232 41.08 -21.77 2.28
N LEU E 233 42.16 -22.13 1.61
CA LEU E 233 42.88 -23.35 2.00
C LEU E 233 43.52 -23.17 3.36
N GLU E 234 43.87 -21.91 3.67
CA GLU E 234 44.52 -21.63 4.94
C GLU E 234 43.56 -21.86 6.13
N THR E 235 42.32 -21.37 6.04
CA THR E 235 41.39 -21.58 7.18
C THR E 235 41.00 -23.07 7.33
N ILE E 236 40.90 -23.80 6.22
CA ILE E 236 40.76 -25.26 6.30
C ILE E 236 41.95 -25.91 7.01
N ARG E 237 43.16 -25.47 6.70
CA ARG E 237 44.30 -26.03 7.41
C ARG E 237 44.25 -25.71 8.93
N HIS E 238 43.76 -24.53 9.30
CA HIS E 238 43.63 -24.25 10.72
C HIS E 238 42.55 -25.13 11.37
N MET E 239 41.45 -25.35 10.67
CA MET E 239 40.42 -26.21 11.20
C MET E 239 40.93 -27.66 11.37
N VAL E 240 41.76 -28.11 10.45
CA VAL E 240 42.33 -29.46 10.56
C VAL E 240 43.33 -29.51 11.72
N ALA E 241 44.21 -28.51 11.79
CA ALA E 241 45.13 -28.45 12.90
C ALA E 241 44.41 -28.52 14.26
N SER E 242 43.18 -28.05 14.34
CA SER E 242 42.50 -28.04 15.63
C SER E 242 41.71 -29.32 15.82
N GLY E 243 41.72 -30.16 14.79
CA GLY E 243 41.11 -31.49 14.86
C GLY E 243 39.67 -31.55 14.41
N LEU E 244 39.23 -30.66 13.52
CA LEU E 244 37.85 -30.65 13.06
C LEU E 244 37.63 -31.68 11.96
N GLY E 245 38.71 -32.07 11.30
CA GLY E 245 38.62 -33.12 10.29
C GLY E 245 39.87 -33.20 9.42
N VAL E 246 39.68 -33.56 8.15
CA VAL E 246 40.81 -33.76 7.26
C VAL E 246 40.48 -33.00 5.99
N SER E 247 41.48 -32.84 5.13
CA SER E 247 41.23 -32.20 3.86
C SER E 247 42.30 -32.60 2.85
N VAL E 248 42.29 -31.90 1.73
CA VAL E 248 43.17 -32.15 0.59
C VAL E 248 43.82 -30.82 0.25
N LEU E 249 45.12 -30.85 -0.02
CA LEU E 249 45.93 -29.68 -0.35
C LEU E 249 46.67 -29.90 -1.66
N PRO E 250 46.89 -28.84 -2.44
CA PRO E 250 47.82 -29.11 -3.55
C PRO E 250 49.26 -29.19 -3.02
N PHE E 251 50.19 -29.87 -3.71
CA PHE E 251 51.58 -30.03 -3.21
C PHE E 251 52.27 -28.73 -2.78
N SER E 252 52.07 -27.63 -3.53
CA SER E 252 52.82 -26.41 -3.22
C SER E 252 52.38 -25.82 -1.88
N ALA E 253 51.18 -26.19 -1.43
CA ALA E 253 50.70 -25.73 -0.13
C ALA E 253 51.11 -26.61 1.09
N VAL E 254 51.76 -27.75 0.90
CA VAL E 254 51.89 -28.65 2.05
C VAL E 254 52.84 -28.09 3.07
N ASP E 255 53.91 -27.45 2.62
CA ASP E 255 54.87 -26.93 3.55
C ASP E 255 54.68 -25.44 3.87
N SER E 256 53.63 -24.83 3.29
CA SER E 256 53.44 -23.39 3.36
C SER E 256 52.67 -23.00 4.62
N HIS E 257 53.30 -23.14 5.78
CA HIS E 257 52.62 -22.82 7.04
C HIS E 257 53.61 -22.60 8.15
N HIS E 258 53.08 -22.10 9.27
CA HIS E 258 53.94 -21.77 10.41
C HIS E 258 53.76 -22.65 11.69
N TYR E 259 53.36 -23.91 11.53
CA TYR E 259 53.18 -24.80 12.67
C TYR E 259 54.44 -25.61 12.99
N ALA E 260 54.67 -25.86 14.27
CA ALA E 260 55.77 -26.73 14.69
C ALA E 260 55.45 -28.18 14.29
N PRO E 261 56.46 -29.04 14.13
CA PRO E 261 56.19 -30.46 13.90
C PRO E 261 55.18 -30.98 14.91
N GLY E 262 54.41 -32.00 14.56
CA GLY E 262 53.47 -32.51 15.52
C GLY E 262 52.13 -31.80 15.52
N VAL E 263 51.89 -30.88 14.57
CA VAL E 263 50.55 -30.28 14.54
C VAL E 263 49.72 -30.87 13.39
N ILE E 264 50.23 -30.80 12.16
CA ILE E 264 49.50 -31.36 11.02
C ILE E 264 50.44 -32.31 10.27
N GLU E 265 49.88 -33.40 9.74
CA GLU E 265 50.63 -34.32 8.87
C GLU E 265 50.00 -34.32 7.50
N VAL E 266 50.79 -34.74 6.52
CA VAL E 266 50.30 -34.90 5.17
C VAL E 266 50.63 -36.32 4.70
N ARG E 267 49.76 -36.94 3.92
CA ARG E 267 50.03 -38.26 3.34
C ARG E 267 49.70 -38.24 1.88
N PRO E 268 50.50 -38.94 1.05
CA PRO E 268 50.15 -39.01 -0.38
C PRO E 268 48.91 -39.81 -0.64
N PHE E 269 48.27 -39.61 -1.79
CA PHE E 269 47.23 -40.52 -2.23
C PHE E 269 47.88 -41.82 -2.68
N SER E 270 47.13 -42.91 -2.65
CA SER E 270 47.52 -44.13 -3.37
C SER E 270 47.38 -43.90 -4.86
N ALA E 271 48.18 -44.59 -5.68
CA ALA E 271 48.09 -44.47 -7.17
C ALA E 271 46.69 -44.79 -7.73
N PRO E 272 46.25 -44.09 -8.80
CA PRO E 272 46.91 -42.94 -9.45
C PRO E 272 46.75 -41.66 -8.61
N VAL E 273 47.82 -40.94 -8.38
CA VAL E 273 47.78 -39.69 -7.62
C VAL E 273 47.05 -38.59 -8.38
N PRO E 274 46.03 -37.96 -7.76
CA PRO E 274 45.33 -36.92 -8.54
C PRO E 274 46.16 -35.62 -8.63
N PHE E 275 45.99 -34.82 -9.68
CA PHE E 275 46.82 -33.64 -9.88
C PHE E 275 46.06 -32.57 -10.67
N ARG E 276 46.55 -31.34 -10.64
CA ARG E 276 46.03 -30.32 -11.57
C ARG E 276 47.18 -29.88 -12.43
N THR E 277 46.87 -29.38 -13.61
CA THR E 277 47.89 -28.77 -14.43
C THR E 277 47.75 -27.25 -14.36
N VAL E 278 48.77 -26.63 -13.77
CA VAL E 278 48.87 -25.18 -13.71
C VAL E 278 49.37 -24.61 -15.04
N ALA E 279 48.70 -23.56 -15.47
CA ALA E 279 48.96 -22.94 -16.76
C ALA E 279 48.89 -21.39 -16.68
N ILE E 280 49.55 -20.73 -17.61
CA ILE E 280 49.52 -19.28 -17.70
C ILE E 280 48.77 -18.92 -19.00
N ALA E 281 47.83 -17.98 -18.88
CA ALA E 281 46.98 -17.55 -19.99
C ALA E 281 47.17 -16.04 -20.25
N TRP E 282 47.21 -15.60 -21.51
CA TRP E 282 47.42 -14.17 -21.80
C TRP E 282 46.81 -13.81 -23.14
N ARG E 283 46.50 -12.53 -23.37
CA ARG E 283 45.88 -12.16 -24.65
C ARG E 283 46.89 -12.40 -25.75
N ALA E 284 46.49 -13.16 -26.77
CA ALA E 284 47.36 -13.45 -27.91
C ALA E 284 48.07 -12.19 -28.46
N SER E 285 47.36 -11.08 -28.57
CA SER E 285 47.99 -9.85 -29.10
C SER E 285 48.65 -8.94 -28.05
N PHE E 286 48.81 -9.41 -26.81
CA PHE E 286 49.46 -8.59 -25.76
C PHE E 286 50.88 -8.14 -26.19
N PRO E 287 51.14 -6.82 -26.16
CA PRO E 287 52.33 -6.16 -26.75
C PRO E 287 53.70 -6.42 -26.08
N ARG E 288 53.77 -7.26 -25.03
CA ARG E 288 55.04 -7.57 -24.34
C ARG E 288 55.30 -9.07 -24.22
N PRO E 289 55.39 -9.77 -25.36
CA PRO E 289 55.43 -11.23 -25.25
C PRO E 289 56.67 -11.75 -24.53
N ARG E 290 57.76 -10.99 -24.56
CA ARG E 290 58.99 -11.45 -23.91
C ARG E 290 58.88 -11.44 -22.36
N ALA E 291 58.06 -10.52 -21.87
CA ALA E 291 57.76 -10.46 -20.44
C ALA E 291 56.89 -11.67 -20.06
N ILE E 292 55.88 -11.96 -20.87
CA ILE E 292 55.05 -13.14 -20.60
C ILE E 292 55.94 -14.39 -20.60
N GLU E 293 56.85 -14.45 -21.55
CA GLU E 293 57.84 -15.54 -21.66
C GLU E 293 58.71 -15.68 -20.41
N VAL E 294 59.21 -14.57 -19.90
CA VAL E 294 60.07 -14.66 -18.70
C VAL E 294 59.25 -15.06 -17.46
N LEU E 295 58.03 -14.53 -17.36
CA LEU E 295 57.15 -14.84 -16.24
C LEU E 295 56.86 -16.34 -16.26
N ALA E 296 56.55 -16.88 -17.45
CA ALA E 296 56.20 -18.30 -17.58
C ALA E 296 57.40 -19.16 -17.21
N ASP E 297 58.56 -18.86 -17.79
CA ASP E 297 59.79 -19.60 -17.42
C ASP E 297 60.01 -19.59 -15.93
N SER E 298 59.80 -18.41 -15.32
CA SER E 298 60.01 -18.23 -13.87
C SER E 298 59.00 -18.98 -13.00
N ILE E 299 57.73 -19.02 -13.42
CA ILE E 299 56.73 -19.79 -12.71
C ILE E 299 57.18 -21.25 -12.71
N ARG E 300 57.48 -21.73 -13.92
CA ARG E 300 57.87 -23.13 -14.10
C ARG E 300 59.11 -23.51 -13.28
N LEU E 301 60.16 -22.70 -13.39
CA LEU E 301 61.45 -22.94 -12.73
C LEU E 301 61.39 -22.87 -11.24
N CYS E 302 60.79 -21.81 -10.75
CA CYS E 302 60.43 -21.72 -9.35
C CYS E 302 59.49 -22.80 -8.79
N SER E 303 58.81 -23.56 -9.63
CA SER E 303 57.97 -24.61 -9.06
C SER E 303 58.57 -26.02 -9.11
N VAL E 304 59.20 -26.33 -10.23
CA VAL E 304 59.69 -27.68 -10.52
C VAL E 304 61.18 -27.78 -10.19
N ALA E 305 62.00 -27.08 -10.99
CA ALA E 305 63.46 -27.07 -10.82
C ALA E 305 64.03 -25.94 -9.93
N ARG E 306 63.46 -25.74 -8.73
CA ARG E 306 64.02 -24.77 -7.76
C ARG E 306 65.47 -25.06 -7.27
N PRO E 307 65.83 -26.36 -7.03
CA PRO E 307 67.23 -26.67 -6.68
C PRO E 307 68.28 -26.21 -7.69
N GLN E 308 68.01 -26.39 -8.98
CA GLN E 308 68.93 -26.04 -10.07
C GLN E 308 69.01 -24.53 -10.34
N THR E 309 67.87 -23.86 -10.19
CA THR E 309 67.82 -22.40 -10.33
C THR E 309 68.67 -21.66 -9.28
N GLN E 310 68.84 -22.28 -8.10
CA GLN E 310 69.64 -21.67 -7.03
C GLN E 310 71.10 -21.58 -7.46
N GLU E 311 71.52 -22.54 -8.28
CA GLU E 311 72.92 -22.70 -8.64
C GLU E 311 73.30 -22.22 -10.06
N GLN E 312 72.31 -21.97 -10.92
CA GLN E 312 72.58 -21.43 -12.25
C GLN E 312 72.13 -19.98 -12.38
N PRO E 313 72.95 -19.14 -13.05
CA PRO E 313 72.46 -17.76 -13.25
C PRO E 313 71.20 -17.80 -14.10
N GLN E 314 70.24 -16.99 -13.70
CA GLN E 314 68.98 -16.87 -14.40
C GLN E 314 69.03 -15.62 -15.26
N ILE E 315 69.38 -15.83 -16.52
CA ILE E 315 69.42 -14.79 -17.54
C ILE E 315 68.53 -15.34 -18.68
N ALA E 316 67.45 -14.68 -19.14
CA ALA E 316 67.16 -13.25 -19.30
C ALA E 316 67.78 -12.85 -20.65
N HIS F 5 -2.83 -18.39 19.81
CA HIS F 5 -1.97 -17.23 19.50
C HIS F 5 -0.69 -17.17 20.31
N HIS F 6 0.05 -18.27 20.32
CA HIS F 6 1.33 -18.32 21.03
C HIS F 6 2.40 -18.88 20.10
N MET F 7 3.59 -18.32 20.18
CA MET F 7 4.70 -18.85 19.41
C MET F 7 5.44 -19.90 20.25
N THR F 8 6.01 -20.90 19.59
CA THR F 8 6.68 -22.00 20.26
C THR F 8 8.21 -21.98 20.00
N LEU F 9 9.00 -22.44 20.98
CA LEU F 9 10.45 -22.57 20.80
C LEU F 9 10.77 -23.32 19.51
N THR F 10 9.82 -24.10 19.02
CA THR F 10 10.01 -24.85 17.79
C THR F 10 9.98 -24.00 16.50
N GLU F 11 9.04 -23.05 16.46
CA GLU F 11 9.00 -22.07 15.40
C GLU F 11 10.26 -21.20 15.45
N LEU F 12 10.69 -20.91 16.67
CA LEU F 12 11.89 -20.10 16.84
C LEU F 12 13.10 -20.86 16.26
N ARG F 13 13.26 -22.12 16.65
CA ARG F 13 14.36 -22.90 16.09
C ARG F 13 14.25 -23.00 14.58
N TYR F 14 13.03 -23.09 14.07
CA TYR F 14 12.85 -23.16 12.61
C TYR F 14 13.44 -21.93 11.94
N ILE F 15 13.03 -20.75 12.42
CA ILE F 15 13.47 -19.55 11.70
C ILE F 15 14.95 -19.24 11.95
N VAL F 16 15.46 -19.64 13.10
CA VAL F 16 16.89 -19.45 13.36
C VAL F 16 17.77 -20.35 12.49
N THR F 17 17.40 -21.62 12.40
CA THR F 17 18.16 -22.55 11.58
C THR F 17 18.07 -22.15 10.14
N LEU F 18 16.88 -21.71 9.75
CA LEU F 18 16.70 -21.27 8.36
C LEU F 18 17.56 -20.02 8.08
N ALA F 19 17.64 -19.10 9.04
CA ALA F 19 18.47 -17.91 8.84
C ALA F 19 19.93 -18.31 8.76
N GLN F 20 20.30 -19.35 9.50
CA GLN F 20 21.73 -19.76 9.55
C GLN F 20 22.16 -20.45 8.28
N GLU F 21 21.30 -21.34 7.79
CA GLU F 21 21.57 -22.16 6.64
C GLU F 21 21.34 -21.48 5.30
N GLN F 22 20.36 -20.56 5.27
CA GLN F 22 19.89 -19.86 4.06
C GLN F 22 19.45 -20.79 2.93
N HIS F 23 18.94 -21.97 3.33
CA HIS F 23 18.61 -23.06 2.42
C HIS F 23 17.64 -24.01 3.12
N PHE F 24 16.48 -24.21 2.51
CA PHE F 24 15.37 -24.90 3.14
C PHE F 24 15.67 -26.33 3.52
N GLY F 25 16.38 -27.02 2.63
CA GLY F 25 16.66 -28.43 2.80
C GLY F 25 17.53 -28.61 4.03
N ARG F 26 18.70 -28.00 4.00
CA ARG F 26 19.68 -28.19 5.06
C ARG F 26 19.09 -27.85 6.43
N ALA F 27 18.32 -26.78 6.45
CA ALA F 27 17.61 -26.34 7.64
C ALA F 27 16.61 -27.38 8.11
N ALA F 28 15.93 -27.98 7.14
CA ALA F 28 14.94 -29.01 7.41
C ALA F 28 15.61 -30.18 8.11
N GLU F 29 16.69 -30.70 7.51
CA GLU F 29 17.38 -31.83 8.12
C GLU F 29 17.96 -31.49 9.48
N ARG F 30 18.45 -30.27 9.64
CA ARG F 30 18.95 -29.84 10.93
C ARG F 30 17.86 -29.87 12.00
N CYS F 31 16.63 -29.52 11.63
CA CYS F 31 15.53 -29.49 12.59
C CYS F 31 14.86 -30.84 12.78
N HIS F 32 15.34 -31.84 12.03
CA HIS F 32 14.79 -33.19 12.04
C HIS F 32 13.33 -33.16 11.67
N VAL F 33 13.04 -32.58 10.52
CA VAL F 33 11.67 -32.52 10.02
C VAL F 33 11.68 -32.46 8.49
N SER F 34 10.50 -32.71 7.94
CA SER F 34 10.27 -32.54 6.51
C SER F 34 10.50 -31.12 6.04
N GLN F 35 10.72 -30.93 4.76
CA GLN F 35 10.82 -29.58 4.24
C GLN F 35 9.45 -28.85 4.24
N PRO F 36 8.38 -29.50 3.74
CA PRO F 36 7.09 -28.81 3.92
C PRO F 36 6.68 -28.56 5.38
N THR F 37 7.12 -29.38 6.33
CA THR F 37 6.83 -29.13 7.76
C THR F 37 7.44 -27.80 8.21
N LEU F 38 8.69 -27.58 7.78
CA LEU F 38 9.39 -26.34 8.03
C LEU F 38 8.65 -25.18 7.35
N SER F 39 8.32 -25.33 6.07
CA SER F 39 7.67 -24.23 5.36
C SER F 39 6.36 -23.82 6.05
N VAL F 40 5.64 -24.81 6.59
CA VAL F 40 4.38 -24.55 7.30
C VAL F 40 4.62 -23.88 8.66
N GLY F 41 5.61 -24.34 9.42
CA GLY F 41 5.89 -23.75 10.73
C GLY F 41 6.34 -22.30 10.63
N VAL F 42 7.17 -22.05 9.61
CA VAL F 42 7.64 -20.70 9.35
C VAL F 42 6.47 -19.82 8.92
N LYS F 43 5.72 -20.25 7.89
CA LYS F 43 4.55 -19.47 7.47
C LYS F 43 3.56 -19.20 8.61
N LYS F 44 3.42 -20.13 9.56
CA LYS F 44 2.47 -19.93 10.66
C LYS F 44 3.01 -18.97 11.73
N LEU F 45 4.33 -18.99 11.95
CA LEU F 45 4.93 -17.98 12.83
C LEU F 45 4.78 -16.57 12.20
N GLU F 46 5.03 -16.49 10.90
CA GLU F 46 4.90 -15.24 10.18
C GLU F 46 3.47 -14.74 10.24
N ASP F 47 2.50 -15.62 9.99
CA ASP F 47 1.11 -15.19 9.95
C ASP F 47 0.72 -14.74 11.34
N GLU F 48 1.21 -15.44 12.36
CA GLU F 48 0.96 -15.00 13.75
C GLU F 48 1.55 -13.61 14.11
N LEU F 49 2.84 -13.39 13.84
CA LEU F 49 3.47 -12.09 14.16
C LEU F 49 2.96 -10.98 13.22
N GLY F 50 2.54 -11.38 12.02
CA GLY F 50 1.99 -10.46 11.05
C GLY F 50 3.06 -9.81 10.22
N VAL F 51 4.26 -10.40 10.15
CA VAL F 51 5.31 -9.94 9.24
C VAL F 51 6.01 -11.08 8.51
N LEU F 52 6.52 -10.80 7.32
CA LEU F 52 7.40 -11.75 6.60
C LEU F 52 8.81 -11.76 7.20
N ILE F 53 9.31 -12.93 7.59
CA ILE F 53 10.66 -13.03 8.12
C ILE F 53 11.65 -13.28 6.98
N PHE F 54 11.26 -14.10 6.00
CA PHE F 54 12.11 -14.38 4.83
C PHE F 54 11.48 -14.06 3.46
N GLU F 55 12.28 -13.54 2.52
CA GLU F 55 11.95 -13.52 1.08
C GLU F 55 12.48 -14.81 0.44
N ARG F 56 11.59 -15.63 -0.14
CA ARG F 56 12.03 -16.86 -0.80
C ARG F 56 11.96 -16.78 -2.33
N SER F 57 13.05 -17.18 -2.98
CA SER F 57 13.10 -17.24 -4.44
C SER F 57 13.49 -18.65 -4.88
N LYS F 58 12.47 -19.45 -5.18
CA LYS F 58 12.62 -20.88 -5.43
C LYS F 58 13.52 -21.50 -4.34
N SER F 59 14.70 -21.95 -4.76
CA SER F 59 15.65 -22.59 -3.85
C SER F 59 16.00 -21.69 -2.65
N ALA F 60 16.32 -20.42 -2.94
CA ALA F 60 16.98 -19.54 -1.98
C ALA F 60 16.05 -18.85 -0.98
N VAL F 61 16.65 -18.48 0.15
CA VAL F 61 15.95 -17.73 1.19
C VAL F 61 16.83 -16.57 1.66
N ARG F 62 16.23 -15.38 1.77
CA ARG F 62 16.95 -14.19 2.24
C ARG F 62 16.15 -13.54 3.40
N LEU F 63 16.80 -13.11 4.47
CA LEU F 63 16.10 -12.47 5.59
C LEU F 63 15.51 -11.13 5.18
N THR F 64 14.39 -10.74 5.78
CA THR F 64 13.91 -9.38 5.56
C THR F 64 14.56 -8.45 6.58
N PRO F 65 14.47 -7.14 6.36
CA PRO F 65 15.06 -6.32 7.43
C PRO F 65 14.43 -6.60 8.80
N VAL F 66 13.11 -6.62 8.91
CA VAL F 66 12.49 -6.87 10.23
C VAL F 66 12.77 -8.30 10.74
N GLY F 67 12.80 -9.23 9.78
CA GLY F 67 13.11 -10.61 10.05
C GLY F 67 14.47 -10.78 10.68
N GLU F 68 15.44 -9.94 10.33
CA GLU F 68 16.78 -10.14 10.85
C GLU F 68 16.78 -9.84 12.36
N GLY F 69 16.08 -8.79 12.76
CA GLY F 69 15.97 -8.46 14.18
C GLY F 69 15.19 -9.52 14.92
N ILE F 70 14.13 -10.00 14.26
CA ILE F 70 13.31 -11.08 14.85
C ILE F 70 14.13 -12.34 15.11
N VAL F 71 15.00 -12.67 14.15
CA VAL F 71 15.81 -13.88 14.26
C VAL F 71 16.88 -13.71 15.34
N ALA F 72 17.51 -12.54 15.41
CA ALA F 72 18.47 -12.28 16.50
C ALA F 72 17.83 -12.44 17.89
N GLN F 73 16.75 -11.71 18.13
CA GLN F 73 15.98 -11.90 19.35
C GLN F 73 15.62 -13.39 19.61
N ALA F 74 15.18 -14.10 18.58
CA ALA F 74 14.81 -15.52 18.76
C ALA F 74 16.00 -16.41 19.17
N GLN F 75 17.20 -16.10 18.65
CA GLN F 75 18.40 -16.86 19.01
C GLN F 75 18.64 -16.63 20.48
N LYS F 76 18.54 -15.37 20.88
CA LYS F 76 18.67 -15.05 22.29
C LYS F 76 17.68 -15.88 23.16
N VAL F 77 16.39 -15.83 22.82
CA VAL F 77 15.39 -16.61 23.54
C VAL F 77 15.75 -18.09 23.61
N LEU F 78 16.10 -18.67 22.48
CA LEU F 78 16.42 -20.09 22.47
C LEU F 78 17.61 -20.42 23.37
N GLU F 79 18.68 -19.63 23.36
CA GLU F 79 19.75 -20.12 24.24
C GLU F 79 19.55 -19.69 25.70
N GLN F 80 18.66 -18.74 25.98
CA GLN F 80 18.26 -18.57 27.39
C GLN F 80 17.46 -19.79 27.90
N ALA F 81 16.58 -20.32 27.05
CA ALA F 81 15.92 -21.59 27.38
C ALA F 81 16.93 -22.75 27.59
N GLN F 82 17.93 -22.81 26.71
CA GLN F 82 19.03 -23.76 26.90
C GLN F 82 19.72 -23.55 28.26
N GLY F 83 19.71 -22.31 28.73
CA GLY F 83 20.26 -21.94 30.02
C GLY F 83 19.43 -22.47 31.17
N ILE F 84 18.11 -22.48 30.99
CA ILE F 84 17.24 -23.25 31.90
C ILE F 84 17.84 -24.62 32.00
N ARG F 85 17.85 -25.31 30.86
CA ARG F 85 18.28 -26.71 30.86
C ARG F 85 19.67 -26.94 31.49
N GLU F 86 20.59 -25.97 31.39
CA GLU F 86 21.91 -26.18 32.02
C GLU F 86 22.04 -25.57 33.42
N LEU F 87 20.96 -24.97 33.93
CA LEU F 87 20.94 -24.58 35.36
C LEU F 87 20.73 -25.84 36.22
N ALA F 88 19.74 -26.66 35.84
CA ALA F 88 19.70 -28.05 36.27
C ALA F 88 20.87 -28.73 35.58
N GLN F 89 21.24 -29.95 35.99
CA GLN F 89 22.32 -30.67 35.28
C GLN F 89 23.62 -29.86 35.20
N ALA F 90 23.81 -28.98 36.19
CA ALA F 90 24.92 -28.06 36.20
C ALA F 90 26.24 -28.80 36.31
N GLY F 91 27.24 -28.33 35.59
CA GLY F 91 28.53 -28.99 35.56
C GLY F 91 28.77 -29.79 34.28
N LYS F 92 27.78 -29.81 33.39
CA LYS F 92 27.91 -30.50 32.11
C LYS F 92 29.12 -29.99 31.36
N ASN F 93 29.79 -30.87 30.62
CA ASN F 93 31.03 -30.47 29.96
C ASN F 93 30.76 -29.52 28.78
N GLN F 94 31.15 -28.26 28.94
CA GLN F 94 31.06 -27.28 27.86
C GLN F 94 32.26 -27.34 26.93
N LEU F 95 33.15 -28.30 27.15
CA LEU F 95 34.38 -28.39 26.36
C LEU F 95 34.48 -29.69 25.60
N ALA F 96 33.39 -30.10 24.97
CA ALA F 96 33.41 -31.31 24.14
C ALA F 96 32.48 -31.20 22.92
N ALA F 97 32.50 -30.03 22.29
CA ALA F 97 31.79 -29.77 21.05
C ALA F 97 32.51 -28.65 20.28
N PRO F 98 32.62 -28.76 18.95
CA PRO F 98 33.37 -27.71 18.24
C PRO F 98 32.86 -26.29 18.54
N LEU F 99 33.73 -25.28 18.45
CA LEU F 99 33.33 -23.89 18.64
C LEU F 99 33.42 -23.17 17.30
N LYS F 100 32.40 -22.40 16.93
CA LYS F 100 32.37 -21.72 15.63
C LYS F 100 32.86 -20.28 15.82
N VAL F 101 34.03 -19.98 15.27
CA VAL F 101 34.76 -18.74 15.55
C VAL F 101 35.03 -17.98 14.26
N GLY F 102 34.69 -16.71 14.25
CA GLY F 102 35.03 -15.83 13.13
C GLY F 102 36.20 -14.94 13.53
N ALA F 103 37.02 -14.54 12.56
CA ALA F 103 38.04 -13.52 12.76
C ALA F 103 38.10 -12.65 11.52
N ILE F 104 38.41 -11.37 11.71
CA ILE F 104 38.50 -10.50 10.54
C ILE F 104 39.77 -10.89 9.75
N TYR F 105 39.79 -10.51 8.46
CA TYR F 105 40.84 -10.94 7.52
C TYR F 105 42.23 -10.59 7.95
N THR F 106 42.39 -9.47 8.66
CA THR F 106 43.71 -8.99 9.01
C THR F 106 44.17 -9.48 10.39
N ILE F 107 43.39 -10.38 10.97
CA ILE F 107 43.75 -10.98 12.25
C ILE F 107 43.94 -12.50 12.12
N GLY F 108 42.91 -13.20 11.62
CA GLY F 108 42.86 -14.67 11.52
C GLY F 108 44.14 -15.38 11.11
N PRO F 109 44.70 -15.03 9.93
CA PRO F 109 45.90 -15.67 9.38
C PRO F 109 47.11 -15.61 10.33
N TYR F 110 47.22 -14.54 11.10
CA TYR F 110 48.37 -14.33 11.97
C TYR F 110 48.09 -14.72 13.41
N LEU F 111 46.84 -15.04 13.71
CA LEU F 111 46.52 -15.41 15.09
C LEU F 111 46.27 -16.90 15.25
N PHE F 112 45.48 -17.47 14.36
CA PHE F 112 45.13 -18.88 14.49
C PHE F 112 46.32 -19.85 14.61
N PRO F 113 47.40 -19.64 13.84
CA PRO F 113 48.49 -20.60 14.04
C PRO F 113 49.09 -20.61 15.47
N HIS F 114 49.04 -19.49 16.17
CA HIS F 114 49.53 -19.48 17.54
C HIS F 114 48.47 -19.98 18.52
N LEU F 115 47.21 -19.69 18.19
CA LEU F 115 46.08 -20.01 19.03
C LEU F 115 45.80 -21.48 19.07
N ILE F 116 45.83 -22.14 17.92
CA ILE F 116 45.37 -23.53 17.83
C ILE F 116 46.16 -24.48 18.75
N PRO F 117 47.50 -24.39 18.78
CA PRO F 117 48.21 -25.33 19.69
C PRO F 117 47.91 -25.07 21.18
N GLN F 118 47.98 -23.81 21.59
CA GLN F 118 47.53 -23.39 22.90
C GLN F 118 46.15 -23.98 23.30
N LEU F 119 45.19 -23.82 22.39
CA LEU F 119 43.84 -24.26 22.62
C LEU F 119 43.78 -25.78 22.71
N HIS F 120 44.62 -26.48 21.96
CA HIS F 120 44.70 -27.96 22.01
C HIS F 120 45.23 -28.44 23.36
N ARG F 121 46.28 -27.80 23.84
CA ARG F 121 46.82 -28.10 25.15
C ARG F 121 45.70 -27.97 26.19
N VAL F 122 44.99 -26.85 26.23
CA VAL F 122 44.05 -26.68 27.36
C VAL F 122 42.58 -27.13 27.16
N ALA F 123 42.24 -27.65 25.98
CA ALA F 123 40.84 -27.97 25.62
C ALA F 123 40.81 -28.85 24.38
N PRO F 124 41.37 -30.06 24.46
CA PRO F 124 41.60 -30.87 23.26
C PRO F 124 40.36 -31.40 22.57
N GLN F 125 39.19 -31.33 23.17
CA GLN F 125 38.00 -31.89 22.53
C GLN F 125 37.20 -30.71 21.96
N MET F 126 37.94 -29.61 21.79
CA MET F 126 37.47 -28.33 21.27
C MET F 126 38.04 -27.94 19.91
N PRO F 127 37.61 -28.59 18.83
CA PRO F 127 38.11 -28.19 17.51
C PRO F 127 37.37 -26.91 17.08
N LEU F 128 37.89 -26.22 16.08
CA LEU F 128 37.33 -24.94 15.66
C LEU F 128 36.70 -25.02 14.27
N TYR F 129 35.46 -24.54 14.13
CA TYR F 129 34.95 -24.20 12.79
C TYR F 129 35.31 -22.72 12.62
N ILE F 130 36.00 -22.36 11.55
CA ILE F 130 36.59 -21.05 11.45
C ILE F 130 36.04 -20.37 10.22
N GLU F 131 35.66 -19.11 10.40
CA GLU F 131 35.31 -18.29 9.26
C GLU F 131 36.05 -16.96 9.36
N GLU F 132 36.67 -16.53 8.27
CA GLU F 132 37.23 -15.19 8.17
C GLU F 132 36.37 -14.25 7.32
N ASN F 133 36.21 -13.01 7.76
CA ASN F 133 35.40 -12.07 6.98
C ASN F 133 35.51 -10.65 7.48
N PHE F 134 34.75 -9.75 6.84
CA PHE F 134 34.63 -8.37 7.29
C PHE F 134 33.88 -8.29 8.60
N THR F 135 34.28 -7.36 9.44
CA THR F 135 33.63 -7.14 10.75
C THR F 135 32.10 -7.13 10.70
N HIS F 136 31.50 -6.40 9.75
CA HIS F 136 30.04 -6.26 9.78
C HIS F 136 29.34 -7.61 9.52
N ILE F 137 29.97 -8.42 8.67
CA ILE F 137 29.47 -9.75 8.36
C ILE F 137 29.66 -10.73 9.52
N LEU F 138 30.81 -10.66 10.20
CA LEU F 138 31.01 -11.47 11.39
C LEU F 138 29.93 -11.09 12.41
N ARG F 139 29.66 -9.79 12.56
CA ARG F 139 28.62 -9.34 13.49
C ARG F 139 27.26 -9.96 13.17
N ASP F 140 26.91 -9.94 11.88
CA ASP F 140 25.64 -10.52 11.46
C ASP F 140 25.55 -12.03 11.77
N LYS F 141 26.64 -12.73 11.49
CA LYS F 141 26.72 -14.15 11.74
C LYS F 141 26.66 -14.45 13.25
N LEU F 142 27.13 -13.52 14.06
CA LEU F 142 27.05 -13.68 15.52
C LEU F 142 25.58 -13.51 15.98
N ARG F 143 24.89 -12.52 15.43
CA ARG F 143 23.47 -12.35 15.74
C ARG F 143 22.63 -13.58 15.38
N THR F 144 22.85 -14.18 14.20
CA THR F 144 22.04 -15.39 13.88
C THR F 144 22.44 -16.70 14.56
N GLY F 145 23.61 -16.74 15.19
CA GLY F 145 24.06 -17.98 15.81
C GLY F 145 24.91 -18.87 14.90
N GLU F 146 25.10 -18.41 13.68
CA GLU F 146 26.03 -19.06 12.75
C GLU F 146 27.45 -19.11 13.33
N LEU F 147 27.83 -18.07 14.06
CA LEU F 147 29.10 -18.05 14.79
C LEU F 147 28.86 -17.91 16.31
N ASP F 148 29.76 -18.50 17.12
CA ASP F 148 29.70 -18.45 18.59
C ASP F 148 30.53 -17.33 19.21
N ALA F 149 31.61 -16.96 18.52
CA ALA F 149 32.49 -15.90 19.00
C ALA F 149 33.20 -15.30 17.80
N ILE F 150 33.47 -14.00 17.85
CA ILE F 150 34.20 -13.37 16.76
C ILE F 150 35.36 -12.58 17.35
N ILE F 151 36.51 -12.60 16.66
CA ILE F 151 37.75 -11.87 16.98
C ILE F 151 37.86 -10.68 16.03
N ILE F 152 37.66 -9.50 16.63
CA ILE F 152 37.52 -8.26 15.86
C ILE F 152 38.49 -7.24 16.46
N ALA F 153 38.50 -6.02 15.93
CA ALA F 153 39.38 -4.97 16.44
C ALA F 153 38.53 -3.86 17.06
N LEU F 154 38.85 -3.41 18.27
CA LEU F 154 38.11 -2.28 18.87
C LEU F 154 38.21 -1.07 17.94
N PRO F 155 37.16 -0.25 17.89
CA PRO F 155 35.96 -0.32 18.75
C PRO F 155 34.86 -1.22 18.20
N PHE F 156 34.22 -1.91 19.12
CA PHE F 156 33.09 -2.79 18.78
C PHE F 156 32.11 -2.85 19.94
N GLN F 157 30.86 -2.50 19.68
CA GLN F 157 29.85 -2.64 20.73
C GLN F 157 28.49 -2.97 20.12
N GLU F 158 27.83 -3.97 20.67
CA GLU F 158 26.58 -4.48 20.11
C GLU F 158 25.62 -4.95 21.22
N ALA F 159 24.33 -4.74 21.02
CA ALA F 159 23.34 -5.05 22.05
C ALA F 159 23.34 -6.54 22.34
N ASP F 160 23.35 -6.87 23.63
CA ASP F 160 23.31 -8.25 24.12
C ASP F 160 24.57 -9.04 23.77
N VAL F 161 25.59 -8.31 23.31
CA VAL F 161 26.89 -8.91 22.98
C VAL F 161 27.97 -8.40 23.91
N LEU F 162 28.75 -9.31 24.49
CA LEU F 162 29.84 -8.92 25.40
C LEU F 162 31.13 -8.79 24.57
N THR F 163 31.88 -7.73 24.81
CA THR F 163 33.17 -7.53 24.17
C THR F 163 34.29 -7.52 25.19
N LYS F 164 35.32 -8.32 24.95
CA LYS F 164 36.46 -8.37 25.86
C LYS F 164 37.75 -8.08 25.14
N PRO F 165 38.41 -6.94 25.46
CA PRO F 165 39.73 -6.65 24.89
C PRO F 165 40.73 -7.71 25.29
N LEU F 166 41.52 -8.16 24.32
CA LEU F 166 42.48 -9.22 24.57
C LEU F 166 43.92 -8.67 24.57
N PHE F 167 44.36 -8.04 23.47
CA PHE F 167 45.73 -7.49 23.48
C PHE F 167 45.90 -6.31 22.56
N ASP F 168 46.82 -5.42 22.89
CA ASP F 168 47.14 -4.30 22.01
C ASP F 168 48.19 -4.75 21.00
N GLU F 169 48.15 -4.21 19.79
CA GLU F 169 48.97 -4.66 18.68
C GLU F 169 49.42 -3.48 17.83
N PRO F 170 50.70 -3.11 17.93
CA PRO F 170 51.26 -2.00 17.17
C PRO F 170 51.40 -2.29 15.66
N PHE F 171 51.33 -1.26 14.82
CA PHE F 171 51.60 -1.39 13.38
C PHE F 171 53.11 -1.20 13.09
N TYR F 172 53.60 -1.76 11.99
CA TYR F 172 54.98 -1.62 11.52
C TYR F 172 54.96 -1.25 10.06
N VAL F 173 56.13 -0.77 9.55
CA VAL F 173 56.24 -0.38 8.13
C VAL F 173 57.03 -1.41 7.34
N LEU F 174 56.46 -1.85 6.22
CA LEU F 174 56.98 -2.95 5.44
C LEU F 174 57.55 -2.44 4.15
N MET F 175 58.76 -2.86 3.81
CA MET F 175 59.45 -2.31 2.63
C MET F 175 60.34 -3.34 1.94
N PRO F 176 60.63 -3.11 0.65
CA PRO F 176 61.63 -3.97 -0.01
C PRO F 176 62.96 -3.83 0.72
N ALA F 177 63.79 -4.87 0.71
CA ALA F 177 65.05 -4.83 1.44
C ALA F 177 66.04 -3.80 0.85
N ASP F 178 65.83 -3.45 -0.42
CA ASP F 178 66.67 -2.45 -1.06
C ASP F 178 66.09 -1.02 -1.02
N HIS F 179 65.12 -0.75 -0.13
CA HIS F 179 64.53 0.60 0.01
C HIS F 179 65.42 1.49 0.88
N PRO F 180 65.49 2.80 0.56
CA PRO F 180 66.23 3.81 1.35
C PRO F 180 65.90 3.79 2.84
N TRP F 181 64.63 3.62 3.16
CA TRP F 181 64.15 3.71 4.54
C TRP F 181 64.77 2.64 5.42
N THR F 182 65.23 1.55 4.80
CA THR F 182 65.90 0.48 5.53
C THR F 182 67.10 1.02 6.28
N ALA F 183 67.57 2.21 5.87
CA ALA F 183 68.59 2.96 6.61
C ALA F 183 68.06 3.48 7.93
N LYS F 184 66.87 4.09 7.90
CA LYS F 184 66.23 4.64 9.09
C LYS F 184 66.03 3.60 10.18
N ALA F 185 65.87 4.06 11.42
CA ALA F 185 65.74 3.15 12.55
C ALA F 185 64.28 3.07 12.97
N SER F 186 63.54 4.11 12.59
CA SER F 186 62.09 4.13 12.66
C SER F 186 61.56 5.14 11.66
N ILE F 187 60.32 4.96 11.21
CA ILE F 187 59.74 5.77 10.15
C ILE F 187 58.69 6.71 10.77
N ASP F 188 58.95 8.00 10.70
CA ASP F 188 57.99 9.00 11.16
C ASP F 188 56.77 8.94 10.22
N SER F 189 55.56 8.87 10.79
CA SER F 189 54.34 8.59 10.02
C SER F 189 54.09 9.44 8.78
N GLU F 190 54.36 10.74 8.88
CA GLU F 190 54.05 11.66 7.80
C GLU F 190 54.74 11.27 6.48
N LEU F 191 55.77 10.42 6.55
CA LEU F 191 56.49 9.95 5.36
C LEU F 191 55.63 9.05 4.46
N LEU F 192 54.66 8.37 5.09
CA LEU F 192 53.78 7.39 4.43
C LEU F 192 52.68 8.08 3.60
N ASN F 193 52.77 9.40 3.46
CA ASN F 193 51.83 10.14 2.63
C ASN F 193 52.35 10.32 1.20
N ASP F 194 52.42 9.22 0.45
CA ASP F 194 52.63 9.32 -1.00
C ASP F 194 52.22 8.04 -1.76
N LYS F 195 52.31 8.12 -3.08
CA LYS F 195 51.73 7.18 -4.03
C LYS F 195 52.17 5.72 -3.86
N SER F 196 53.33 5.53 -3.24
CA SER F 196 53.95 4.21 -3.08
C SER F 196 53.32 3.33 -1.97
N LEU F 197 52.48 3.94 -1.12
CA LEU F 197 51.78 3.23 -0.04
C LEU F 197 50.67 2.32 -0.57
N LEU F 198 50.83 1.01 -0.36
CA LEU F 198 49.82 0.04 -0.78
C LEU F 198 48.82 -0.18 0.38
N LEU F 199 47.53 -0.07 0.08
CA LEU F 199 46.48 -0.25 1.10
C LEU F 199 45.44 -1.31 0.72
N LEU F 200 44.86 -1.96 1.72
CA LEU F 200 43.68 -2.80 1.50
C LEU F 200 42.53 -1.94 0.98
N GLY F 201 41.58 -2.57 0.27
CA GLY F 201 40.35 -1.91 -0.15
C GLY F 201 39.43 -1.50 1.00
N GLU F 202 38.33 -0.83 0.66
CA GLU F 202 37.52 -0.13 1.66
C GLU F 202 36.88 -1.02 2.74
N GLY F 203 36.51 -2.24 2.38
CA GLY F 203 35.94 -3.17 3.34
C GLY F 203 36.66 -3.37 4.69
N HIS F 204 37.99 -3.47 4.65
CA HIS F 204 38.79 -3.76 5.86
C HIS F 204 38.93 -2.56 6.79
N ASP F 205 38.77 -2.78 8.08
CA ASP F 205 38.85 -1.63 8.99
C ASP F 205 40.33 -1.26 9.20
N PHE F 206 41.21 -2.18 8.83
CA PHE F 206 42.65 -1.95 8.96
C PHE F 206 43.06 -0.82 8.01
N ARG F 207 42.44 -0.78 6.84
CA ARG F 207 42.67 0.31 5.89
C ARG F 207 42.52 1.66 6.61
N ASP F 208 41.41 1.82 7.33
CA ASP F 208 41.11 3.09 7.98
C ASP F 208 42.00 3.33 9.17
N GLN F 209 42.29 2.31 9.95
CA GLN F 209 43.23 2.52 11.03
C GLN F 209 44.60 3.02 10.51
N VAL F 210 45.02 2.49 9.35
CA VAL F 210 46.30 2.91 8.73
C VAL F 210 46.22 4.36 8.26
N LEU F 211 45.13 4.70 7.56
CA LEU F 211 44.89 6.06 7.05
C LEU F 211 44.94 7.06 8.19
N GLU F 212 44.29 6.73 9.30
CA GLU F 212 44.25 7.62 10.46
C GLU F 212 45.58 7.65 11.20
N ALA F 213 46.43 6.64 11.00
CA ALA F 213 47.79 6.77 11.54
C ALA F 213 48.69 7.65 10.65
N CYS F 214 48.17 8.01 9.46
CA CYS F 214 48.94 8.75 8.43
C CYS F 214 48.37 10.13 8.04
N PRO F 215 49.07 11.23 8.40
CA PRO F 215 48.64 12.60 8.05
C PRO F 215 48.31 12.81 6.57
N HIS F 225 48.04 7.70 -2.02
CA HIS F 225 47.98 6.29 -1.64
C HIS F 225 47.55 5.41 -2.81
N THR F 226 47.91 4.12 -2.75
CA THR F 226 47.49 3.14 -3.77
C THR F 226 46.65 2.05 -3.15
N THR F 227 45.34 2.11 -3.40
CA THR F 227 44.48 1.07 -2.93
C THR F 227 44.50 -0.09 -3.93
N VAL F 228 44.89 -1.27 -3.47
CA VAL F 228 44.73 -2.45 -4.31
C VAL F 228 43.50 -3.20 -3.80
N GLU F 229 42.37 -2.98 -4.47
CA GLU F 229 41.13 -3.59 -4.02
C GLU F 229 41.07 -5.05 -4.39
N SER F 230 40.26 -5.80 -3.65
CA SER F 230 40.20 -7.25 -3.77
C SER F 230 41.61 -7.82 -3.52
N SER F 231 42.33 -7.18 -2.59
CA SER F 231 43.65 -7.68 -2.18
C SER F 231 43.59 -8.14 -0.74
N SER F 232 44.63 -8.88 -0.32
CA SER F 232 44.85 -9.25 1.10
C SER F 232 46.17 -8.67 1.60
N LEU F 233 46.47 -8.86 2.89
CA LEU F 233 47.74 -8.38 3.40
C LEU F 233 48.88 -9.22 2.83
N GLU F 234 48.61 -10.49 2.53
CA GLU F 234 49.66 -11.33 1.97
C GLU F 234 50.02 -10.86 0.57
N THR F 235 48.98 -10.61 -0.22
CA THR F 235 49.06 -10.07 -1.56
C THR F 235 49.88 -8.78 -1.58
N ILE F 236 49.56 -7.86 -0.67
CA ILE F 236 50.30 -6.63 -0.54
C ILE F 236 51.77 -6.88 -0.20
N ARG F 237 52.04 -7.75 0.78
CA ARG F 237 53.41 -8.14 1.08
C ARG F 237 54.16 -8.71 -0.15
N HIS F 238 53.48 -9.48 -1.00
CA HIS F 238 54.11 -9.97 -2.23
C HIS F 238 54.47 -8.81 -3.15
N MET F 239 53.48 -7.96 -3.43
CA MET F 239 53.72 -6.81 -4.26
C MET F 239 54.92 -5.98 -3.76
N VAL F 240 55.03 -5.83 -2.45
CA VAL F 240 56.11 -5.05 -1.88
C VAL F 240 57.41 -5.77 -2.14
N ALA F 241 57.39 -7.09 -1.92
CA ALA F 241 58.63 -7.87 -2.06
C ALA F 241 59.11 -7.82 -3.50
N SER F 242 58.18 -7.69 -4.45
CA SER F 242 58.52 -7.66 -5.88
C SER F 242 59.03 -6.29 -6.24
N GLY F 243 58.82 -5.32 -5.35
CA GLY F 243 59.37 -3.98 -5.55
C GLY F 243 58.36 -2.88 -5.89
N LEU F 244 57.08 -3.21 -5.81
CA LEU F 244 56.02 -2.33 -6.28
C LEU F 244 55.73 -1.15 -5.33
N GLY F 245 56.12 -1.24 -4.07
CA GLY F 245 55.83 -0.16 -3.14
C GLY F 245 56.16 -0.43 -1.68
N VAL F 246 55.56 0.37 -0.81
CA VAL F 246 55.75 0.27 0.63
C VAL F 246 54.36 -0.01 1.31
N SER F 247 54.30 -0.59 2.52
CA SER F 247 53.00 -0.68 3.21
C SER F 247 53.04 -0.79 4.73
N VAL F 248 51.89 -1.08 5.34
CA VAL F 248 51.82 -1.12 6.81
C VAL F 248 51.19 -2.45 7.28
N LEU F 249 51.84 -3.13 8.23
CA LEU F 249 51.38 -4.44 8.72
C LEU F 249 51.14 -4.38 10.21
N PRO F 250 50.19 -5.18 10.71
CA PRO F 250 50.12 -5.23 12.17
C PRO F 250 51.18 -6.17 12.71
N PHE F 251 51.61 -5.98 13.96
CA PHE F 251 52.75 -6.73 14.48
C PHE F 251 52.69 -8.24 14.22
N SER F 252 51.53 -8.84 14.46
CA SER F 252 51.43 -10.28 14.39
C SER F 252 51.67 -10.77 12.97
N ALA F 253 51.63 -9.86 11.99
CA ALA F 253 51.89 -10.26 10.61
C ALA F 253 53.35 -10.16 10.16
N VAL F 254 54.22 -9.44 10.87
CA VAL F 254 55.53 -9.14 10.26
C VAL F 254 56.36 -10.37 9.95
N ASP F 255 56.37 -11.37 10.83
CA ASP F 255 57.17 -12.58 10.56
C ASP F 255 56.40 -13.79 10.02
N SER F 256 55.13 -13.61 9.67
CA SER F 256 54.31 -14.65 9.08
C SER F 256 54.44 -14.64 7.53
N HIS F 257 55.50 -15.28 7.03
CA HIS F 257 55.75 -15.29 5.58
C HIS F 257 56.88 -16.24 5.28
N HIS F 258 57.19 -16.43 4.00
CA HIS F 258 58.14 -17.47 3.67
C HIS F 258 59.29 -16.98 2.83
N TYR F 259 59.66 -15.72 3.02
CA TYR F 259 60.83 -15.18 2.35
C TYR F 259 62.06 -15.41 3.20
N ALA F 260 63.16 -15.69 2.53
CA ALA F 260 64.47 -15.72 3.17
C ALA F 260 64.83 -14.31 3.52
N PRO F 261 65.82 -14.12 4.42
CA PRO F 261 66.27 -12.78 4.77
C PRO F 261 66.75 -12.04 3.56
N GLY F 262 66.58 -10.72 3.54
CA GLY F 262 67.09 -9.93 2.44
C GLY F 262 66.08 -9.65 1.34
N VAL F 263 64.85 -10.11 1.50
CA VAL F 263 63.83 -9.82 0.51
C VAL F 263 62.96 -8.67 0.99
N ILE F 264 62.49 -8.74 2.23
CA ILE F 264 61.70 -7.65 2.81
C ILE F 264 62.21 -7.31 4.21
N GLU F 265 62.06 -6.05 4.55
CA GLU F 265 62.40 -5.54 5.86
C GLU F 265 61.20 -4.85 6.49
N VAL F 266 61.26 -4.73 7.80
CA VAL F 266 60.24 -4.02 8.56
C VAL F 266 60.89 -3.02 9.53
N ARG F 267 60.45 -1.78 9.52
CA ARG F 267 60.88 -0.81 10.54
C ARG F 267 59.70 -0.31 11.38
N PRO F 268 59.87 -0.24 12.71
CA PRO F 268 58.82 0.31 13.60
C PRO F 268 58.52 1.77 13.31
N PHE F 269 57.30 2.22 13.60
CA PHE F 269 56.97 3.64 13.48
C PHE F 269 57.77 4.45 14.49
N SER F 270 57.87 5.76 14.22
CA SER F 270 58.39 6.71 15.20
C SER F 270 57.29 7.12 16.17
N ALA F 271 57.58 7.05 17.47
CA ALA F 271 56.67 7.55 18.51
C ALA F 271 55.87 8.77 18.05
N PRO F 272 54.53 8.74 18.27
CA PRO F 272 53.82 7.66 18.97
C PRO F 272 53.42 6.49 18.04
N VAL F 273 53.77 5.26 18.44
CA VAL F 273 53.46 4.07 17.65
C VAL F 273 51.95 3.81 17.57
N PRO F 274 51.37 3.84 16.33
CA PRO F 274 49.93 3.54 16.17
C PRO F 274 49.64 2.06 16.41
N PHE F 275 48.48 1.75 16.97
CA PHE F 275 48.17 0.36 17.32
C PHE F 275 46.69 0.11 17.27
N ARG F 276 46.32 -1.17 17.39
CA ARG F 276 44.90 -1.54 17.45
C ARG F 276 44.73 -2.48 18.64
N THR F 277 43.53 -2.56 19.19
CA THR F 277 43.31 -3.50 20.26
C THR F 277 42.44 -4.60 19.72
N VAL F 278 42.90 -5.83 19.88
CA VAL F 278 42.21 -7.01 19.42
C VAL F 278 41.35 -7.52 20.55
N ALA F 279 40.09 -7.76 20.21
CA ALA F 279 39.08 -8.16 21.16
C ALA F 279 38.29 -9.37 20.67
N ILE F 280 37.59 -10.03 21.59
CA ILE F 280 36.68 -11.09 21.25
C ILE F 280 35.26 -10.69 21.68
N ALA F 281 34.24 -11.09 20.90
CA ALA F 281 32.84 -10.76 21.22
C ALA F 281 32.00 -12.00 21.14
N TRP F 282 31.05 -12.14 22.05
CA TRP F 282 30.13 -13.25 21.98
C TRP F 282 28.79 -12.83 22.60
N ARG F 283 27.72 -13.58 22.35
CA ARG F 283 26.39 -13.21 22.85
C ARG F 283 26.36 -13.42 24.37
N ALA F 284 25.75 -12.48 25.08
CA ALA F 284 25.64 -12.59 26.52
C ALA F 284 24.88 -13.87 26.94
N SER F 285 23.97 -14.31 26.09
CA SER F 285 23.20 -15.52 26.39
C SER F 285 23.93 -16.83 26.13
N PHE F 286 25.11 -16.80 25.50
CA PHE F 286 25.75 -18.02 25.04
C PHE F 286 25.90 -19.03 26.18
N PRO F 287 25.37 -20.26 25.99
CA PRO F 287 25.31 -21.24 27.09
C PRO F 287 26.59 -22.09 27.28
N ARG F 288 27.71 -21.62 26.74
CA ARG F 288 29.02 -22.26 26.97
C ARG F 288 30.05 -21.22 27.37
N PRO F 289 29.82 -20.49 28.47
CA PRO F 289 30.75 -19.43 28.83
C PRO F 289 32.18 -19.95 29.09
N ARG F 290 32.30 -21.22 29.47
CA ARG F 290 33.62 -21.75 29.79
C ARG F 290 34.49 -21.91 28.52
N ALA F 291 33.85 -22.29 27.41
CA ALA F 291 34.53 -22.37 26.13
C ALA F 291 35.01 -20.98 25.66
N ILE F 292 34.18 -19.96 25.87
CA ILE F 292 34.63 -18.59 25.60
C ILE F 292 35.86 -18.23 26.45
N GLU F 293 35.82 -18.61 27.72
CA GLU F 293 36.91 -18.34 28.65
C GLU F 293 38.23 -18.95 28.17
N VAL F 294 38.17 -20.24 27.86
CA VAL F 294 39.32 -20.98 27.36
C VAL F 294 39.83 -20.39 26.02
N LEU F 295 38.93 -19.98 25.12
CA LEU F 295 39.37 -19.33 23.87
C LEU F 295 40.11 -18.01 24.12
N ALA F 296 39.54 -17.13 24.95
CA ALA F 296 40.20 -15.84 25.23
C ALA F 296 41.54 -16.08 25.96
N ASP F 297 41.56 -17.03 26.90
CA ASP F 297 42.79 -17.39 27.60
C ASP F 297 43.89 -17.83 26.62
N SER F 298 43.49 -18.65 25.65
CA SER F 298 44.42 -19.18 24.66
C SER F 298 44.96 -18.08 23.77
N ILE F 299 44.11 -17.14 23.37
CA ILE F 299 44.65 -16.03 22.60
C ILE F 299 45.65 -15.22 23.41
N ARG F 300 45.32 -14.95 24.68
N ARG F 300 45.30 -14.93 24.67
CA ARG F 300 46.16 -14.05 25.47
CA ARG F 300 46.13 -14.07 25.49
C ARG F 300 47.47 -14.69 25.89
C ARG F 300 47.50 -14.71 25.74
N LEU F 301 47.48 -16.02 25.94
CA LEU F 301 48.71 -16.79 26.14
C LEU F 301 49.60 -16.88 24.88
N CYS F 302 49.08 -16.51 23.70
CA CYS F 302 49.89 -16.49 22.45
C CYS F 302 51.02 -15.52 22.51
N SER F 303 52.11 -15.89 21.83
CA SER F 303 53.30 -15.04 21.74
C SER F 303 52.97 -13.62 21.27
N VAL F 304 52.10 -13.50 20.27
CA VAL F 304 51.84 -12.21 19.66
C VAL F 304 51.00 -11.31 20.59
N ALA F 305 50.50 -11.92 21.66
CA ALA F 305 49.63 -11.21 22.60
C ALA F 305 50.31 -10.83 23.94
N ARG F 306 51.63 -11.02 24.05
CA ARG F 306 52.39 -10.75 25.27
C ARG F 306 52.09 -9.39 26.00
N PRO F 307 52.02 -8.22 25.29
CA PRO F 307 51.80 -6.96 26.02
C PRO F 307 50.47 -6.85 26.81
N GLN F 308 49.51 -7.72 26.51
CA GLN F 308 48.13 -7.63 27.02
C GLN F 308 47.55 -6.25 26.67
N THR F 309 46.53 -5.83 27.42
CA THR F 309 45.81 -4.58 27.15
C THR F 309 45.17 -4.08 28.44
N GLN F 310 45.09 -2.75 28.57
CA GLN F 310 44.41 -2.10 29.70
C GLN F 310 43.00 -1.59 29.32
N GLU F 311 42.55 -1.95 28.10
CA GLU F 311 41.32 -1.38 27.52
C GLU F 311 40.02 -1.89 28.20
N GLN F 312 39.04 -0.99 28.31
CA GLN F 312 37.76 -1.29 28.97
C GLN F 312 36.68 -1.55 27.91
N PRO F 313 35.73 -2.45 28.22
CA PRO F 313 34.54 -2.61 27.37
C PRO F 313 33.39 -1.66 27.76
N MET G 7 10.83 -29.58 26.03
CA MET G 7 10.59 -28.37 26.80
C MET G 7 9.85 -27.36 25.95
N THR G 8 8.78 -26.76 26.49
CA THR G 8 8.04 -25.75 25.75
C THR G 8 7.85 -24.50 26.59
N LEU G 9 7.48 -23.40 25.93
CA LEU G 9 7.24 -22.13 26.61
C LEU G 9 5.97 -22.18 27.43
N THR G 10 5.14 -23.17 27.11
CA THR G 10 3.88 -23.38 27.80
C THR G 10 4.21 -23.89 29.21
N GLU G 11 5.12 -24.87 29.31
CA GLU G 11 5.63 -25.37 30.60
C GLU G 11 6.40 -24.30 31.38
N LEU G 12 7.05 -23.37 30.67
CA LEU G 12 7.75 -22.28 31.36
C LEU G 12 6.73 -21.31 31.92
N ARG G 13 5.60 -21.16 31.21
CA ARG G 13 4.52 -20.34 31.73
C ARG G 13 3.86 -21.01 32.94
N TYR G 14 3.71 -22.33 32.89
CA TYR G 14 3.12 -23.09 34.02
C TYR G 14 3.98 -22.96 35.28
N ILE G 15 5.29 -23.18 35.17
CA ILE G 15 6.15 -23.07 36.35
C ILE G 15 6.33 -21.59 36.79
N VAL G 16 6.35 -20.64 35.88
CA VAL G 16 6.46 -19.24 36.31
C VAL G 16 5.20 -18.77 37.05
N THR G 17 4.02 -19.09 36.50
CA THR G 17 2.77 -18.66 37.12
C THR G 17 2.48 -19.45 38.42
N LEU G 18 2.99 -20.68 38.50
CA LEU G 18 2.84 -21.49 39.71
C LEU G 18 3.71 -20.94 40.85
N ALA G 19 4.94 -20.54 40.54
CA ALA G 19 5.81 -19.94 41.54
C ALA G 19 5.31 -18.60 42.11
N GLN G 20 4.37 -17.96 41.42
CA GLN G 20 3.90 -16.64 41.86
C GLN G 20 2.47 -16.72 42.34
N ARG G 26 -6.00 -22.73 40.26
CA ARG G 26 -5.58 -21.35 40.54
C ARG G 26 -4.58 -20.86 39.49
N ALA G 27 -3.48 -21.60 39.37
CA ALA G 27 -2.47 -21.36 38.34
C ALA G 27 -2.89 -22.10 37.08
N ALA G 28 -3.62 -23.20 37.26
CA ALA G 28 -4.25 -23.91 36.15
C ALA G 28 -5.39 -23.08 35.56
N GLU G 29 -6.06 -22.34 36.43
CA GLU G 29 -7.12 -21.43 36.00
C GLU G 29 -6.56 -20.23 35.21
N ARG G 30 -5.54 -19.57 35.77
CA ARG G 30 -4.95 -18.37 35.17
C ARG G 30 -4.20 -18.66 33.86
N CYS G 31 -3.75 -19.91 33.69
CA CYS G 31 -3.13 -20.37 32.43
C CYS G 31 -4.13 -20.93 31.42
N HIS G 32 -5.43 -20.86 31.75
CA HIS G 32 -6.51 -21.31 30.87
C HIS G 32 -6.40 -22.84 30.55
N VAL G 33 -6.07 -23.63 31.56
CA VAL G 33 -6.05 -25.10 31.42
C VAL G 33 -6.64 -25.85 32.62
N SER G 34 -6.68 -27.17 32.53
CA SER G 34 -7.04 -28.00 33.67
C SER G 34 -5.87 -28.06 34.66
N GLN G 35 -6.17 -28.44 35.91
CA GLN G 35 -5.14 -28.65 36.94
C GLN G 35 -4.45 -30.02 36.86
N PRO G 36 -5.16 -31.03 36.33
CA PRO G 36 -4.40 -32.20 35.87
C PRO G 36 -3.48 -31.91 34.66
N THR G 37 -3.82 -30.89 33.85
CA THR G 37 -2.98 -30.46 32.72
C THR G 37 -1.73 -29.70 33.20
N LEU G 38 -1.93 -28.75 34.11
CA LEU G 38 -0.83 -28.04 34.78
C LEU G 38 0.08 -29.02 35.51
N SER G 39 -0.54 -29.98 36.20
CA SER G 39 0.17 -31.07 36.86
C SER G 39 1.06 -31.90 35.91
N VAL G 40 0.48 -32.49 34.86
CA VAL G 40 1.27 -33.32 33.95
C VAL G 40 2.33 -32.49 33.17
N GLY G 41 2.04 -31.19 32.98
CA GLY G 41 3.00 -30.25 32.41
C GLY G 41 4.24 -30.10 33.29
N VAL G 42 4.05 -29.55 34.48
CA VAL G 42 5.15 -29.37 35.42
C VAL G 42 5.90 -30.73 35.64
N LYS G 43 5.16 -31.82 35.77
CA LYS G 43 5.77 -33.15 35.90
C LYS G 43 6.76 -33.43 34.74
N LYS G 44 6.31 -33.23 33.49
CA LYS G 44 7.13 -33.62 32.33
C LYS G 44 8.35 -32.70 32.16
N LEU G 45 8.18 -31.44 32.52
CA LEU G 45 9.31 -30.52 32.61
C LEU G 45 10.38 -31.02 33.60
N GLU G 46 9.99 -31.21 34.86
CA GLU G 46 10.97 -31.64 35.87
C GLU G 46 11.63 -33.00 35.61
N ASP G 47 10.94 -33.87 34.86
CA ASP G 47 11.52 -35.18 34.48
C ASP G 47 12.44 -35.15 33.26
N GLU G 48 12.14 -34.31 32.26
CA GLU G 48 13.14 -34.06 31.22
C GLU G 48 14.40 -33.39 31.79
N LEU G 49 14.20 -32.47 32.74
CA LEU G 49 15.32 -31.77 33.39
C LEU G 49 16.07 -32.69 34.37
N GLY G 50 15.38 -33.73 34.83
CA GLY G 50 15.96 -34.67 35.77
C GLY G 50 16.21 -34.07 37.14
N VAL G 51 15.57 -32.93 37.41
CA VAL G 51 15.75 -32.21 38.66
C VAL G 51 14.39 -31.57 39.02
N LEU G 52 14.10 -31.40 40.31
CA LEU G 52 12.78 -30.94 40.72
C LEU G 52 12.64 -29.44 41.03
N ILE G 53 11.54 -28.88 40.51
CA ILE G 53 11.24 -27.44 40.56
C ILE G 53 10.14 -27.06 41.56
N PHE G 54 10.53 -26.38 42.63
CA PHE G 54 9.59 -25.62 43.48
C PHE G 54 10.34 -24.97 44.65
N VAL G 66 16.96 -25.44 44.06
CA VAL G 66 17.48 -25.06 42.75
C VAL G 66 16.38 -24.63 41.77
N GLY G 67 15.13 -24.79 42.19
CA GLY G 67 14.01 -24.38 41.37
C GLY G 67 13.96 -22.86 41.22
N GLU G 68 14.50 -22.15 42.20
CA GLU G 68 14.45 -20.69 42.21
C GLU G 68 15.17 -20.12 40.99
N GLY G 69 16.34 -20.67 40.73
CA GLY G 69 17.14 -20.31 39.58
C GLY G 69 16.50 -20.69 38.26
N ILE G 70 15.76 -21.80 38.22
CA ILE G 70 15.12 -22.24 36.98
C ILE G 70 13.88 -21.40 36.66
N VAL G 71 13.19 -20.95 37.68
CA VAL G 71 12.10 -20.01 37.47
C VAL G 71 12.71 -18.62 37.22
N ALA G 72 14.00 -18.44 37.51
CA ALA G 72 14.74 -17.28 37.01
C ALA G 72 15.05 -17.33 35.45
N GLN G 73 15.54 -18.47 35.00
CA GLN G 73 15.84 -18.59 33.59
C GLN G 73 14.49 -18.48 32.82
N ALA G 74 13.40 -19.00 33.40
CA ALA G 74 12.07 -18.85 32.76
C ALA G 74 11.43 -17.44 32.82
N GLN G 75 11.60 -16.67 33.94
CA GLN G 75 11.21 -15.22 33.89
C GLN G 75 11.76 -14.63 32.61
N LYS G 76 13.09 -14.57 32.51
CA LYS G 76 13.59 -13.79 31.35
C LYS G 76 13.38 -14.50 29.99
N VAL G 77 13.27 -15.83 29.91
CA VAL G 77 12.94 -16.43 28.62
C VAL G 77 11.61 -15.89 28.11
N LEU G 78 10.61 -15.85 29.01
CA LEU G 78 9.30 -15.35 28.62
C LEU G 78 9.32 -13.84 28.30
N GLU G 79 10.12 -13.03 29.02
CA GLU G 79 10.16 -11.61 28.63
C GLU G 79 10.81 -11.37 27.26
N GLN G 80 11.91 -12.08 26.98
CA GLN G 80 12.54 -11.91 25.68
C GLN G 80 11.60 -12.34 24.54
N ALA G 81 10.93 -13.47 24.75
CA ALA G 81 9.86 -13.89 23.85
C ALA G 81 8.93 -12.71 23.53
N GLN G 82 8.40 -12.03 24.55
CA GLN G 82 7.59 -10.83 24.27
C GLN G 82 8.35 -9.78 23.37
N GLY G 83 9.67 -9.66 23.57
CA GLY G 83 10.44 -8.76 22.69
C GLY G 83 10.32 -9.08 21.20
N ILE G 84 10.09 -10.35 20.88
CA ILE G 84 9.81 -10.64 19.48
C ILE G 84 8.57 -9.92 18.94
N ARG G 85 7.44 -10.05 19.63
CA ARG G 85 6.22 -9.35 19.20
C ARG G 85 6.42 -7.86 19.17
N GLU G 86 7.20 -7.33 20.09
CA GLU G 86 7.47 -5.90 19.97
C GLU G 86 8.19 -5.54 18.64
N LEU G 87 9.22 -6.30 18.28
CA LEU G 87 9.92 -6.10 16.99
C LEU G 87 8.98 -6.26 15.78
N ALA G 88 8.21 -7.34 15.76
CA ALA G 88 7.21 -7.52 14.71
C ALA G 88 6.30 -6.32 14.58
N GLN G 89 5.86 -5.79 15.71
CA GLN G 89 4.98 -4.64 15.69
C GLN G 89 5.66 -3.47 15.01
N ALA G 90 6.94 -3.29 15.31
CA ALA G 90 7.68 -2.16 14.71
C ALA G 90 7.81 -2.28 13.19
N GLY G 91 7.72 -3.51 12.66
CA GLY G 91 7.89 -3.73 11.23
C GLY G 91 6.68 -3.90 10.32
N LYS G 92 5.49 -3.52 10.75
CA LYS G 92 4.30 -3.70 9.91
C LYS G 92 4.06 -2.53 8.96
N ASN G 93 4.52 -1.35 9.36
CA ASN G 93 4.36 -0.13 8.56
C ASN G 93 5.31 -0.15 7.35
N GLN G 94 4.74 -0.26 6.15
CA GLN G 94 5.53 -0.42 4.91
C GLN G 94 6.13 0.91 4.36
N LEU G 95 5.75 2.02 4.97
CA LEU G 95 6.20 3.33 4.54
C LEU G 95 7.03 3.98 5.64
N ALA G 96 8.04 3.27 6.12
CA ALA G 96 8.79 3.79 7.26
C ALA G 96 10.27 3.53 7.15
N ALA G 97 10.73 3.13 5.97
CA ALA G 97 12.17 2.95 5.73
C ALA G 97 12.53 3.42 4.34
N PRO G 98 13.79 3.75 4.12
CA PRO G 98 14.20 4.08 2.75
C PRO G 98 13.91 2.96 1.73
N LEU G 99 13.68 3.35 0.48
CA LEU G 99 13.49 2.44 -0.63
C LEU G 99 14.67 2.60 -1.58
N LYS G 100 15.33 1.50 -1.93
CA LYS G 100 16.47 1.57 -2.81
C LYS G 100 16.00 1.34 -4.23
N VAL G 101 16.17 2.35 -5.08
CA VAL G 101 15.60 2.36 -6.42
C VAL G 101 16.66 2.60 -7.52
N GLY G 102 16.63 1.76 -8.55
CA GLY G 102 17.50 1.97 -9.71
C GLY G 102 16.70 2.51 -10.91
N ALA G 103 17.27 3.38 -11.73
CA ALA G 103 16.62 3.78 -12.96
C ALA G 103 17.69 3.82 -14.06
N ILE G 104 17.33 3.38 -15.27
CA ILE G 104 18.34 3.40 -16.32
C ILE G 104 18.71 4.85 -16.66
N TYR G 105 19.84 5.03 -17.33
CA TYR G 105 20.38 6.36 -17.61
C TYR G 105 19.43 7.28 -18.36
N THR G 106 18.71 6.74 -19.35
CA THR G 106 17.82 7.56 -20.19
C THR G 106 16.45 7.75 -19.58
N ILE G 107 16.29 7.38 -18.32
CA ILE G 107 14.98 7.53 -17.66
C ILE G 107 15.11 8.38 -16.41
N GLY G 108 16.05 7.99 -15.54
CA GLY G 108 16.25 8.59 -14.23
C GLY G 108 16.14 10.10 -14.15
N PRO G 109 17.00 10.82 -14.90
CA PRO G 109 17.06 12.30 -14.88
C PRO G 109 15.73 12.97 -15.17
N TYR G 110 14.91 12.33 -15.98
CA TYR G 110 13.68 12.94 -16.46
C TYR G 110 12.45 12.52 -15.63
N LEU G 111 12.67 11.56 -14.73
CA LEU G 111 11.60 10.99 -13.96
C LEU G 111 11.69 11.44 -12.50
N PHE G 112 12.87 11.38 -11.88
CA PHE G 112 12.94 11.65 -10.45
C PHE G 112 12.38 12.99 -10.00
N PRO G 113 12.69 14.11 -10.69
CA PRO G 113 12.10 15.41 -10.33
C PRO G 113 10.58 15.45 -10.24
N HIS G 114 9.90 14.64 -11.06
CA HIS G 114 8.43 14.63 -11.11
C HIS G 114 7.81 13.57 -10.20
N LEU G 115 8.66 12.82 -9.51
CA LEU G 115 8.20 11.75 -8.64
C LEU G 115 8.48 12.10 -7.18
N ILE G 116 9.70 12.52 -6.91
CA ILE G 116 10.14 12.69 -5.53
C ILE G 116 9.31 13.71 -4.72
N PRO G 117 8.87 14.83 -5.33
CA PRO G 117 8.08 15.73 -4.47
C PRO G 117 6.71 15.15 -4.02
N GLN G 118 6.08 14.40 -4.91
CA GLN G 118 4.78 13.81 -4.66
C GLN G 118 4.95 12.62 -3.70
N LEU G 119 5.96 11.80 -3.98
CA LEU G 119 6.30 10.72 -3.06
C LEU G 119 6.56 11.26 -1.66
N HIS G 120 7.18 12.43 -1.57
CA HIS G 120 7.49 12.98 -0.26
C HIS G 120 6.22 13.46 0.41
N ARG G 121 5.27 13.91 -0.39
CA ARG G 121 3.99 14.31 0.19
C ARG G 121 3.15 13.14 0.74
N VAL G 122 3.09 12.01 0.05
CA VAL G 122 2.29 10.92 0.63
C VAL G 122 3.09 9.93 1.51
N ALA G 123 4.42 9.98 1.47
CA ALA G 123 5.20 9.04 2.28
C ALA G 123 6.47 9.69 2.77
N PRO G 124 6.33 10.73 3.61
CA PRO G 124 7.48 11.50 4.09
C PRO G 124 8.58 10.62 4.72
N GLN G 125 8.22 9.44 5.21
CA GLN G 125 9.19 8.58 5.89
C GLN G 125 9.89 7.63 4.92
N MET G 126 9.76 7.99 3.65
CA MET G 126 10.29 7.22 2.52
C MET G 126 11.37 7.97 1.71
N PRO G 127 12.59 8.05 2.26
CA PRO G 127 13.69 8.61 1.45
C PRO G 127 13.97 7.67 0.28
N LEU G 128 14.52 8.15 -0.85
CA LEU G 128 15.01 7.19 -1.84
C LEU G 128 16.52 7.13 -1.83
N TYR G 129 17.04 5.92 -1.92
CA TYR G 129 18.45 5.79 -2.25
C TYR G 129 18.49 5.42 -3.73
N ILE G 130 19.14 6.23 -4.54
CA ILE G 130 19.01 6.14 -5.99
C ILE G 130 20.27 5.65 -6.68
N GLU G 131 20.07 4.81 -7.69
CA GLU G 131 21.17 4.30 -8.47
C GLU G 131 20.84 4.39 -9.95
N GLU G 132 21.64 5.08 -10.76
CA GLU G 132 21.42 5.04 -12.21
C GLU G 132 22.42 4.15 -12.86
N ASN G 133 21.94 3.32 -13.79
CA ASN G 133 22.86 2.39 -14.45
C ASN G 133 22.20 1.73 -15.68
N PHE G 134 22.95 0.89 -16.40
CA PHE G 134 22.38 0.05 -17.45
C PHE G 134 21.40 -1.00 -16.94
N THR G 135 20.48 -1.37 -17.83
CA THR G 135 19.45 -2.33 -17.51
C THR G 135 19.94 -3.64 -16.83
N HIS G 136 20.94 -4.27 -17.42
CA HIS G 136 21.36 -5.59 -16.95
C HIS G 136 21.97 -5.52 -15.53
N ILE G 137 22.66 -4.42 -15.24
CA ILE G 137 23.21 -4.23 -13.91
C ILE G 137 22.12 -4.02 -12.88
N LEU G 138 21.11 -3.22 -13.23
CA LEU G 138 19.99 -2.97 -12.32
C LEU G 138 19.23 -4.26 -12.06
N ARG G 139 19.13 -5.09 -13.09
CA ARG G 139 18.42 -6.36 -12.99
C ARG G 139 19.16 -7.27 -12.01
N ASP G 140 20.47 -7.37 -12.20
CA ASP G 140 21.35 -8.05 -11.25
C ASP G 140 21.14 -7.61 -9.81
N LYS G 141 21.15 -6.30 -9.59
CA LYS G 141 21.02 -5.83 -8.25
C LYS G 141 19.61 -6.05 -7.70
N LEU G 142 18.59 -6.11 -8.57
CA LEU G 142 17.25 -6.41 -8.07
C LEU G 142 17.26 -7.86 -7.58
N ARG G 143 18.01 -8.69 -8.30
CA ARG G 143 18.04 -10.12 -8.02
C ARG G 143 18.74 -10.38 -6.70
N THR G 144 19.95 -9.85 -6.52
CA THR G 144 20.70 -10.07 -5.28
C THR G 144 19.98 -9.41 -4.11
N GLY G 145 19.29 -8.30 -4.36
CA GLY G 145 18.48 -7.68 -3.33
C GLY G 145 19.07 -6.34 -2.92
N GLU G 146 20.23 -6.04 -3.51
CA GLU G 146 20.85 -4.73 -3.41
C GLU G 146 19.93 -3.56 -3.82
N LEU G 147 18.85 -3.85 -4.56
CA LEU G 147 17.89 -2.82 -4.96
C LEU G 147 16.49 -3.33 -4.72
N ASP G 148 15.60 -2.44 -4.26
CA ASP G 148 14.22 -2.81 -4.00
C ASP G 148 13.34 -2.85 -5.24
N ALA G 149 13.58 -1.92 -6.17
CA ALA G 149 12.80 -1.78 -7.41
C ALA G 149 13.65 -1.12 -8.48
N ILE G 150 13.39 -1.44 -9.74
CA ILE G 150 14.09 -0.74 -10.80
C ILE G 150 13.10 -0.21 -11.85
N ILE G 151 13.45 0.92 -12.46
CA ILE G 151 12.65 1.59 -13.47
C ILE G 151 13.38 1.42 -14.79
N ILE G 152 12.76 0.62 -15.66
CA ILE G 152 13.38 0.13 -16.87
C ILE G 152 12.41 0.37 -18.04
N ALA G 153 12.78 -0.11 -19.24
CA ALA G 153 11.90 -0.03 -20.41
C ALA G 153 11.49 -1.42 -20.86
N LEU G 154 10.22 -1.62 -21.19
CA LEU G 154 9.78 -2.89 -21.76
C LEU G 154 10.45 -3.12 -23.13
N PRO G 155 10.53 -4.38 -23.57
CA PRO G 155 10.13 -5.59 -22.86
C PRO G 155 11.10 -5.89 -21.71
N PHE G 156 10.56 -6.41 -20.62
CA PHE G 156 11.38 -6.83 -19.47
C PHE G 156 10.67 -8.01 -18.83
N GLN G 157 11.37 -9.14 -18.75
CA GLN G 157 10.83 -10.36 -18.17
C GLN G 157 11.92 -11.00 -17.36
N GLU G 158 11.65 -11.25 -16.09
CA GLU G 158 12.68 -11.91 -15.30
C GLU G 158 12.07 -12.86 -14.29
N ALA G 159 12.88 -13.83 -13.88
CA ALA G 159 12.45 -14.83 -12.92
C ALA G 159 12.98 -14.50 -11.52
N ASP G 160 12.03 -14.29 -10.61
CA ASP G 160 10.68 -14.04 -11.04
C ASP G 160 10.23 -12.72 -10.42
N VAL G 161 9.97 -11.79 -11.33
CA VAL G 161 9.90 -10.39 -11.02
C VAL G 161 8.53 -9.94 -11.45
N LEU G 162 7.98 -8.95 -10.79
CA LEU G 162 6.73 -8.36 -11.25
C LEU G 162 7.05 -7.09 -12.02
N THR G 163 6.29 -6.87 -13.08
CA THR G 163 6.39 -5.66 -13.87
C THR G 163 5.07 -4.89 -13.86
N LYS G 164 5.14 -3.59 -13.62
CA LYS G 164 3.97 -2.74 -13.72
C LYS G 164 4.21 -1.53 -14.68
N PRO G 165 3.65 -1.57 -15.91
CA PRO G 165 3.63 -0.39 -16.79
C PRO G 165 3.23 0.91 -16.10
N LEU G 166 4.07 1.93 -16.26
CA LEU G 166 3.82 3.24 -15.68
C LEU G 166 3.36 4.21 -16.75
N PHE G 167 4.04 4.25 -17.89
CA PHE G 167 3.55 5.12 -18.98
C PHE G 167 4.26 4.87 -20.27
N ASP G 168 3.61 5.34 -21.33
CA ASP G 168 4.15 5.29 -22.68
C ASP G 168 4.64 6.68 -23.02
N GLU G 169 5.70 6.71 -23.80
CA GLU G 169 6.47 7.89 -24.06
C GLU G 169 6.90 7.85 -25.53
N PRO G 170 6.42 8.79 -26.38
CA PRO G 170 6.91 8.92 -27.76
C PRO G 170 8.35 9.46 -27.83
N PHE G 171 9.07 9.15 -28.89
CA PHE G 171 10.34 9.79 -29.19
C PHE G 171 10.13 11.06 -30.06
N TYR G 172 11.08 12.01 -29.99
CA TYR G 172 11.06 13.27 -30.74
C TYR G 172 12.44 13.47 -31.37
N VAL G 173 12.49 14.13 -32.53
CA VAL G 173 13.80 14.46 -33.13
C VAL G 173 14.26 15.81 -32.62
N LEU G 174 15.50 15.89 -32.15
CA LEU G 174 16.09 17.08 -31.59
C LEU G 174 17.07 17.68 -32.61
N MET G 175 16.95 18.99 -32.84
CA MET G 175 17.77 19.67 -33.83
C MET G 175 18.07 21.10 -33.38
N PRO G 176 19.19 21.70 -33.87
CA PRO G 176 19.52 23.12 -33.65
C PRO G 176 18.35 24.01 -34.14
N ALA G 177 18.13 25.17 -33.56
CA ALA G 177 17.01 25.98 -34.06
C ALA G 177 17.17 26.41 -35.53
N ASP G 178 18.39 26.49 -36.04
CA ASP G 178 18.51 26.98 -37.42
C ASP G 178 18.67 25.86 -38.46
N HIS G 179 18.43 24.62 -38.05
CA HIS G 179 18.56 23.44 -38.89
C HIS G 179 17.47 23.38 -39.96
N PRO G 180 17.80 22.88 -41.17
CA PRO G 180 16.78 22.95 -42.24
C PRO G 180 15.51 22.19 -41.86
N TRP G 181 15.64 21.14 -41.04
CA TRP G 181 14.51 20.28 -40.73
C TRP G 181 13.48 21.01 -39.89
N THR G 182 13.83 22.17 -39.34
CA THR G 182 12.82 22.91 -38.60
C THR G 182 11.69 23.33 -39.53
N ALA G 183 11.94 23.34 -40.85
CA ALA G 183 10.86 23.69 -41.77
C ALA G 183 9.83 22.57 -41.86
N LYS G 184 10.24 21.35 -41.51
CA LYS G 184 9.38 20.15 -41.62
C LYS G 184 8.33 20.10 -40.50
N ALA G 185 7.15 19.60 -40.80
CA ALA G 185 6.15 19.42 -39.78
C ALA G 185 6.49 18.17 -38.97
N SER G 186 7.07 17.18 -39.65
CA SER G 186 7.41 15.93 -38.97
C SER G 186 8.57 15.19 -39.69
N ILE G 187 9.31 14.38 -38.94
CA ILE G 187 10.49 13.72 -39.51
C ILE G 187 10.17 12.25 -39.82
N ASP G 188 10.37 11.87 -41.07
CA ASP G 188 10.25 10.48 -41.47
C ASP G 188 11.48 9.71 -40.97
N SER G 189 11.27 8.62 -40.23
CA SER G 189 12.41 8.04 -39.48
C SER G 189 13.51 7.60 -40.43
N GLU G 190 13.12 7.32 -41.68
CA GLU G 190 14.10 6.98 -42.72
C GLU G 190 15.09 8.11 -42.96
N LEU G 191 14.77 9.33 -42.55
CA LEU G 191 15.73 10.43 -42.78
C LEU G 191 16.89 10.33 -41.79
N LEU G 192 16.76 9.51 -40.76
CA LEU G 192 17.78 9.57 -39.70
C LEU G 192 19.05 8.82 -40.06
N ASN G 193 18.99 7.95 -41.06
CA ASN G 193 20.19 7.19 -41.43
C ASN G 193 21.24 8.12 -42.03
N ASP G 194 22.00 8.78 -41.18
CA ASP G 194 22.89 9.81 -41.64
C ASP G 194 23.93 10.11 -40.56
N LYS G 195 25.11 10.46 -41.04
CA LYS G 195 26.24 10.80 -40.22
C LYS G 195 25.92 11.88 -39.18
N SER G 196 24.94 12.73 -39.46
CA SER G 196 24.63 13.81 -38.52
C SER G 196 23.84 13.28 -37.29
N LEU G 197 23.29 12.08 -37.37
CA LEU G 197 22.51 11.54 -36.25
C LEU G 197 23.44 11.13 -35.12
N LEU G 198 23.34 11.77 -33.96
CA LEU G 198 24.17 11.41 -32.80
C LEU G 198 23.46 10.35 -31.93
N LEU G 199 24.10 9.20 -31.65
CA LEU G 199 23.46 8.14 -30.85
C LEU G 199 24.25 7.75 -29.62
N LEU G 200 23.56 7.30 -28.58
CA LEU G 200 24.20 6.65 -27.43
C LEU G 200 24.95 5.39 -27.84
N GLY G 201 26.02 5.04 -27.10
CA GLY G 201 26.72 3.79 -27.35
C GLY G 201 25.90 2.53 -27.08
N GLU G 202 26.40 1.40 -27.54
CA GLU G 202 25.84 0.10 -27.17
C GLU G 202 25.72 -0.02 -25.66
N GLY G 203 24.72 -0.72 -25.17
CA GLY G 203 24.65 -0.77 -23.72
C GLY G 203 23.41 -0.06 -23.27
N HIS G 204 23.13 1.09 -23.90
CA HIS G 204 21.85 1.79 -23.68
C HIS G 204 20.74 1.16 -24.53
N ASP G 205 19.70 0.60 -23.91
CA ASP G 205 18.66 0.03 -24.74
C ASP G 205 17.93 1.12 -25.59
N PHE G 206 18.08 2.40 -25.24
CA PHE G 206 17.47 3.47 -26.05
C PHE G 206 18.06 3.53 -27.49
N ARG G 207 19.36 3.26 -27.61
CA ARG G 207 20.05 3.24 -28.90
C ARG G 207 19.29 2.31 -29.85
N ASP G 208 19.13 1.07 -29.38
CA ASP G 208 18.39 0.04 -30.09
C ASP G 208 17.00 0.40 -30.42
N GLN G 209 16.30 1.01 -29.46
CA GLN G 209 14.93 1.39 -29.74
C GLN G 209 14.83 2.50 -30.80
N VAL G 210 15.85 3.36 -30.89
CA VAL G 210 15.87 4.38 -31.92
C VAL G 210 16.21 3.73 -33.27
N LEU G 211 17.20 2.85 -33.29
CA LEU G 211 17.54 2.22 -34.58
C LEU G 211 16.37 1.34 -35.11
N GLU G 212 15.69 0.59 -34.24
CA GLU G 212 14.57 -0.23 -34.69
C GLU G 212 13.36 0.60 -35.14
N ALA G 213 13.31 1.86 -34.75
CA ALA G 213 12.26 2.73 -35.26
C ALA G 213 12.57 3.20 -36.70
N CYS G 214 13.71 2.78 -37.25
CA CYS G 214 14.12 3.18 -38.61
C CYS G 214 14.00 2.03 -39.57
N PRO G 215 13.63 2.30 -40.84
CA PRO G 215 13.53 1.16 -41.77
C PRO G 215 14.87 0.45 -41.96
N THR G 216 14.81 -0.82 -42.37
CA THR G 216 16.00 -1.56 -42.75
C THR G 216 16.53 -0.97 -44.06
N VAL G 217 17.85 -0.85 -44.21
CA VAL G 217 18.38 -0.25 -45.44
C VAL G 217 19.05 -1.25 -46.40
N ARG G 218 19.41 -0.75 -47.58
CA ARG G 218 20.26 -1.44 -48.55
C ARG G 218 21.59 -1.90 -47.93
N LYS G 219 22.10 -3.05 -48.36
CA LYS G 219 23.39 -3.55 -47.89
C LYS G 219 24.55 -2.74 -48.49
N GLY G 220 25.30 -2.05 -47.64
CA GLY G 220 25.02 -2.04 -46.22
C GLY G 220 25.75 -3.08 -45.40
N ASP G 221 25.30 -3.32 -44.17
CA ASP G 221 24.08 -2.71 -43.61
C ASP G 221 24.36 -1.29 -43.10
N GLU G 222 24.19 -0.31 -43.98
CA GLU G 222 24.58 1.07 -43.72
C GLU G 222 23.81 1.69 -42.56
N ASN G 223 24.34 1.65 -41.33
CA ASN G 223 23.90 2.64 -40.36
C ASN G 223 25.02 3.69 -40.21
N LYS G 224 24.82 4.80 -40.93
CA LYS G 224 25.82 5.83 -41.10
C LYS G 224 25.91 6.76 -39.90
N HIS G 225 25.05 6.55 -38.91
CA HIS G 225 25.01 7.42 -37.72
C HIS G 225 26.34 7.51 -36.96
N THR G 226 26.46 8.52 -36.12
CA THR G 226 27.65 8.75 -35.30
C THR G 226 27.39 8.30 -33.84
N THR G 227 27.98 7.18 -33.45
CA THR G 227 27.85 6.75 -32.07
C THR G 227 28.80 7.56 -31.22
N VAL G 228 28.33 8.15 -30.14
CA VAL G 228 29.29 8.85 -29.32
C VAL G 228 29.37 8.16 -27.96
N GLU G 229 30.42 7.40 -27.76
CA GLU G 229 30.53 6.71 -26.49
C GLU G 229 31.60 7.32 -25.58
N SER G 230 31.17 7.51 -24.34
CA SER G 230 29.81 7.16 -24.03
C SER G 230 29.29 8.42 -23.42
N SER G 231 28.57 9.16 -24.25
CA SER G 231 27.82 10.32 -23.83
C SER G 231 26.63 9.86 -22.99
N SER G 232 25.85 10.86 -22.52
CA SER G 232 24.47 10.74 -21.99
C SER G 232 23.54 11.53 -22.90
N LEU G 233 22.23 11.51 -22.65
CA LEU G 233 21.34 12.25 -23.54
C LEU G 233 21.60 13.74 -23.39
N GLU G 234 22.02 14.20 -22.20
CA GLU G 234 22.27 15.64 -22.04
C GLU G 234 23.49 16.14 -22.84
N THR G 235 24.50 15.31 -22.89
CA THR G 235 25.72 15.59 -23.62
C THR G 235 25.45 15.66 -25.13
N ILE G 236 24.67 14.69 -25.63
CA ILE G 236 24.18 14.77 -27.01
C ILE G 236 23.36 16.05 -27.21
N ARG G 237 22.56 16.44 -26.22
CA ARG G 237 21.81 17.66 -26.40
C ARG G 237 22.70 18.92 -26.52
N HIS G 238 23.81 18.95 -25.80
CA HIS G 238 24.70 20.10 -25.93
C HIS G 238 25.35 20.09 -27.31
N MET G 239 25.80 18.91 -27.75
CA MET G 239 26.42 18.87 -29.07
C MET G 239 25.40 19.35 -30.13
N VAL G 240 24.15 18.97 -29.94
CA VAL G 240 23.11 19.33 -30.93
C VAL G 240 22.88 20.83 -30.87
N ALA G 241 22.84 21.39 -29.66
CA ALA G 241 22.61 22.79 -29.53
C ALA G 241 23.73 23.55 -30.18
N SER G 242 24.97 23.08 -30.09
CA SER G 242 26.08 23.81 -30.72
C SER G 242 26.07 23.64 -32.26
N GLY G 243 25.21 22.76 -32.76
CA GLY G 243 25.09 22.60 -34.20
C GLY G 243 25.82 21.40 -34.78
N LEU G 244 26.28 20.47 -33.94
CA LEU G 244 27.06 19.34 -34.43
C LEU G 244 26.20 18.38 -35.25
N GLY G 245 24.91 18.27 -34.95
CA GLY G 245 24.05 17.32 -35.68
C GLY G 245 22.68 17.31 -35.05
N VAL G 246 22.00 16.15 -35.11
CA VAL G 246 20.65 15.97 -34.61
C VAL G 246 20.58 14.71 -33.78
N SER G 247 19.50 14.55 -33.03
CA SER G 247 19.36 13.33 -32.25
C SER G 247 17.92 12.97 -31.98
N VAL G 248 17.73 11.95 -31.14
CA VAL G 248 16.38 11.51 -30.78
C VAL G 248 16.29 11.50 -29.27
N LEU G 249 15.17 11.96 -28.72
CA LEU G 249 14.98 12.00 -27.28
C LEU G 249 13.66 11.35 -26.96
N PRO G 250 13.56 10.67 -25.80
CA PRO G 250 12.25 10.31 -25.27
C PRO G 250 11.54 11.56 -24.84
N PHE G 251 10.24 11.54 -24.84
CA PHE G 251 9.53 12.79 -24.69
C PHE G 251 9.81 13.45 -23.36
N SER G 252 10.05 12.66 -22.30
CA SER G 252 10.11 13.28 -20.98
C SER G 252 11.42 14.00 -20.78
N ALA G 253 12.36 13.78 -21.70
CA ALA G 253 13.61 14.54 -21.70
C ALA G 253 13.49 15.86 -22.51
N VAL G 254 12.46 16.00 -23.34
CA VAL G 254 12.40 17.10 -24.30
C VAL G 254 12.43 18.50 -23.66
N ASP G 255 11.70 18.73 -22.58
CA ASP G 255 11.65 20.08 -21.97
C ASP G 255 12.59 20.18 -20.78
N SER G 256 13.36 19.13 -20.57
CA SER G 256 14.19 19.01 -19.39
C SER G 256 15.56 19.67 -19.62
N HIS G 257 15.56 20.99 -19.84
CA HIS G 257 16.82 21.71 -20.05
C HIS G 257 16.60 23.15 -19.71
N HIS G 258 17.68 23.92 -19.73
CA HIS G 258 17.59 25.35 -19.41
C HIS G 258 17.97 26.35 -20.53
N TYR G 259 18.06 25.91 -21.79
CA TYR G 259 18.38 26.84 -22.87
C TYR G 259 17.27 27.88 -23.01
N ALA G 260 17.65 29.13 -23.17
CA ALA G 260 16.66 30.14 -23.57
C ALA G 260 16.00 29.67 -24.87
N PRO G 261 14.83 30.22 -25.21
CA PRO G 261 14.20 29.81 -26.49
C PRO G 261 15.10 30.10 -27.69
N GLY G 262 14.81 29.48 -28.82
CA GLY G 262 15.54 29.73 -30.05
C GLY G 262 16.91 29.05 -30.15
N VAL G 263 17.18 28.06 -29.31
CA VAL G 263 18.46 27.35 -29.44
C VAL G 263 18.28 25.93 -30.01
N ILE G 264 17.35 25.19 -29.42
CA ILE G 264 17.03 23.85 -29.87
C ILE G 264 15.53 23.74 -30.04
N GLU G 265 15.15 22.83 -30.92
CA GLU G 265 13.77 22.59 -31.23
C GLU G 265 13.62 21.11 -31.34
N VAL G 266 12.38 20.63 -31.22
CA VAL G 266 12.08 19.22 -31.56
C VAL G 266 11.01 19.13 -32.62
N ARG G 267 10.98 18.00 -33.33
CA ARG G 267 9.91 17.75 -34.29
C ARG G 267 9.43 16.35 -34.07
N PRO G 268 8.10 16.15 -34.16
CA PRO G 268 7.59 14.81 -33.97
C PRO G 268 8.05 13.93 -35.13
N PHE G 269 8.05 12.60 -34.97
CA PHE G 269 8.20 11.63 -36.06
C PHE G 269 6.94 11.58 -36.96
N SER G 270 7.12 11.13 -38.21
CA SER G 270 5.95 10.84 -39.05
C SER G 270 5.39 9.54 -38.54
N ALA G 271 4.07 9.36 -38.64
CA ALA G 271 3.48 8.14 -38.15
C ALA G 271 3.98 6.95 -38.93
N PRO G 272 4.13 5.79 -38.26
CA PRO G 272 3.92 5.48 -36.83
C PRO G 272 4.96 6.10 -35.88
N VAL G 273 4.50 6.84 -34.88
CA VAL G 273 5.36 7.47 -33.90
C VAL G 273 6.06 6.41 -33.05
N PRO G 274 7.41 6.37 -33.03
CA PRO G 274 7.97 5.35 -32.12
C PRO G 274 7.80 5.73 -30.64
N PHE G 275 7.83 4.73 -29.77
CA PHE G 275 7.66 4.98 -28.34
C PHE G 275 8.29 3.88 -27.52
N ARG G 276 8.42 4.14 -26.22
CA ARG G 276 8.81 3.11 -25.26
C ARG G 276 7.82 3.14 -24.09
N THR G 277 7.72 2.01 -23.39
CA THR G 277 6.91 1.95 -22.17
C THR G 277 7.84 1.83 -20.96
N VAL G 278 7.76 2.80 -20.07
CA VAL G 278 8.55 2.83 -18.87
C VAL G 278 7.73 2.07 -17.86
N ALA G 279 8.42 1.15 -17.19
CA ALA G 279 7.84 0.23 -16.22
C ALA G 279 8.69 0.14 -14.96
N ILE G 280 8.05 -0.14 -13.83
CA ILE G 280 8.75 -0.52 -12.61
C ILE G 280 8.73 -2.03 -12.42
N ALA G 281 9.87 -2.59 -12.02
CA ALA G 281 10.05 -4.03 -11.77
C ALA G 281 10.47 -4.27 -10.32
N TRP G 282 9.80 -5.20 -9.65
CA TRP G 282 10.19 -5.60 -8.28
C TRP G 282 10.00 -7.11 -8.06
N ARG G 283 10.71 -7.68 -7.08
CA ARG G 283 10.61 -9.12 -6.82
C ARG G 283 9.23 -9.44 -6.27
N ALA G 284 8.66 -10.56 -6.73
CA ALA G 284 7.29 -10.89 -6.34
C ALA G 284 7.17 -11.16 -4.82
N SER G 285 8.28 -11.54 -4.19
CA SER G 285 8.34 -11.76 -2.73
C SER G 285 8.46 -10.52 -1.84
N PHE G 286 8.80 -9.37 -2.42
CA PHE G 286 9.07 -8.13 -1.69
C PHE G 286 7.95 -7.71 -0.70
N PRO G 287 8.30 -7.48 0.58
CA PRO G 287 7.21 -7.30 1.53
C PRO G 287 6.63 -5.88 1.61
N ARG G 288 6.99 -5.00 0.68
CA ARG G 288 6.38 -3.67 0.76
C ARG G 288 5.58 -3.28 -0.48
N PRO G 289 4.60 -4.11 -0.87
CA PRO G 289 3.77 -3.81 -2.05
C PRO G 289 3.19 -2.41 -2.02
N ARG G 290 2.83 -1.92 -0.83
CA ARG G 290 2.26 -0.57 -0.69
C ARG G 290 3.34 0.52 -0.97
N ALA G 291 4.62 0.25 -0.71
CA ALA G 291 5.68 1.22 -1.06
C ALA G 291 5.78 1.36 -2.58
N ILE G 292 5.74 0.20 -3.23
CA ILE G 292 5.74 0.11 -4.67
C ILE G 292 4.60 0.90 -5.26
N GLU G 293 3.36 0.63 -4.80
CA GLU G 293 2.25 1.30 -5.46
C GLU G 293 2.18 2.79 -5.12
N VAL G 294 2.65 3.20 -3.94
CA VAL G 294 2.80 4.65 -3.69
C VAL G 294 3.88 5.30 -4.64
N LEU G 295 4.95 4.56 -4.93
CA LEU G 295 5.97 4.97 -5.91
C LEU G 295 5.30 5.16 -7.26
N ALA G 296 4.72 4.09 -7.79
CA ALA G 296 3.92 4.14 -9.00
C ALA G 296 2.87 5.25 -9.06
N ASP G 297 2.19 5.54 -7.97
CA ASP G 297 1.12 6.54 -7.96
C ASP G 297 1.68 7.97 -7.89
N SER G 298 2.95 8.08 -7.52
CA SER G 298 3.61 9.37 -7.47
C SER G 298 4.29 9.65 -8.83
N ILE G 299 4.80 8.57 -9.46
CA ILE G 299 5.36 8.59 -10.82
C ILE G 299 4.32 8.98 -11.84
N ARG G 300 3.16 8.34 -11.76
CA ARG G 300 2.05 8.61 -12.68
C ARG G 300 1.48 10.03 -12.47
N LEU G 301 1.83 10.63 -11.33
CA LEU G 301 1.43 11.99 -10.99
C LEU G 301 2.68 12.91 -10.93
N HIS H 6 63.48 7.47 -42.52
CA HIS H 6 62.67 7.86 -43.68
C HIS H 6 61.17 7.83 -43.35
N MET H 7 60.78 8.46 -42.25
CA MET H 7 59.37 8.44 -41.85
C MET H 7 58.70 9.68 -42.42
N THR H 8 57.43 9.54 -42.77
CA THR H 8 56.73 10.62 -43.46
C THR H 8 55.61 11.18 -42.61
N LEU H 9 55.23 12.42 -42.88
CA LEU H 9 54.08 13.02 -42.25
C LEU H 9 52.81 12.21 -42.52
N THR H 10 52.71 11.69 -43.72
CA THR H 10 51.56 10.88 -44.06
C THR H 10 51.39 9.68 -43.10
N GLU H 11 52.50 9.03 -42.75
CA GLU H 11 52.47 7.88 -41.85
C GLU H 11 51.99 8.30 -40.47
N LEU H 12 52.50 9.44 -40.02
CA LEU H 12 52.15 9.98 -38.71
C LEU H 12 50.65 10.26 -38.67
N ARG H 13 50.11 10.77 -39.77
CA ARG H 13 48.69 11.07 -39.85
C ARG H 13 47.90 9.76 -39.80
N TYR H 14 48.43 8.70 -40.42
CA TYR H 14 47.79 7.40 -40.25
C TYR H 14 47.74 6.96 -38.77
N ILE H 15 48.86 7.01 -38.06
CA ILE H 15 48.78 6.43 -36.72
C ILE H 15 47.97 7.31 -35.79
N VAL H 16 48.06 8.64 -35.97
CA VAL H 16 47.33 9.56 -35.12
C VAL H 16 45.82 9.44 -35.40
N THR H 17 45.45 9.36 -36.67
CA THR H 17 44.06 9.21 -37.04
C THR H 17 43.49 7.88 -36.54
N LEU H 18 44.24 6.81 -36.74
CA LEU H 18 43.86 5.48 -36.26
C LEU H 18 43.63 5.50 -34.75
N ALA H 19 44.51 6.17 -34.01
CA ALA H 19 44.36 6.22 -32.56
C ALA H 19 43.17 7.06 -32.14
N GLN H 20 42.87 8.11 -32.91
CA GLN H 20 41.74 8.93 -32.58
C GLN H 20 40.40 8.22 -32.85
N GLU H 21 40.29 7.53 -33.98
CA GLU H 21 39.04 6.86 -34.35
C GLU H 21 38.84 5.48 -33.73
N GLN H 22 39.96 4.81 -33.45
CA GLN H 22 39.96 3.41 -33.01
C GLN H 22 39.16 2.52 -33.93
N HIS H 23 39.31 2.71 -35.23
CA HIS H 23 38.45 2.09 -36.22
C HIS H 23 39.08 2.28 -37.59
N PHE H 24 39.27 1.20 -38.34
CA PHE H 24 40.05 1.36 -39.58
C PHE H 24 39.28 2.12 -40.67
N GLY H 25 37.97 1.93 -40.74
CA GLY H 25 37.16 2.66 -41.71
C GLY H 25 37.22 4.17 -41.59
N ARG H 26 36.96 4.69 -40.39
CA ARG H 26 36.86 6.15 -40.23
C ARG H 26 38.24 6.79 -40.27
N ALA H 27 39.24 6.04 -39.79
CA ALA H 27 40.63 6.45 -39.92
C ALA H 27 40.98 6.60 -41.37
N ALA H 28 40.78 5.50 -42.11
CA ALA H 28 41.04 5.44 -43.53
C ALA H 28 40.39 6.62 -44.25
N GLU H 29 39.13 6.88 -43.93
CA GLU H 29 38.41 7.94 -44.61
C GLU H 29 39.02 9.29 -44.29
N ARG H 30 39.24 9.59 -43.00
CA ARG H 30 39.81 10.88 -42.60
C ARG H 30 41.13 11.19 -43.33
N CYS H 31 41.86 10.16 -43.75
CA CYS H 31 43.13 10.37 -44.44
C CYS H 31 42.99 10.21 -45.96
N HIS H 32 41.75 10.05 -46.43
CA HIS H 32 41.46 9.94 -47.86
C HIS H 32 42.24 8.80 -48.52
N VAL H 33 42.22 7.62 -47.91
CA VAL H 33 42.88 6.45 -48.48
C VAL H 33 42.06 5.20 -48.14
N SER H 34 42.40 4.09 -48.78
CA SER H 34 41.71 2.83 -48.53
C SER H 34 42.13 2.29 -47.18
N GLN H 35 41.38 1.35 -46.63
CA GLN H 35 41.82 0.68 -45.41
C GLN H 35 43.13 -0.09 -45.60
N PRO H 36 43.31 -0.77 -46.75
CA PRO H 36 44.60 -1.45 -46.88
C PRO H 36 45.77 -0.49 -46.95
N THR H 37 45.59 0.65 -47.62
CA THR H 37 46.66 1.65 -47.71
C THR H 37 47.08 2.12 -46.33
N LEU H 38 46.08 2.47 -45.53
CA LEU H 38 46.32 2.93 -44.17
C LEU H 38 47.06 1.83 -43.40
N SER H 39 46.61 0.60 -43.60
CA SER H 39 47.18 -0.55 -42.88
C SER H 39 48.64 -0.79 -43.23
N VAL H 40 48.92 -0.84 -44.53
CA VAL H 40 50.29 -0.94 -45.04
C VAL H 40 51.19 0.17 -44.51
N GLY H 41 50.71 1.43 -44.52
CA GLY H 41 51.53 2.54 -44.03
C GLY H 41 51.85 2.45 -42.55
N VAL H 42 50.87 1.95 -41.78
CA VAL H 42 51.12 1.81 -40.33
C VAL H 42 52.13 0.72 -40.12
N LYS H 43 51.88 -0.43 -40.74
CA LYS H 43 52.80 -1.57 -40.69
C LYS H 43 54.23 -1.18 -41.11
N LYS H 44 54.36 -0.38 -42.16
CA LYS H 44 55.63 0.19 -42.59
C LYS H 44 56.33 1.03 -41.50
N LEU H 45 55.57 1.92 -40.86
CA LEU H 45 56.18 2.73 -39.80
C LEU H 45 56.61 1.85 -38.61
N GLU H 46 55.83 0.81 -38.32
CA GLU H 46 56.12 -0.03 -37.16
C GLU H 46 57.33 -0.92 -37.46
N ASP H 47 57.38 -1.45 -38.67
CA ASP H 47 58.53 -2.23 -39.10
C ASP H 47 59.75 -1.34 -38.95
N GLU H 48 59.62 -0.10 -39.39
CA GLU H 48 60.74 0.83 -39.35
C GLU H 48 61.22 1.21 -37.94
N LEU H 49 60.30 1.60 -37.05
CA LEU H 49 60.71 2.05 -35.72
C LEU H 49 61.14 0.87 -34.82
N GLY H 50 60.68 -0.34 -35.17
CA GLY H 50 60.97 -1.54 -34.40
C GLY H 50 60.08 -1.80 -33.18
N VAL H 51 58.93 -1.13 -33.10
CA VAL H 51 58.00 -1.35 -32.00
C VAL H 51 56.58 -1.30 -32.53
N LEU H 52 55.69 -1.92 -31.78
CA LEU H 52 54.29 -1.90 -32.17
C LEU H 52 53.67 -0.66 -31.56
N ILE H 53 52.92 0.08 -32.36
CA ILE H 53 52.20 1.24 -31.89
C ILE H 53 50.78 0.77 -31.57
N PHE H 54 50.25 -0.10 -32.40
CA PHE H 54 48.99 -0.78 -32.14
C PHE H 54 49.20 -2.28 -32.00
N GLU H 55 48.40 -2.95 -31.17
CA GLU H 55 48.43 -4.40 -31.11
C GLU H 55 48.12 -5.03 -32.45
N ARG H 56 48.88 -6.07 -32.78
CA ARG H 56 48.59 -6.89 -33.95
C ARG H 56 47.38 -7.78 -33.75
N SER H 57 46.20 -7.17 -33.68
CA SER H 57 44.94 -7.92 -33.57
C SER H 57 44.12 -7.64 -34.81
N LYS H 58 43.36 -8.65 -35.27
CA LYS H 58 42.73 -8.66 -36.59
C LYS H 58 42.24 -7.23 -36.95
N SER H 59 41.21 -6.73 -36.27
CA SER H 59 40.56 -5.48 -36.68
C SER H 59 40.43 -4.51 -35.52
N ALA H 60 40.32 -5.08 -34.32
CA ALA H 60 40.32 -4.38 -33.04
C ALA H 60 41.57 -3.48 -32.89
N VAL H 61 41.32 -2.20 -32.64
CA VAL H 61 42.38 -1.23 -32.59
C VAL H 61 42.74 -0.94 -31.15
N ARG H 62 43.95 -1.31 -30.73
CA ARG H 62 44.40 -1.01 -29.36
C ARG H 62 45.76 -0.36 -29.38
N LEU H 63 45.84 0.90 -28.94
CA LEU H 63 47.15 1.54 -28.70
C LEU H 63 47.99 0.73 -27.74
N THR H 64 49.27 0.53 -28.04
CA THR H 64 50.15 -0.05 -27.07
C THR H 64 50.62 1.07 -26.13
N PRO H 65 51.12 0.72 -24.92
CA PRO H 65 51.56 1.77 -23.99
C PRO H 65 52.68 2.62 -24.60
N VAL H 66 53.52 1.98 -25.41
CA VAL H 66 54.63 2.70 -26.05
C VAL H 66 54.04 3.51 -27.21
N GLY H 67 53.06 2.92 -27.86
CA GLY H 67 52.37 3.60 -28.94
C GLY H 67 51.65 4.87 -28.48
N GLU H 68 51.20 4.89 -27.23
CA GLU H 68 50.51 6.08 -26.72
C GLU H 68 51.44 7.29 -26.78
N GLY H 69 52.63 7.19 -26.20
CA GLY H 69 53.61 8.27 -26.24
C GLY H 69 54.08 8.60 -27.66
N ILE H 70 54.19 7.56 -28.47
CA ILE H 70 54.56 7.79 -29.87
C ILE H 70 53.52 8.62 -30.56
N VAL H 71 52.25 8.24 -30.38
CA VAL H 71 51.15 8.97 -31.00
C VAL H 71 51.07 10.41 -30.50
N ALA H 72 51.27 10.60 -29.20
CA ALA H 72 51.22 11.97 -28.67
C ALA H 72 52.28 12.82 -29.36
N GLN H 73 53.50 12.26 -29.48
CA GLN H 73 54.59 13.01 -30.12
C GLN H 73 54.33 13.26 -31.63
N ALA H 74 53.83 12.27 -32.36
CA ALA H 74 53.39 12.48 -33.74
C ALA H 74 52.30 13.58 -33.91
N GLN H 75 51.34 13.67 -32.99
CA GLN H 75 50.31 14.74 -33.04
C GLN H 75 51.02 16.05 -32.92
N LYS H 76 51.95 16.11 -31.96
CA LYS H 76 52.72 17.35 -31.80
C LYS H 76 53.47 17.73 -33.11
N VAL H 77 54.05 16.74 -33.78
CA VAL H 77 54.78 16.96 -35.04
C VAL H 77 53.89 17.48 -36.18
N LEU H 78 52.78 16.80 -36.44
CA LEU H 78 51.81 17.25 -37.44
C LEU H 78 51.35 18.68 -37.14
N GLU H 79 51.05 18.96 -35.87
CA GLU H 79 50.55 20.30 -35.53
C GLU H 79 51.60 21.40 -35.71
N GLN H 80 52.84 21.14 -35.32
CA GLN H 80 53.95 22.08 -35.58
C GLN H 80 54.16 22.37 -37.06
N ALA H 81 54.11 21.32 -37.89
CA ALA H 81 54.15 21.51 -39.35
C ALA H 81 53.00 22.39 -39.91
N GLN H 82 51.78 22.08 -39.51
CA GLN H 82 50.64 22.98 -39.73
C GLN H 82 51.01 24.43 -39.31
N GLY H 83 51.74 24.54 -38.20
CA GLY H 83 52.33 25.79 -37.79
C GLY H 83 53.14 26.47 -38.89
N ILE H 84 53.96 25.71 -39.63
CA ILE H 84 54.60 26.27 -40.84
C ILE H 84 53.58 26.92 -41.77
N ARG H 85 52.48 26.23 -42.08
CA ARG H 85 51.53 26.92 -42.98
C ARG H 85 50.96 28.23 -42.40
N GLU H 86 50.72 28.30 -41.09
CA GLU H 86 50.27 29.57 -40.52
C GLU H 86 51.36 30.64 -40.62
N LEU H 87 52.50 30.38 -40.01
CA LEU H 87 53.63 31.32 -39.95
C LEU H 87 54.04 31.81 -41.34
N ALA H 88 53.83 30.95 -42.35
CA ALA H 88 54.08 31.32 -43.75
C ALA H 88 53.34 32.60 -44.00
N GLN H 89 52.03 32.47 -44.21
CA GLN H 89 51.04 33.51 -43.92
C GLN H 89 49.63 32.91 -43.82
N ALA H 90 48.84 33.60 -43.01
CA ALA H 90 47.50 33.25 -42.54
C ALA H 90 46.94 34.63 -42.17
N GLY H 91 45.67 34.83 -41.75
CA GLY H 91 44.77 33.86 -41.16
C GLY H 91 43.88 32.96 -41.99
N LYS H 92 44.34 31.71 -42.07
CA LYS H 92 43.48 30.53 -42.23
C LYS H 92 42.19 30.72 -41.43
N ASN H 93 41.05 30.19 -41.89
CA ASN H 93 39.92 30.24 -40.99
C ASN H 93 40.05 29.14 -39.96
N GLN H 94 40.31 29.57 -38.73
CA GLN H 94 40.37 28.69 -37.57
C GLN H 94 38.98 28.42 -37.02
N LEU H 95 37.98 29.05 -37.61
CA LEU H 95 36.65 28.94 -37.03
C LEU H 95 35.69 28.31 -38.01
N ALA H 96 36.09 27.20 -38.59
CA ALA H 96 35.28 26.59 -39.63
C ALA H 96 35.38 25.07 -39.56
N ALA H 97 35.51 24.54 -38.35
CA ALA H 97 35.56 23.08 -38.14
C ALA H 97 35.14 22.81 -36.73
N PRO H 98 34.63 21.60 -36.43
CA PRO H 98 34.25 21.43 -35.02
C PRO H 98 35.44 21.51 -34.07
N LEU H 99 35.16 21.80 -32.80
CA LEU H 99 36.18 21.67 -31.77
C LEU H 99 35.82 20.46 -30.92
N LYS H 100 36.81 19.65 -30.54
CA LYS H 100 36.56 18.54 -29.66
C LYS H 100 36.90 18.98 -28.23
N VAL H 101 35.87 19.05 -27.38
CA VAL H 101 36.02 19.61 -26.04
C VAL H 101 35.64 18.56 -25.03
N GLY H 102 36.50 18.34 -24.03
CA GLY H 102 36.14 17.48 -22.91
C GLY H 102 35.94 18.31 -21.65
N ALA H 103 35.13 17.85 -20.71
CA ALA H 103 34.98 18.52 -19.41
C ALA H 103 34.81 17.46 -18.32
N ILE H 104 35.20 17.78 -17.08
CA ILE H 104 35.02 16.77 -16.04
C ILE H 104 33.54 16.69 -15.68
N TYR H 105 33.16 15.58 -15.04
CA TYR H 105 31.74 15.30 -14.76
C TYR H 105 31.05 16.40 -13.99
N THR H 106 31.78 17.03 -13.08
CA THR H 106 31.15 17.94 -12.16
C THR H 106 31.18 19.35 -12.73
N ILE H 107 31.63 19.49 -13.98
CA ILE H 107 31.61 20.81 -14.63
C ILE H 107 30.69 20.83 -15.87
N GLY H 108 30.83 19.84 -16.75
CA GLY H 108 30.16 19.80 -18.05
C GLY H 108 28.70 20.23 -18.13
N PRO H 109 27.81 19.46 -17.48
CA PRO H 109 26.37 19.76 -17.46
C PRO H 109 26.02 21.15 -16.97
N TYR H 110 26.91 21.77 -16.21
CA TYR H 110 26.60 23.05 -15.60
C TYR H 110 27.22 24.20 -16.35
N LEU H 111 27.99 23.88 -17.38
CA LEU H 111 28.75 24.89 -18.12
C LEU H 111 28.28 24.98 -19.56
N PHE H 112 28.23 23.82 -20.23
CA PHE H 112 27.92 23.86 -21.64
C PHE H 112 26.65 24.61 -22.02
N PRO H 113 25.56 24.46 -21.26
CA PRO H 113 24.38 25.17 -21.76
C PRO H 113 24.55 26.70 -21.76
N HIS H 114 25.33 27.24 -20.84
CA HIS H 114 25.48 28.69 -20.75
C HIS H 114 26.53 29.20 -21.71
N LEU H 115 27.46 28.33 -22.12
CA LEU H 115 28.51 28.79 -23.04
C LEU H 115 28.08 28.67 -24.47
N ILE H 116 27.30 27.65 -24.80
CA ILE H 116 27.02 27.35 -26.21
C ILE H 116 26.33 28.49 -27.00
N PRO H 117 25.34 29.19 -26.39
CA PRO H 117 24.77 30.30 -27.19
C PRO H 117 25.76 31.43 -27.51
N GLN H 118 26.60 31.82 -26.56
CA GLN H 118 27.64 32.80 -26.82
C GLN H 118 28.56 32.33 -27.95
N LEU H 119 29.02 31.08 -27.86
CA LEU H 119 29.92 30.48 -28.87
C LEU H 119 29.26 30.45 -30.24
N HIS H 120 27.95 30.22 -30.29
CA HIS H 120 27.29 30.18 -31.58
C HIS H 120 27.18 31.59 -32.17
N ARG H 121 26.95 32.56 -31.29
CA ARG H 121 26.96 33.97 -31.64
C ARG H 121 28.31 34.39 -32.30
N VAL H 122 29.42 34.06 -31.65
CA VAL H 122 30.72 34.53 -32.08
C VAL H 122 31.37 33.63 -33.14
N ALA H 123 31.04 32.34 -33.11
CA ALA H 123 31.65 31.35 -34.01
C ALA H 123 30.63 30.28 -34.48
N PRO H 124 29.68 30.67 -35.33
CA PRO H 124 28.63 29.78 -35.81
C PRO H 124 29.16 28.51 -36.49
N GLN H 125 30.35 28.54 -37.09
CA GLN H 125 30.86 27.39 -37.87
C GLN H 125 31.73 26.44 -37.03
N MET H 126 31.60 26.62 -35.74
CA MET H 126 32.39 25.98 -34.75
C MET H 126 31.47 25.13 -33.81
N PRO H 127 30.96 23.99 -34.31
CA PRO H 127 30.18 23.15 -33.38
C PRO H 127 31.11 22.39 -32.42
N LEU H 128 30.55 21.77 -31.39
CA LEU H 128 31.39 21.11 -30.43
C LEU H 128 31.07 19.66 -30.40
N TYR H 129 32.11 18.86 -30.47
CA TYR H 129 32.01 17.48 -30.12
C TYR H 129 32.36 17.38 -28.66
N ILE H 130 31.48 16.84 -27.83
CA ILE H 130 31.71 16.90 -26.38
C ILE H 130 31.88 15.57 -25.67
N GLU H 131 32.86 15.51 -24.77
CA GLU H 131 33.03 14.33 -23.95
C GLU H 131 33.17 14.73 -22.50
N GLU H 132 32.50 14.00 -21.62
CA GLU H 132 32.72 14.23 -20.21
C GLU H 132 33.45 13.05 -19.65
N ASN H 133 34.37 13.29 -18.73
CA ASN H 133 35.02 12.12 -18.10
C ASN H 133 35.87 12.55 -16.93
N PHE H 134 36.57 11.59 -16.33
CA PHE H 134 37.52 11.91 -15.26
C PHE H 134 38.72 12.68 -15.80
N THR H 135 39.31 13.50 -14.94
CA THR H 135 40.38 14.39 -15.37
C THR H 135 41.48 13.68 -16.14
N HIS H 136 41.91 12.53 -15.62
CA HIS H 136 43.07 11.84 -16.18
C HIS H 136 42.75 11.22 -17.55
N ILE H 137 41.50 10.82 -17.76
CA ILE H 137 41.06 10.36 -19.08
C ILE H 137 41.07 11.56 -20.06
N LEU H 138 40.60 12.71 -19.59
CA LEU H 138 40.57 13.88 -20.47
C LEU H 138 41.97 14.24 -20.87
N ARG H 139 42.89 14.17 -19.89
CA ARG H 139 44.29 14.48 -20.14
C ARG H 139 44.90 13.52 -21.21
N ASP H 140 44.58 12.23 -21.08
CA ASP H 140 45.13 11.26 -22.04
C ASP H 140 44.61 11.57 -23.42
N LYS H 141 43.32 11.89 -23.52
CA LYS H 141 42.73 12.16 -24.83
C LYS H 141 43.21 13.48 -25.38
N LEU H 142 43.64 14.39 -24.51
CA LEU H 142 44.18 15.65 -25.01
C LEU H 142 45.56 15.36 -25.65
N ARG H 143 46.31 14.42 -25.05
CA ARG H 143 47.65 14.15 -25.59
C ARG H 143 47.62 13.56 -27.01
N THR H 144 46.65 12.70 -27.30
CA THR H 144 46.51 12.10 -28.62
C THR H 144 45.78 12.91 -29.70
N GLY H 145 45.23 14.06 -29.33
CA GLY H 145 44.41 14.78 -30.28
C GLY H 145 43.00 14.24 -30.31
N GLU H 146 42.67 13.35 -29.40
CA GLU H 146 41.33 12.80 -29.38
C GLU H 146 40.37 13.94 -28.98
N LEU H 147 40.89 14.84 -28.14
CA LEU H 147 40.20 16.09 -27.82
C LEU H 147 41.15 17.28 -28.11
N ASP H 148 40.57 18.46 -28.29
CA ASP H 148 41.33 19.65 -28.63
C ASP H 148 41.50 20.55 -27.42
N ALA H 149 40.54 20.50 -26.49
CA ALA H 149 40.55 21.38 -25.31
C ALA H 149 39.82 20.66 -24.20
N ILE H 150 40.26 20.83 -22.96
CA ILE H 150 39.58 20.20 -21.85
C ILE H 150 39.35 21.20 -20.75
N ILE H 151 38.26 21.00 -20.02
CA ILE H 151 37.84 21.90 -18.95
C ILE H 151 37.92 21.17 -17.63
N ILE H 152 38.81 21.69 -16.80
CA ILE H 152 39.25 21.01 -15.59
C ILE H 152 39.33 22.01 -14.46
N ALA H 153 39.64 21.50 -13.28
CA ALA H 153 39.89 22.29 -12.09
C ALA H 153 41.37 22.22 -11.75
N LEU H 154 41.94 23.36 -11.38
CA LEU H 154 43.29 23.43 -10.86
C LEU H 154 43.40 22.60 -9.57
N PRO H 155 44.59 22.04 -9.30
CA PRO H 155 45.82 22.19 -10.10
C PRO H 155 45.88 21.29 -11.32
N PHE H 156 46.45 21.80 -12.40
CA PHE H 156 46.63 21.01 -13.60
C PHE H 156 47.82 21.59 -14.38
N GLN H 157 48.70 20.69 -14.80
CA GLN H 157 49.93 21.05 -15.51
C GLN H 157 50.42 19.81 -16.26
N GLU H 158 50.79 19.98 -17.52
CA GLU H 158 51.23 18.84 -18.33
C GLU H 158 52.24 19.34 -19.33
N ALA H 159 53.21 18.50 -19.67
CA ALA H 159 54.24 18.85 -20.62
C ALA H 159 53.60 19.20 -21.94
N ASP H 160 54.03 20.31 -22.54
CA ASP H 160 53.52 20.73 -23.85
C ASP H 160 52.04 21.10 -23.83
N VAL H 161 51.44 21.16 -22.64
CA VAL H 161 50.05 21.58 -22.48
C VAL H 161 49.99 22.97 -21.83
N LEU H 162 49.28 23.88 -22.46
CA LEU H 162 48.99 25.18 -21.87
C LEU H 162 47.72 25.13 -21.00
N THR H 163 47.71 25.88 -19.91
CA THR H 163 46.58 25.95 -18.97
C THR H 163 46.29 27.42 -18.72
N LYS H 164 45.00 27.77 -18.64
CA LYS H 164 44.57 29.16 -18.46
C LYS H 164 43.37 29.19 -17.53
N PRO H 165 43.54 29.71 -16.30
CA PRO H 165 42.41 29.80 -15.36
C PRO H 165 41.29 30.63 -15.93
N LEU H 166 40.05 30.26 -15.66
CA LEU H 166 38.92 30.93 -16.28
C LEU H 166 38.06 31.61 -15.22
N PHE H 167 37.74 30.91 -14.12
CA PHE H 167 37.03 31.60 -13.03
C PHE H 167 37.09 30.81 -11.75
N ASP H 168 36.85 31.50 -10.64
CA ASP H 168 36.74 30.83 -9.36
C ASP H 168 35.28 30.54 -9.03
N GLU H 169 35.01 29.36 -8.48
CA GLU H 169 33.64 28.87 -8.31
C GLU H 169 33.43 28.34 -6.91
N PRO H 170 32.67 29.09 -6.08
CA PRO H 170 32.43 28.67 -4.69
C PRO H 170 31.49 27.47 -4.53
N PHE H 171 31.63 26.76 -3.42
CA PHE H 171 30.75 25.66 -3.12
C PHE H 171 29.57 26.12 -2.30
N TYR H 172 28.52 25.31 -2.29
CA TYR H 172 27.36 25.56 -1.47
C TYR H 172 26.90 24.28 -0.80
N VAL H 173 26.20 24.41 0.31
CA VAL H 173 25.59 23.26 0.97
C VAL H 173 24.15 23.12 0.45
N LEU H 174 23.78 21.88 0.13
CA LEU H 174 22.48 21.52 -0.41
C LEU H 174 21.72 20.73 0.62
N MET H 175 20.44 21.06 0.85
CA MET H 175 19.65 20.38 1.88
C MET H 175 18.18 20.25 1.48
N PRO H 176 17.46 19.29 2.09
CA PRO H 176 16.00 19.28 1.89
C PRO H 176 15.39 20.61 2.37
N ALA H 177 14.27 21.03 1.80
CA ALA H 177 13.66 22.31 2.19
C ALA H 177 13.26 22.34 3.67
N ASP H 178 12.86 21.18 4.22
CA ASP H 178 12.43 21.11 5.62
C ASP H 178 13.58 20.81 6.60
N HIS H 179 14.82 20.82 6.10
CA HIS H 179 15.97 20.63 6.98
C HIS H 179 16.14 21.79 7.97
N PRO H 180 16.59 21.47 9.20
CA PRO H 180 16.88 22.46 10.24
C PRO H 180 17.89 23.52 9.80
N TRP H 181 18.87 23.13 9.00
CA TRP H 181 19.86 24.11 8.58
C TRP H 181 19.28 25.25 7.75
N THR H 182 18.03 25.10 7.28
CA THR H 182 17.44 26.14 6.42
C THR H 182 17.26 27.38 7.26
N ALA H 183 17.22 27.19 8.58
CA ALA H 183 17.09 28.30 9.50
C ALA H 183 18.34 29.16 9.52
N LYS H 184 19.42 28.66 8.93
CA LYS H 184 20.69 29.37 8.96
C LYS H 184 20.92 30.23 7.72
N ALA H 185 21.95 31.07 7.78
CA ALA H 185 22.25 31.97 6.66
C ALA H 185 23.51 31.47 5.98
N SER H 186 24.29 30.70 6.72
CA SER H 186 25.46 30.04 6.16
C SER H 186 25.74 28.86 7.06
N ILE H 187 26.37 27.83 6.51
CA ILE H 187 26.66 26.65 7.29
C ILE H 187 28.14 26.66 7.65
N ASP H 188 28.43 26.44 8.93
CA ASP H 188 29.80 26.23 9.42
C ASP H 188 30.33 24.90 8.91
N SER H 189 31.44 24.94 8.16
CA SER H 189 32.15 23.74 7.67
C SER H 189 32.08 22.58 8.63
N GLU H 190 32.24 22.87 9.90
CA GLU H 190 32.40 21.81 10.89
C GLU H 190 31.10 21.01 11.10
N LEU H 191 30.00 21.47 10.54
CA LEU H 191 28.73 20.77 10.64
C LEU H 191 28.65 19.61 9.64
N LEU H 192 29.60 19.58 8.70
CA LEU H 192 29.48 18.71 7.55
C LEU H 192 30.09 17.30 7.67
N ASN H 193 30.76 16.95 8.75
CA ASN H 193 31.24 15.58 8.78
C ASN H 193 30.23 14.61 9.39
N ASP H 194 29.00 15.11 9.56
CA ASP H 194 27.82 14.25 9.65
C ASP H 194 27.90 13.21 8.52
N LYS H 195 27.43 11.99 8.76
CA LYS H 195 27.41 11.06 7.64
C LYS H 195 25.99 10.94 7.09
N SER H 196 25.25 12.04 7.21
CA SER H 196 24.11 12.32 6.35
C SER H 196 24.63 13.16 5.15
N LEU H 197 25.96 13.28 5.07
CA LEU H 197 26.63 13.92 3.94
C LEU H 197 26.87 12.93 2.81
N LEU H 198 26.13 13.08 1.71
CA LEU H 198 26.35 12.28 0.52
C LEU H 198 27.50 12.82 -0.30
N LEU H 199 28.41 11.94 -0.71
CA LEU H 199 29.58 12.32 -1.53
C LEU H 199 29.71 11.51 -2.80
N LEU H 200 30.33 12.11 -3.81
CA LEU H 200 30.70 11.39 -5.02
C LEU H 200 31.74 10.34 -4.68
N GLY H 201 31.85 9.30 -5.51
CA GLY H 201 32.90 8.30 -5.35
C GLY H 201 34.32 8.76 -5.68
N GLU H 202 35.30 7.87 -5.52
CA GLU H 202 36.71 8.26 -5.42
C GLU H 202 37.31 8.90 -6.70
N GLY H 203 36.83 8.51 -7.87
CA GLY H 203 37.33 9.06 -9.13
C GLY H 203 37.24 10.57 -9.36
N HIS H 204 36.27 11.23 -8.71
CA HIS H 204 36.02 12.66 -8.97
C HIS H 204 36.89 13.54 -8.08
N ASP H 205 37.48 14.59 -8.65
CA ASP H 205 38.36 15.41 -7.83
C ASP H 205 37.51 16.30 -6.95
N PHE H 206 36.24 16.45 -7.34
CA PHE H 206 35.30 17.20 -6.52
C PHE H 206 35.11 16.59 -5.12
N ARG H 207 35.13 15.26 -5.02
CA ARG H 207 35.07 14.59 -3.73
C ARG H 207 36.21 15.06 -2.82
N ASP H 208 37.42 15.09 -3.37
CA ASP H 208 38.57 15.48 -2.59
C ASP H 208 38.41 16.94 -2.16
N GLN H 209 37.99 17.80 -3.09
CA GLN H 209 37.81 19.21 -2.76
C GLN H 209 36.79 19.41 -1.60
N VAL H 210 35.69 18.65 -1.62
CA VAL H 210 34.68 18.76 -0.56
C VAL H 210 35.24 18.23 0.77
N LEU H 211 35.94 17.10 0.72
CA LEU H 211 36.55 16.52 1.92
C LEU H 211 37.51 17.54 2.54
N GLU H 212 38.25 18.24 1.69
CA GLU H 212 39.21 19.23 2.16
C GLU H 212 38.53 20.48 2.71
N ALA H 213 37.33 20.78 2.23
CA ALA H 213 36.55 21.90 2.76
C ALA H 213 35.94 21.59 4.13
N CYS H 214 36.37 20.48 4.72
CA CYS H 214 35.73 19.90 5.92
C CYS H 214 36.79 19.53 6.98
N PRO H 215 36.41 18.79 8.05
CA PRO H 215 37.33 18.04 8.92
C PRO H 215 38.53 17.38 8.21
N HIS H 225 31.12 9.69 6.19
CA HIS H 225 30.46 10.22 5.02
C HIS H 225 29.90 9.08 4.19
N THR H 226 28.67 9.23 3.71
CA THR H 226 28.04 8.19 2.87
C THR H 226 28.35 8.43 1.37
N THR H 227 29.39 7.75 0.90
CA THR H 227 29.73 7.72 -0.52
C THR H 227 28.81 6.76 -1.23
N VAL H 228 27.87 7.28 -2.00
CA VAL H 228 27.14 6.38 -2.86
C VAL H 228 27.84 6.41 -4.22
N GLU H 229 28.23 5.22 -4.66
CA GLU H 229 29.12 5.01 -5.80
C GLU H 229 28.44 4.16 -6.87
N SER H 230 28.54 4.56 -8.14
CA SER H 230 29.16 5.83 -8.49
C SER H 230 28.07 6.80 -8.88
N SER H 231 27.63 7.60 -7.94
CA SER H 231 26.59 8.57 -8.24
C SER H 231 27.14 9.65 -9.16
N SER H 232 26.28 10.63 -9.46
CA SER H 232 26.64 11.94 -10.02
C SER H 232 26.03 13.00 -9.11
N LEU H 233 26.42 14.24 -9.29
CA LEU H 233 25.82 15.32 -8.53
C LEU H 233 24.30 15.31 -8.67
N GLU H 234 23.78 15.00 -9.85
CA GLU H 234 22.31 14.97 -10.03
C GLU H 234 21.56 13.85 -9.26
N THR H 235 22.11 12.64 -9.21
CA THR H 235 21.44 11.58 -8.45
C THR H 235 21.55 11.88 -6.96
N ILE H 236 22.71 12.40 -6.54
CA ILE H 236 22.82 12.95 -5.19
C ILE H 236 21.73 13.97 -4.89
N ARG H 237 21.59 14.94 -5.77
CA ARG H 237 20.62 15.99 -5.58
C ARG H 237 19.22 15.38 -5.42
N HIS H 238 18.86 14.42 -6.28
CA HIS H 238 17.57 13.72 -6.12
C HIS H 238 17.43 13.07 -4.75
N MET H 239 18.53 12.52 -4.27
CA MET H 239 18.50 11.81 -2.99
C MET H 239 18.25 12.80 -1.85
N VAL H 240 18.92 13.95 -1.92
CA VAL H 240 18.73 14.99 -0.92
C VAL H 240 17.26 15.45 -0.98
N ALA H 241 16.73 15.64 -2.19
CA ALA H 241 15.34 16.09 -2.33
C ALA H 241 14.36 15.06 -1.73
N SER H 242 14.71 13.78 -1.78
CA SER H 242 13.85 12.75 -1.19
C SER H 242 14.00 12.75 0.33
N GLY H 243 15.09 13.38 0.79
CA GLY H 243 15.36 13.59 2.20
C GLY H 243 16.32 12.60 2.83
N LEU H 244 17.18 11.98 2.01
CA LEU H 244 18.16 11.04 2.52
C LEU H 244 19.31 11.72 3.22
N GLY H 245 19.60 12.97 2.91
CA GLY H 245 20.82 13.55 3.48
C GLY H 245 21.10 14.98 3.03
N VAL H 246 22.34 15.44 3.18
CA VAL H 246 22.65 16.75 2.67
C VAL H 246 23.85 16.55 1.79
N SER H 247 24.15 17.53 0.92
CA SER H 247 25.41 17.43 0.19
C SER H 247 26.03 18.77 -0.11
N VAL H 248 27.01 18.77 -1.01
CA VAL H 248 27.71 19.99 -1.38
C VAL H 248 27.84 20.09 -2.91
N LEU H 249 27.52 21.24 -3.49
CA LEU H 249 27.51 21.43 -4.94
C LEU H 249 28.38 22.59 -5.33
N PRO H 250 28.99 22.55 -6.50
CA PRO H 250 29.62 23.81 -6.94
C PRO H 250 28.55 24.85 -7.30
N PHE H 251 28.90 26.12 -7.37
CA PHE H 251 27.90 27.17 -7.58
C PHE H 251 27.14 26.97 -8.89
N SER H 252 27.84 26.58 -9.95
CA SER H 252 27.20 26.49 -11.27
C SER H 252 26.07 25.46 -11.32
N ALA H 253 26.06 24.59 -10.33
CA ALA H 253 25.07 23.55 -10.28
C ALA H 253 23.87 23.93 -9.42
N VAL H 254 23.89 25.09 -8.74
CA VAL H 254 22.85 25.24 -7.69
C VAL H 254 21.46 25.38 -8.32
N ASP H 255 21.34 26.06 -9.46
CA ASP H 255 20.02 26.20 -10.10
C ASP H 255 19.76 25.34 -11.35
N SER H 256 20.63 24.40 -11.67
CA SER H 256 20.36 23.58 -12.84
C SER H 256 19.64 22.32 -12.42
N HIS H 257 18.39 22.47 -12.04
CA HIS H 257 17.54 21.35 -11.63
C HIS H 257 16.12 21.71 -12.05
N HIS H 258 15.24 20.71 -12.04
CA HIS H 258 13.89 20.92 -12.48
C HIS H 258 12.91 20.69 -11.35
N TYR H 259 13.30 21.11 -10.15
CA TYR H 259 12.37 21.03 -9.01
C TYR H 259 11.65 22.37 -8.84
N ALA H 260 10.37 22.30 -8.50
CA ALA H 260 9.64 23.48 -8.06
C ALA H 260 10.21 23.90 -6.70
N PRO H 261 9.97 25.16 -6.27
CA PRO H 261 10.48 25.63 -4.96
C PRO H 261 9.89 24.87 -3.78
N GLY H 262 10.55 24.87 -2.63
CA GLY H 262 10.04 24.13 -1.49
C GLY H 262 10.35 22.64 -1.51
N VAL H 263 11.29 22.24 -2.36
CA VAL H 263 11.77 20.85 -2.36
C VAL H 263 13.21 20.77 -1.84
N ILE H 264 14.11 21.52 -2.47
CA ILE H 264 15.48 21.66 -1.99
C ILE H 264 15.88 23.12 -1.80
N GLU H 265 16.88 23.31 -0.96
CA GLU H 265 17.41 24.61 -0.63
C GLU H 265 18.91 24.55 -0.66
N VAL H 266 19.51 25.73 -0.71
CA VAL H 266 20.94 25.86 -0.77
C VAL H 266 21.38 26.99 0.17
N ARG H 267 22.46 26.79 0.91
CA ARG H 267 23.02 27.84 1.74
C ARG H 267 24.50 27.96 1.45
N PRO H 268 25.06 29.18 1.59
CA PRO H 268 26.49 29.27 1.31
C PRO H 268 27.26 28.81 2.54
N PHE H 269 28.58 28.78 2.44
CA PHE H 269 29.41 28.47 3.58
C PHE H 269 29.64 29.75 4.40
N SER H 270 29.80 29.58 5.71
CA SER H 270 30.40 30.60 6.57
C SER H 270 31.83 30.84 6.09
N ALA H 271 32.30 32.08 6.08
CA ALA H 271 33.69 32.37 5.71
C ALA H 271 34.66 31.55 6.57
N PRO H 272 35.74 31.00 5.95
CA PRO H 272 36.13 31.18 4.55
C PRO H 272 35.37 30.22 3.62
N VAL H 273 34.89 30.74 2.50
CA VAL H 273 34.10 29.96 1.55
C VAL H 273 34.97 29.10 0.63
N PRO H 274 34.79 27.77 0.68
CA PRO H 274 35.58 26.90 -0.21
C PRO H 274 35.23 27.09 -1.69
N PHE H 275 36.15 26.73 -2.57
CA PHE H 275 35.97 26.99 -3.99
C PHE H 275 36.97 26.23 -4.84
N ARG H 276 36.67 26.13 -6.14
CA ARG H 276 37.63 25.53 -7.05
C ARG H 276 37.91 26.52 -8.15
N THR H 277 39.02 26.34 -8.86
CA THR H 277 39.31 27.21 -10.00
C THR H 277 39.16 26.41 -11.31
N VAL H 278 38.25 26.87 -12.15
CA VAL H 278 37.99 26.25 -13.43
C VAL H 278 38.93 26.87 -14.43
N ALA H 279 39.60 25.97 -15.17
CA ALA H 279 40.56 26.31 -16.21
C ALA H 279 40.37 25.46 -17.46
N ILE H 280 40.85 25.98 -18.58
CA ILE H 280 40.86 25.28 -19.84
C ILE H 280 42.32 24.91 -20.20
N ALA H 281 42.55 23.69 -20.71
CA ALA H 281 43.88 23.22 -21.10
C ALA H 281 43.85 22.76 -22.55
N TRP H 282 44.93 23.05 -23.29
CA TRP H 282 45.02 22.66 -24.70
C TRP H 282 46.52 22.45 -25.10
N ARG H 283 46.76 21.84 -26.26
CA ARG H 283 48.14 21.56 -26.66
C ARG H 283 48.85 22.84 -27.12
N ALA H 284 50.10 23.04 -26.69
CA ALA H 284 50.87 24.25 -27.06
C ALA H 284 50.95 24.42 -28.55
N SER H 285 51.01 23.29 -29.26
CA SER H 285 51.11 23.29 -30.71
C SER H 285 49.78 23.44 -31.45
N PHE H 286 48.68 23.55 -30.71
CA PHE H 286 47.39 23.56 -31.38
C PHE H 286 47.35 24.70 -32.39
N PRO H 287 47.09 24.38 -33.67
CA PRO H 287 47.12 25.42 -34.70
C PRO H 287 45.82 26.21 -34.87
N ARG H 288 44.93 26.19 -33.87
CA ARG H 288 43.73 27.03 -33.90
C ARG H 288 43.51 27.74 -32.59
N PRO H 289 44.46 28.60 -32.21
CA PRO H 289 44.42 29.30 -30.92
C PRO H 289 43.23 30.27 -30.81
N ARG H 290 42.69 30.67 -31.96
CA ARG H 290 41.52 31.54 -31.99
C ARG H 290 40.30 30.78 -31.50
N ALA H 291 40.28 29.47 -31.75
CA ALA H 291 39.14 28.63 -31.34
C ALA H 291 39.16 28.46 -29.83
N ILE H 292 40.34 28.19 -29.30
CA ILE H 292 40.54 28.16 -27.88
C ILE H 292 40.08 29.48 -27.27
N GLU H 293 40.42 30.59 -27.92
CA GLU H 293 40.08 31.91 -27.40
C GLU H 293 38.56 32.16 -27.35
N VAL H 294 37.87 31.93 -28.46
CA VAL H 294 36.41 31.97 -28.48
C VAL H 294 35.79 31.10 -27.40
N LEU H 295 36.33 29.88 -27.22
CA LEU H 295 35.82 29.00 -26.19
C LEU H 295 36.06 29.57 -24.77
N ALA H 296 37.26 30.04 -24.49
CA ALA H 296 37.55 30.64 -23.17
C ALA H 296 36.70 31.91 -22.89
N ASP H 297 36.55 32.78 -23.89
CA ASP H 297 35.68 33.96 -23.77
C ASP H 297 34.28 33.53 -23.44
N SER H 298 33.74 32.61 -24.24
CA SER H 298 32.38 32.13 -24.08
C SER H 298 32.16 31.64 -22.65
N ILE H 299 33.13 30.90 -22.10
CA ILE H 299 33.06 30.45 -20.71
C ILE H 299 33.14 31.59 -19.68
N ARG H 300 34.09 32.51 -19.82
CA ARG H 300 34.18 33.59 -18.82
C ARG H 300 32.95 34.52 -18.88
N LEU H 301 32.31 34.61 -20.03
CA LEU H 301 31.19 35.54 -20.18
C LEU H 301 29.84 34.99 -19.78
N CYS H 302 29.79 33.77 -19.24
CA CYS H 302 28.46 33.20 -18.99
C CYS H 302 28.06 33.32 -17.51
N SER H 303 26.75 33.30 -17.30
CA SER H 303 26.14 33.60 -16.00
C SER H 303 26.76 32.88 -14.79
N VAL H 304 27.09 31.59 -14.90
CA VAL H 304 27.62 30.85 -13.74
C VAL H 304 29.07 31.21 -13.40
N ALA H 305 29.72 31.95 -14.28
CA ALA H 305 31.14 32.24 -14.14
C ALA H 305 31.35 33.53 -13.33
N ARG H 306 30.28 34.29 -13.15
CA ARG H 306 30.36 35.54 -12.39
C ARG H 306 29.69 35.43 -11.02
#